data_8X6Q
#
_entry.id   8X6Q
#
_cell.length_a   45.927
_cell.length_b   58.894
_cell.length_c   140.240
_cell.angle_alpha   89.97
_cell.angle_beta   90.00
_cell.angle_gamma   111.98
#
_symmetry.space_group_name_H-M   'P 1'
#
loop_
_entity.id
_entity.type
_entity.pdbx_description
1 polymer 'HPPD Inhibitor Sensitive 1-like 1 protein'
2 non-polymer 2-ethanoyl-3-oxidanyl-cyclohex-2-en-1-one
3 non-polymer 'COBALT (II) ION'
4 non-polymer '2-OXOGLUTARIC ACID'
5 water water
#
_entity_poly.entity_id   1
_entity_poly.type   'polypeptide(L)'
_entity_poly.pdbx_seq_one_letter_code
;DESWRTPAIVQELAAAGVEEPPSRYVLGEKDRSDELVAAELPEPIPVVDLSRLAGADEAAKLRAALQNWGFFLLTNHGVE
TSLMDDVLNLAREFFNQPIERKRKFSNLIDGKNFQVEGYGTDRVVTQDQILDWSDRLFLRVEPKEERNLAFWPDHPESFR
DVLNEYASRTKRIRDDIVQAMSKLLGLDEDYFFDRLNKAPAFARFNYYPPCPRPDLVFGVRPHSDGSLFTILLVDEDVGG
LQIQRDGKWYNVQVTPNTLLINLGDTMEVLCNGIFRSPVHRVVTNAERERISLAMLYSVNDEKDIGPAAGLLDENRPARY
RKVSVGEFRAGIFGKFSRRERYIDSLKI
;
_entity_poly.pdbx_strand_id   A,B,C,D
#
loop_
_chem_comp.id
_chem_comp.type
_chem_comp.name
_chem_comp.formula
AKG non-polymer '2-OXOGLUTARIC ACID' 'C5 H6 O5'
CO non-polymer 'COBALT (II) ION' 'Co 2'
Y8R non-polymer 2-ethanoyl-3-oxidanyl-cyclohex-2-en-1-one 'C8 H10 O3'
#
# COMPACT_ATOMS: atom_id res chain seq x y z
N GLU A 2 -23.12 -64.18 26.06
CA GLU A 2 -22.60 -64.34 27.41
C GLU A 2 -22.97 -63.16 28.32
N SER A 3 -23.32 -62.03 27.70
CA SER A 3 -23.72 -60.85 28.47
C SER A 3 -24.67 -60.00 27.62
N TRP A 4 -25.27 -59.01 28.27
CA TRP A 4 -26.31 -58.19 27.65
C TRP A 4 -25.76 -57.05 26.80
N ARG A 5 -24.48 -56.72 26.92
CA ARG A 5 -23.91 -55.66 26.10
C ARG A 5 -23.60 -56.11 24.68
N THR A 6 -23.64 -57.42 24.40
CA THR A 6 -23.33 -57.98 23.09
C THR A 6 -24.54 -58.79 22.61
N PRO A 7 -25.56 -58.12 22.07
CA PRO A 7 -26.75 -58.84 21.61
C PRO A 7 -26.51 -59.58 20.32
N ALA A 8 -27.31 -60.62 20.11
CA ALA A 8 -27.11 -61.54 19.00
C ALA A 8 -27.52 -60.91 17.67
N ILE A 9 -27.03 -61.51 16.59
CA ILE A 9 -27.48 -61.17 15.25
C ILE A 9 -28.78 -61.93 14.99
N VAL A 10 -29.88 -61.19 14.85
CA VAL A 10 -31.20 -61.80 14.81
C VAL A 10 -31.36 -62.67 13.56
N GLN A 11 -30.77 -62.26 12.44
CA GLN A 11 -30.88 -63.05 11.21
C GLN A 11 -30.37 -64.47 11.42
N GLU A 12 -29.25 -64.62 12.13
CA GLU A 12 -28.70 -65.94 12.38
C GLU A 12 -29.50 -66.71 13.42
N LEU A 13 -30.16 -66.00 14.35
CA LEU A 13 -31.09 -66.66 15.26
C LEU A 13 -32.27 -67.25 14.50
N ALA A 14 -32.88 -66.46 13.62
CA ALA A 14 -34.00 -66.95 12.82
C ALA A 14 -33.56 -68.08 11.89
N ALA A 15 -32.40 -67.93 11.26
CA ALA A 15 -31.91 -68.96 10.34
C ALA A 15 -31.58 -70.25 11.07
N ALA A 16 -31.29 -70.19 12.37
CA ALA A 16 -31.06 -71.41 13.15
C ALA A 16 -32.35 -72.17 13.40
N GLY A 17 -33.50 -71.52 13.26
CA GLY A 17 -34.75 -72.14 13.58
C GLY A 17 -35.08 -72.12 15.06
N VAL A 18 -34.73 -71.02 15.74
CA VAL A 18 -34.97 -70.91 17.17
C VAL A 18 -36.44 -71.14 17.46
N GLU A 19 -36.72 -72.01 18.44
CA GLU A 19 -38.08 -72.48 18.66
C GLU A 19 -39.02 -71.34 19.03
N GLU A 20 -38.57 -70.44 19.90
CA GLU A 20 -39.34 -69.28 20.33
C GLU A 20 -38.36 -68.14 20.56
N PRO A 21 -38.81 -66.89 20.44
CA PRO A 21 -37.91 -65.75 20.67
C PRO A 21 -37.36 -65.78 22.08
N PRO A 22 -36.05 -65.60 22.23
CA PRO A 22 -35.48 -65.50 23.58
C PRO A 22 -36.08 -64.31 24.34
N SER A 23 -36.11 -64.45 25.66
CA SER A 23 -36.78 -63.48 26.52
C SER A 23 -36.31 -62.06 26.29
N ARG A 24 -35.11 -61.86 25.73
CA ARG A 24 -34.60 -60.51 25.51
C ARG A 24 -35.38 -59.73 24.47
N TYR A 25 -36.19 -60.41 23.64
CA TYR A 25 -36.97 -59.75 22.60
C TYR A 25 -38.47 -59.75 22.88
N VAL A 26 -38.91 -60.35 23.99
CA VAL A 26 -40.33 -60.55 24.26
C VAL A 26 -40.88 -59.33 24.99
N LEU A 27 -41.98 -58.80 24.48
CA LEU A 27 -42.56 -57.56 24.99
C LEU A 27 -43.44 -57.81 26.21
N GLY A 28 -43.69 -56.74 26.96
CA GLY A 28 -44.60 -56.82 28.08
C GLY A 28 -46.05 -56.87 27.65
N GLU A 29 -46.92 -57.17 28.62
CA GLU A 29 -48.33 -57.36 28.31
C GLU A 29 -48.97 -56.10 27.75
N LYS A 30 -48.59 -54.93 28.27
CA LYS A 30 -49.19 -53.68 27.81
C LYS A 30 -48.83 -53.38 26.37
N ASP A 31 -47.60 -53.67 25.96
CA ASP A 31 -47.16 -53.39 24.61
C ASP A 31 -47.69 -54.38 23.59
N ARG A 32 -48.05 -55.59 24.01
CA ARG A 32 -48.44 -56.64 23.07
C ARG A 32 -49.89 -56.55 22.62
N SER A 33 -50.71 -55.71 23.26
CA SER A 33 -52.10 -55.56 22.85
C SER A 33 -52.30 -54.54 21.74
N ASP A 34 -51.24 -53.83 21.33
CA ASP A 34 -51.34 -52.80 20.31
C ASP A 34 -50.60 -53.15 19.03
N GLU A 35 -49.83 -54.23 19.02
CA GLU A 35 -48.97 -54.56 17.88
C GLU A 35 -49.53 -55.67 16.99
N LEU A 36 -50.21 -56.66 17.58
CA LEU A 36 -50.64 -57.81 16.81
C LEU A 36 -51.69 -57.47 15.76
N VAL A 37 -52.39 -56.34 15.91
CA VAL A 37 -53.42 -55.91 14.98
C VAL A 37 -53.37 -54.41 14.84
N ALA A 38 -53.17 -53.92 13.62
CA ALA A 38 -53.30 -52.51 13.30
C ALA A 38 -54.41 -52.34 12.27
N ALA A 39 -55.01 -51.15 12.26
CA ALA A 39 -56.08 -50.88 11.31
C ALA A 39 -55.49 -50.42 9.97
N GLU A 40 -56.35 -50.32 8.98
CA GLU A 40 -55.96 -49.78 7.69
C GLU A 40 -56.19 -48.27 7.67
N LEU A 41 -55.60 -47.61 6.68
CA LEU A 41 -55.73 -46.17 6.54
C LEU A 41 -57.18 -45.79 6.30
N PRO A 42 -57.82 -45.05 7.20
CA PRO A 42 -59.23 -44.69 6.95
C PRO A 42 -59.40 -43.80 5.73
N GLU A 43 -58.47 -42.94 5.50
CA GLU A 43 -58.32 -42.13 4.32
C GLU A 43 -57.18 -42.66 3.45
N PRO A 44 -57.31 -42.57 2.14
CA PRO A 44 -56.28 -43.13 1.24
C PRO A 44 -54.89 -42.58 1.53
N ILE A 45 -53.89 -43.33 1.10
CA ILE A 45 -52.49 -43.03 1.42
C ILE A 45 -52.07 -41.77 0.68
N PRO A 46 -51.44 -40.80 1.36
CA PRO A 46 -51.00 -39.58 0.67
C PRO A 46 -49.87 -39.88 -0.31
N VAL A 47 -50.04 -39.42 -1.54
CA VAL A 47 -49.07 -39.61 -2.62
C VAL A 47 -48.76 -38.26 -3.22
N VAL A 48 -47.50 -38.03 -3.55
CA VAL A 48 -47.06 -36.79 -4.20
C VAL A 48 -46.24 -37.13 -5.43
N ASP A 49 -46.51 -36.41 -6.52
CA ASP A 49 -45.77 -36.56 -7.77
C ASP A 49 -44.70 -35.48 -7.83
N LEU A 50 -43.43 -35.90 -7.84
CA LEU A 50 -42.33 -34.93 -7.84
C LEU A 50 -42.25 -34.16 -9.15
N SER A 51 -42.69 -34.76 -10.26
CA SER A 51 -42.56 -34.12 -11.57
C SER A 51 -43.43 -32.88 -11.68
N ARG A 52 -44.54 -32.82 -10.93
CA ARG A 52 -45.45 -31.68 -10.96
C ARG A 52 -45.61 -31.07 -9.58
N LEU A 53 -44.58 -31.22 -8.72
CA LEU A 53 -44.64 -30.65 -7.38
C LEU A 53 -44.70 -29.13 -7.40
N ALA A 54 -44.29 -28.50 -8.51
CA ALA A 54 -44.48 -27.06 -8.66
C ALA A 54 -45.93 -26.68 -8.90
N GLY A 55 -46.79 -27.65 -9.22
CA GLY A 55 -48.18 -27.35 -9.43
C GLY A 55 -48.93 -27.10 -8.13
N ALA A 56 -50.05 -26.37 -8.25
CA ALA A 56 -50.82 -25.99 -7.07
C ALA A 56 -51.59 -27.17 -6.48
N ASP A 57 -51.95 -28.16 -7.31
CA ASP A 57 -52.72 -29.30 -6.82
C ASP A 57 -51.87 -30.17 -5.91
N GLU A 58 -50.62 -30.44 -6.29
CA GLU A 58 -49.77 -31.32 -5.47
C GLU A 58 -49.34 -30.64 -4.18
N ALA A 59 -49.14 -29.32 -4.21
CA ALA A 59 -48.76 -28.60 -2.99
C ALA A 59 -49.84 -28.74 -1.93
N ALA A 60 -51.11 -28.65 -2.33
CA ALA A 60 -52.20 -28.92 -1.40
C ALA A 60 -52.17 -30.37 -0.93
N LYS A 61 -51.84 -31.30 -1.83
CA LYS A 61 -51.70 -32.69 -1.42
C LYS A 61 -50.52 -32.85 -0.46
N LEU A 62 -49.41 -32.18 -0.73
CA LEU A 62 -48.25 -32.25 0.17
C LEU A 62 -48.56 -31.62 1.51
N ARG A 63 -49.28 -30.48 1.51
CA ARG A 63 -49.63 -29.84 2.77
C ARG A 63 -50.53 -30.74 3.60
N ALA A 64 -51.56 -31.32 2.97
CA ALA A 64 -52.46 -32.22 3.70
C ALA A 64 -51.72 -33.42 4.25
N ALA A 65 -50.73 -33.93 3.51
CA ALA A 65 -49.96 -35.08 3.98
C ALA A 65 -49.17 -34.74 5.23
N LEU A 66 -48.41 -33.65 5.19
CA LEU A 66 -47.54 -33.32 6.31
C LEU A 66 -48.31 -32.84 7.54
N GLN A 67 -49.45 -32.19 7.33
CA GLN A 67 -50.22 -31.69 8.47
C GLN A 67 -51.10 -32.77 9.09
N ASN A 68 -51.58 -33.73 8.30
CA ASN A 68 -52.49 -34.75 8.80
C ASN A 68 -51.78 -36.06 9.16
N TRP A 69 -50.64 -36.35 8.55
CA TRP A 69 -50.00 -37.64 8.80
C TRP A 69 -48.51 -37.53 9.09
N GLY A 70 -47.82 -36.60 8.45
CA GLY A 70 -46.38 -36.50 8.61
C GLY A 70 -45.59 -37.38 7.67
N PHE A 71 -46.22 -37.99 6.67
CA PHE A 71 -45.54 -38.86 5.73
C PHE A 71 -46.34 -38.90 4.43
N PHE A 72 -45.68 -39.33 3.37
CA PHE A 72 -46.33 -39.45 2.07
C PHE A 72 -45.47 -40.33 1.17
N LEU A 73 -46.13 -40.94 0.18
CA LEU A 73 -45.46 -41.74 -0.83
C LEU A 73 -45.06 -40.84 -1.99
N LEU A 74 -43.76 -40.80 -2.29
CA LEU A 74 -43.25 -40.02 -3.41
C LEU A 74 -43.25 -40.88 -4.67
N THR A 75 -43.92 -40.41 -5.71
CA THR A 75 -43.96 -41.09 -7.00
C THR A 75 -43.40 -40.18 -8.07
N ASN A 76 -42.88 -40.79 -9.13
CA ASN A 76 -42.25 -40.08 -10.25
C ASN A 76 -41.12 -39.18 -9.74
N HIS A 77 -40.13 -39.82 -9.13
CA HIS A 77 -39.07 -39.12 -8.40
C HIS A 77 -37.75 -39.04 -9.15
N GLY A 78 -37.66 -39.61 -10.35
CA GLY A 78 -36.48 -39.52 -11.16
C GLY A 78 -35.43 -40.59 -10.91
N VAL A 79 -35.39 -41.15 -9.69
CA VAL A 79 -34.42 -42.18 -9.38
C VAL A 79 -34.77 -43.44 -10.17
N GLU A 80 -33.84 -43.88 -11.02
CA GLU A 80 -34.11 -44.99 -11.92
C GLU A 80 -34.31 -46.29 -11.14
N THR A 81 -35.18 -47.15 -11.67
CA THR A 81 -35.52 -48.40 -11.00
C THR A 81 -34.33 -49.35 -10.95
N SER A 82 -33.52 -49.39 -12.01
CA SER A 82 -32.34 -50.23 -12.01
C SER A 82 -31.38 -49.84 -10.88
N LEU A 83 -31.41 -48.58 -10.46
CA LEU A 83 -30.59 -48.14 -9.34
C LEU A 83 -31.21 -48.55 -8.01
N MET A 84 -32.53 -48.39 -7.88
CA MET A 84 -33.22 -48.79 -6.65
C MET A 84 -33.11 -50.30 -6.42
N ASP A 85 -33.17 -51.08 -7.50
CA ASP A 85 -33.02 -52.53 -7.38
C ASP A 85 -31.58 -52.89 -7.03
N ASP A 86 -30.61 -52.18 -7.61
CA ASP A 86 -29.21 -52.47 -7.36
C ASP A 86 -28.87 -52.29 -5.88
N VAL A 87 -29.22 -51.14 -5.31
CA VAL A 87 -28.88 -50.88 -3.91
C VAL A 87 -29.60 -51.85 -2.98
N LEU A 88 -30.81 -52.28 -3.36
CA LEU A 88 -31.52 -53.27 -2.55
C LEU A 88 -30.90 -54.66 -2.69
N ASN A 89 -30.55 -55.05 -3.92
CA ASN A 89 -29.95 -56.36 -4.13
C ASN A 89 -28.60 -56.47 -3.45
N LEU A 90 -27.78 -55.42 -3.56
CA LEU A 90 -26.47 -55.44 -2.91
C LEU A 90 -26.60 -55.49 -1.40
N ALA A 91 -27.64 -54.84 -0.84
CA ALA A 91 -27.89 -54.96 0.59
C ALA A 91 -28.25 -56.39 0.96
N ARG A 92 -29.03 -57.05 0.11
CA ARG A 92 -29.42 -58.43 0.39
C ARG A 92 -28.22 -59.38 0.32
N GLU A 93 -27.32 -59.14 -0.65
CA GLU A 93 -26.14 -60.00 -0.77
C GLU A 93 -25.20 -59.85 0.42
N PHE A 94 -25.13 -58.65 1.01
CA PHE A 94 -24.29 -58.49 2.19
C PHE A 94 -24.86 -59.25 3.39
N PHE A 95 -26.18 -59.21 3.57
CA PHE A 95 -26.78 -59.90 4.71
C PHE A 95 -26.70 -61.41 4.57
N ASN A 96 -26.64 -61.92 3.34
CA ASN A 96 -26.57 -63.36 3.10
C ASN A 96 -25.14 -63.88 3.04
N GLN A 97 -24.15 -63.05 3.33
CA GLN A 97 -22.78 -63.53 3.43
C GLN A 97 -22.62 -64.35 4.71
N PRO A 98 -21.59 -65.19 4.78
CA PRO A 98 -21.30 -65.88 6.04
C PRO A 98 -21.10 -64.89 7.18
N ILE A 99 -21.52 -65.30 8.38
CA ILE A 99 -21.55 -64.38 9.51
C ILE A 99 -20.15 -63.87 9.85
N GLU A 100 -19.11 -64.70 9.65
CA GLU A 100 -17.76 -64.26 9.98
C GLU A 100 -17.30 -63.13 9.07
N ARG A 101 -17.81 -63.07 7.83
CA ARG A 101 -17.53 -61.93 6.98
C ARG A 101 -18.25 -60.68 7.46
N LYS A 102 -19.49 -60.84 7.95
CA LYS A 102 -20.27 -59.69 8.36
C LYS A 102 -19.79 -59.12 9.69
N ARG A 103 -19.21 -59.95 10.56
CA ARG A 103 -18.73 -59.46 11.84
C ARG A 103 -17.50 -58.56 11.68
N LYS A 104 -16.85 -58.58 10.52
CA LYS A 104 -15.78 -57.62 10.26
C LYS A 104 -16.30 -56.19 10.19
N PHE A 105 -17.59 -56.00 9.92
CA PHE A 105 -18.21 -54.69 9.88
C PHE A 105 -19.14 -54.46 11.08
N SER A 106 -18.87 -55.17 12.18
CA SER A 106 -19.71 -55.04 13.37
C SER A 106 -19.63 -53.63 13.94
N ASN A 107 -20.69 -53.24 14.64
CA ASN A 107 -20.72 -51.96 15.35
C ASN A 107 -20.23 -52.09 16.79
N LEU A 108 -19.83 -53.28 17.21
CA LEU A 108 -19.18 -53.51 18.50
C LEU A 108 -17.68 -53.62 18.23
N ILE A 109 -16.95 -52.54 18.48
CA ILE A 109 -15.52 -52.53 18.17
C ILE A 109 -14.81 -53.55 19.05
N ASP A 110 -14.01 -54.41 18.41
CA ASP A 110 -13.38 -55.57 19.04
C ASP A 110 -14.42 -56.53 19.63
N GLY A 111 -15.67 -56.44 19.15
CA GLY A 111 -16.75 -57.21 19.73
C GLY A 111 -17.15 -56.80 21.13
N LYS A 112 -16.73 -55.62 21.58
CA LYS A 112 -16.91 -55.24 22.97
C LYS A 112 -17.51 -53.84 23.12
N ASN A 113 -16.85 -52.83 22.56
CA ASN A 113 -17.26 -51.44 22.74
C ASN A 113 -18.22 -51.04 21.63
N PHE A 114 -19.44 -50.64 22.01
CA PHE A 114 -20.46 -50.29 21.05
C PHE A 114 -20.19 -48.91 20.42
N GLN A 115 -20.56 -48.79 19.14
CA GLN A 115 -20.69 -47.51 18.47
C GLN A 115 -21.85 -47.61 17.49
N VAL A 116 -22.33 -46.45 17.02
CA VAL A 116 -23.51 -46.45 16.16
C VAL A 116 -23.19 -47.06 14.80
N GLU A 117 -22.13 -46.58 14.16
CA GLU A 117 -21.81 -47.00 12.80
C GLU A 117 -21.35 -48.45 12.78
N GLY A 118 -21.87 -49.22 11.84
CA GLY A 118 -21.51 -50.61 11.70
C GLY A 118 -22.73 -51.52 11.72
N TYR A 119 -22.46 -52.81 11.59
CA TYR A 119 -23.50 -53.82 11.45
C TYR A 119 -23.83 -54.40 12.81
N GLY A 120 -25.12 -54.33 13.18
CA GLY A 120 -25.58 -54.87 14.44
C GLY A 120 -26.96 -54.35 14.81
N THR A 121 -27.14 -53.98 16.08
CA THR A 121 -28.39 -53.38 16.54
C THR A 121 -28.06 -52.10 17.30
N ASP A 122 -29.10 -51.44 17.80
CA ASP A 122 -28.92 -50.17 18.47
C ASP A 122 -28.38 -50.39 19.89
N ARG A 123 -28.10 -49.28 20.57
CA ARG A 123 -27.40 -49.34 21.85
C ARG A 123 -28.27 -50.01 22.92
N VAL A 124 -27.68 -50.95 23.64
CA VAL A 124 -28.33 -51.63 24.75
C VAL A 124 -27.89 -50.91 26.03
N VAL A 125 -28.80 -50.12 26.61
CA VAL A 125 -28.45 -49.30 27.76
C VAL A 125 -28.47 -50.13 29.04
N THR A 126 -29.59 -50.77 29.34
CA THR A 126 -29.76 -51.52 30.57
C THR A 126 -29.95 -53.00 30.29
N GLN A 127 -29.72 -53.81 31.33
CA GLN A 127 -29.76 -55.27 31.19
C GLN A 127 -31.15 -55.75 30.75
N ASP A 128 -32.20 -55.13 31.26
CA ASP A 128 -33.56 -55.57 31.00
C ASP A 128 -34.22 -54.82 29.84
N GLN A 129 -33.43 -54.13 29.02
CA GLN A 129 -33.98 -53.46 27.85
C GLN A 129 -34.38 -54.48 26.79
N ILE A 130 -35.61 -54.39 26.31
CA ILE A 130 -36.13 -55.32 25.31
C ILE A 130 -35.54 -54.97 23.95
N LEU A 131 -35.00 -55.98 23.26
CA LEU A 131 -34.35 -55.78 21.98
C LEU A 131 -35.34 -55.94 20.82
N ASP A 132 -35.08 -55.21 19.74
CA ASP A 132 -35.89 -55.34 18.54
C ASP A 132 -35.51 -56.61 17.78
N TRP A 133 -36.48 -57.16 17.05
CA TRP A 133 -36.27 -58.37 16.26
C TRP A 133 -35.81 -57.98 14.87
N SER A 134 -34.56 -57.55 14.78
CA SER A 134 -33.96 -57.11 13.53
C SER A 134 -32.50 -56.74 13.77
N ASP A 135 -31.73 -56.74 12.69
CA ASP A 135 -30.41 -56.13 12.66
C ASP A 135 -30.44 -54.98 11.67
N ARG A 136 -29.44 -54.11 11.75
CA ARG A 136 -29.35 -53.02 10.79
C ARG A 136 -27.88 -52.72 10.50
N LEU A 137 -27.63 -52.30 9.26
CA LEU A 137 -26.34 -51.77 8.84
C LEU A 137 -26.46 -50.25 8.78
N PHE A 138 -25.80 -49.58 9.71
CA PHE A 138 -25.91 -48.13 9.85
C PHE A 138 -24.61 -47.49 9.38
N LEU A 139 -24.71 -46.64 8.35
CA LEU A 139 -23.55 -46.01 7.73
C LEU A 139 -23.79 -44.52 7.55
N ARG A 140 -22.73 -43.73 7.74
CA ARG A 140 -22.76 -42.29 7.49
C ARG A 140 -22.38 -42.03 6.04
N VAL A 141 -23.12 -41.13 5.38
CA VAL A 141 -22.91 -40.85 3.98
C VAL A 141 -22.59 -39.38 3.74
N GLU A 142 -23.04 -38.51 4.64
CA GLU A 142 -22.74 -37.09 4.54
C GLU A 142 -22.29 -36.55 5.89
N PRO A 143 -21.26 -35.70 5.92
CA PRO A 143 -20.48 -35.30 4.74
C PRO A 143 -19.52 -36.40 4.31
N LYS A 144 -19.22 -36.45 3.01
CA LYS A 144 -18.41 -37.53 2.46
C LYS A 144 -17.04 -37.62 3.13
N GLU A 145 -16.48 -36.48 3.55
CA GLU A 145 -15.14 -36.47 4.13
C GLU A 145 -15.07 -37.27 5.42
N GLU A 146 -16.19 -37.37 6.15
CA GLU A 146 -16.23 -38.10 7.41
C GLU A 146 -16.65 -39.56 7.23
N ARG A 147 -16.72 -40.04 6.00
CA ARG A 147 -17.12 -41.42 5.74
C ARG A 147 -16.03 -42.39 6.19
N ASN A 148 -16.41 -43.39 6.97
CA ASN A 148 -15.50 -44.44 7.42
C ASN A 148 -15.71 -45.64 6.52
N LEU A 149 -14.86 -45.78 5.50
CA LEU A 149 -14.99 -46.88 4.55
C LEU A 149 -14.57 -48.22 5.12
N ALA A 150 -13.98 -48.25 6.32
CA ALA A 150 -13.71 -49.52 6.96
C ALA A 150 -15.00 -50.27 7.30
N PHE A 151 -16.12 -49.57 7.40
CA PHE A 151 -17.41 -50.18 7.70
C PHE A 151 -18.29 -50.36 6.47
N TRP A 152 -17.87 -49.86 5.31
CA TRP A 152 -18.61 -50.10 4.08
C TRP A 152 -18.25 -51.48 3.54
N PRO A 153 -19.22 -52.36 3.31
CA PRO A 153 -18.90 -53.73 2.88
C PRO A 153 -18.13 -53.76 1.56
N ASP A 154 -17.02 -54.48 1.57
CA ASP A 154 -16.21 -54.65 0.37
C ASP A 154 -16.74 -55.73 -0.55
N HIS A 155 -17.59 -56.62 -0.04
CA HIS A 155 -18.26 -57.62 -0.85
C HIS A 155 -19.76 -57.51 -0.58
N PRO A 156 -20.61 -57.40 -1.62
CA PRO A 156 -20.27 -57.33 -3.05
C PRO A 156 -19.47 -56.08 -3.42
N GLU A 157 -18.55 -56.23 -4.38
CA GLU A 157 -17.54 -55.22 -4.64
C GLU A 157 -18.11 -53.89 -5.09
N SER A 158 -19.34 -53.87 -5.61
CA SER A 158 -19.95 -52.64 -6.08
C SER A 158 -20.88 -52.00 -5.05
N PHE A 159 -20.84 -52.45 -3.79
CA PHE A 159 -21.69 -51.84 -2.78
C PHE A 159 -21.36 -50.36 -2.59
N ARG A 160 -20.06 -50.03 -2.53
CA ARG A 160 -19.67 -48.67 -2.18
C ARG A 160 -20.04 -47.69 -3.28
N ASP A 161 -19.86 -48.09 -4.55
CA ASP A 161 -20.18 -47.18 -5.65
C ASP A 161 -21.68 -47.02 -5.82
N VAL A 162 -22.45 -48.10 -5.65
CA VAL A 162 -23.89 -48.03 -5.84
C VAL A 162 -24.55 -47.24 -4.72
N LEU A 163 -24.08 -47.41 -3.48
CA LEU A 163 -24.59 -46.60 -2.39
C LEU A 163 -24.24 -45.14 -2.58
N ASN A 164 -23.00 -44.86 -2.98
CA ASN A 164 -22.60 -43.49 -3.27
C ASN A 164 -23.49 -42.87 -4.35
N GLU A 165 -23.84 -43.66 -5.37
CA GLU A 165 -24.67 -43.13 -6.45
C GLU A 165 -26.12 -42.97 -6.00
N TYR A 166 -26.63 -43.91 -5.20
CA TYR A 166 -27.99 -43.78 -4.69
C TYR A 166 -28.12 -42.60 -3.73
N ALA A 167 -27.09 -42.37 -2.91
CA ALA A 167 -27.16 -41.30 -1.92
C ALA A 167 -27.25 -39.93 -2.57
N SER A 168 -26.52 -39.71 -3.66
CA SER A 168 -26.58 -38.44 -4.36
C SER A 168 -27.95 -38.21 -5.00
N ARG A 169 -28.62 -39.29 -5.42
CA ARG A 169 -29.94 -39.15 -6.04
C ARG A 169 -30.99 -38.76 -5.02
N THR A 170 -30.91 -39.31 -3.81
CA THR A 170 -31.87 -38.95 -2.77
C THR A 170 -31.56 -37.60 -2.15
N LYS A 171 -30.30 -37.17 -2.18
CA LYS A 171 -29.96 -35.83 -1.71
C LYS A 171 -30.61 -34.76 -2.58
N ARG A 172 -30.70 -35.01 -3.88
CA ARG A 172 -31.40 -34.09 -4.77
C ARG A 172 -32.91 -34.12 -4.52
N ILE A 173 -33.45 -35.30 -4.20
CA ILE A 173 -34.84 -35.38 -3.79
C ILE A 173 -35.06 -34.63 -2.48
N ARG A 174 -34.08 -34.70 -1.57
CA ARG A 174 -34.16 -33.94 -0.33
C ARG A 174 -34.31 -32.45 -0.61
N ASP A 175 -33.49 -31.92 -1.54
CA ASP A 175 -33.53 -30.50 -1.82
C ASP A 175 -34.80 -30.08 -2.53
N ASP A 176 -35.41 -30.98 -3.30
CA ASP A 176 -36.67 -30.65 -3.96
C ASP A 176 -37.84 -30.67 -2.99
N ILE A 177 -37.82 -31.56 -1.99
CA ILE A 177 -38.89 -31.57 -1.00
C ILE A 177 -38.75 -30.38 -0.06
N VAL A 178 -37.51 -29.97 0.24
CA VAL A 178 -37.30 -28.82 1.11
C VAL A 178 -37.84 -27.55 0.46
N GLN A 179 -37.51 -27.34 -0.82
CA GLN A 179 -38.00 -26.15 -1.53
C GLN A 179 -39.52 -26.09 -1.53
N ALA A 180 -40.17 -27.24 -1.68
CA ALA A 180 -41.64 -27.26 -1.67
C ALA A 180 -42.19 -26.98 -0.27
N MET A 181 -41.58 -27.57 0.76
CA MET A 181 -42.02 -27.31 2.13
C MET A 181 -41.77 -25.86 2.52
N SER A 182 -40.70 -25.25 2.01
CA SER A 182 -40.44 -23.84 2.29
C SER A 182 -41.54 -22.94 1.75
N LYS A 183 -42.18 -23.34 0.64
CA LYS A 183 -43.28 -22.55 0.11
C LYS A 183 -44.57 -22.76 0.90
N LEU A 184 -44.78 -23.97 1.44
CA LEU A 184 -45.97 -24.21 2.23
C LEU A 184 -45.92 -23.45 3.56
N LEU A 185 -44.73 -23.27 4.12
CA LEU A 185 -44.57 -22.55 5.37
C LEU A 185 -44.36 -21.05 5.19
N GLY A 186 -44.22 -20.57 3.96
CA GLY A 186 -43.99 -19.17 3.72
C GLY A 186 -42.60 -18.69 4.10
N LEU A 187 -41.66 -19.61 4.30
CA LEU A 187 -40.29 -19.28 4.68
C LEU A 187 -39.38 -19.27 3.46
N ASP A 188 -38.21 -18.66 3.63
CA ASP A 188 -37.22 -18.61 2.57
C ASP A 188 -36.47 -19.93 2.47
N GLU A 189 -36.12 -20.31 1.24
CA GLU A 189 -35.52 -21.61 0.98
C GLU A 189 -34.28 -21.85 1.82
N ASP A 190 -33.30 -20.95 1.74
CA ASP A 190 -32.04 -21.22 2.42
C ASP A 190 -32.13 -21.13 3.95
N TYR A 191 -33.30 -20.94 4.55
CA TYR A 191 -33.42 -21.19 5.99
C TYR A 191 -33.09 -22.65 6.31
N PHE A 192 -33.64 -23.57 5.52
CA PHE A 192 -33.32 -24.99 5.69
C PHE A 192 -31.95 -25.32 5.13
N PHE A 193 -31.60 -24.75 3.97
CA PHE A 193 -30.35 -25.11 3.32
C PHE A 193 -29.14 -24.69 4.14
N ASP A 194 -29.21 -23.53 4.80
CA ASP A 194 -28.14 -23.15 5.71
C ASP A 194 -27.96 -24.18 6.83
N ARG A 195 -29.07 -24.77 7.28
CA ARG A 195 -29.01 -25.81 8.30
C ARG A 195 -28.69 -27.18 7.73
N LEU A 196 -28.77 -27.36 6.42
CA LEU A 196 -28.43 -28.61 5.76
C LEU A 196 -27.04 -28.60 5.16
N ASN A 197 -26.34 -27.47 5.21
CA ASN A 197 -25.00 -27.37 4.63
C ASN A 197 -24.02 -28.21 5.43
N LYS A 198 -23.36 -29.15 4.77
CA LYS A 198 -22.40 -30.07 5.41
C LYS A 198 -23.02 -30.76 6.62
N ALA A 199 -24.35 -31.04 6.55
CA ALA A 199 -25.13 -31.65 7.61
C ALA A 199 -25.02 -33.17 7.55
N PRO A 200 -25.11 -33.84 8.69
CA PRO A 200 -25.00 -35.30 8.70
C PRO A 200 -26.16 -35.96 7.95
N ALA A 201 -25.85 -37.06 7.27
CA ALA A 201 -26.85 -37.90 6.62
C ALA A 201 -26.40 -39.35 6.76
N PHE A 202 -27.37 -40.24 6.96
CA PHE A 202 -27.08 -41.63 7.26
C PHE A 202 -27.93 -42.54 6.40
N ALA A 203 -27.42 -43.74 6.16
CA ALA A 203 -28.14 -44.79 5.44
C ALA A 203 -28.30 -45.98 6.37
N ARG A 204 -29.54 -46.34 6.68
CA ARG A 204 -29.85 -47.43 7.59
C ARG A 204 -30.45 -48.58 6.80
N PHE A 205 -29.68 -49.66 6.65
CA PHE A 205 -30.17 -50.88 6.02
C PHE A 205 -30.78 -51.77 7.10
N ASN A 206 -32.10 -51.85 7.11
CA ASN A 206 -32.80 -52.69 8.08
C ASN A 206 -33.06 -54.08 7.49
N TYR A 207 -32.79 -55.11 8.29
CA TYR A 207 -33.13 -56.47 7.95
C TYR A 207 -34.07 -57.01 9.02
N TYR A 208 -35.30 -57.32 8.62
CA TYR A 208 -36.29 -57.85 9.54
C TYR A 208 -36.48 -59.34 9.29
N PRO A 209 -35.78 -60.20 10.02
CA PRO A 209 -35.94 -61.64 9.82
C PRO A 209 -37.33 -62.09 10.20
N PRO A 210 -37.81 -63.21 9.66
CA PRO A 210 -39.07 -63.78 10.13
C PRO A 210 -38.94 -64.18 11.60
N CYS A 211 -40.07 -64.15 12.30
CA CYS A 211 -40.09 -64.49 13.71
C CYS A 211 -41.04 -65.66 13.97
N PRO A 212 -40.67 -66.59 14.85
CA PRO A 212 -41.60 -67.69 15.17
C PRO A 212 -42.84 -67.22 15.92
N ARG A 213 -42.74 -66.14 16.69
CA ARG A 213 -43.88 -65.57 17.42
C ARG A 213 -44.01 -64.11 17.05
N PRO A 214 -44.69 -63.79 15.95
CA PRO A 214 -44.82 -62.39 15.52
C PRO A 214 -45.70 -61.54 16.44
N ASP A 215 -46.22 -62.12 17.52
CA ASP A 215 -47.09 -61.40 18.45
C ASP A 215 -46.39 -61.03 19.75
N LEU A 216 -45.07 -61.25 19.84
CA LEU A 216 -44.35 -60.99 21.07
C LEU A 216 -43.17 -60.04 20.90
N VAL A 217 -42.87 -59.58 19.68
CA VAL A 217 -41.66 -58.82 19.39
C VAL A 217 -42.02 -57.63 18.51
N PHE A 218 -41.03 -56.75 18.34
CA PHE A 218 -41.05 -55.68 17.35
C PHE A 218 -39.88 -55.88 16.40
N GLY A 219 -40.12 -55.65 15.10
CA GLY A 219 -39.00 -55.51 14.18
C GLY A 219 -38.18 -54.28 14.50
N VAL A 220 -38.85 -53.13 14.63
CA VAL A 220 -38.26 -51.93 15.20
C VAL A 220 -39.25 -51.34 16.20
N ARG A 221 -38.73 -50.87 17.32
CA ARG A 221 -39.54 -50.30 18.39
C ARG A 221 -40.37 -49.12 17.86
N PRO A 222 -41.55 -48.88 18.42
CA PRO A 222 -42.29 -47.67 18.08
C PRO A 222 -41.46 -46.43 18.39
N HIS A 223 -41.37 -45.54 17.41
CA HIS A 223 -40.47 -44.40 17.49
C HIS A 223 -40.82 -43.39 16.41
N SER A 224 -40.32 -42.18 16.59
CA SER A 224 -40.25 -41.18 15.54
C SER A 224 -38.79 -40.90 15.25
N ASP A 225 -38.49 -40.59 13.99
CA ASP A 225 -37.11 -40.27 13.65
C ASP A 225 -36.72 -38.92 14.25
N GLY A 226 -35.42 -38.76 14.48
CA GLY A 226 -34.87 -37.51 14.94
C GLY A 226 -34.35 -36.60 13.86
N SER A 227 -34.36 -37.07 12.60
CA SER A 227 -33.83 -36.30 11.49
C SER A 227 -34.77 -35.16 11.11
N LEU A 228 -34.40 -34.43 10.07
CA LEU A 228 -35.32 -33.48 9.47
C LEU A 228 -36.46 -34.20 8.77
N PHE A 229 -36.12 -35.11 7.85
CA PHE A 229 -37.07 -36.09 7.36
C PHE A 229 -36.29 -37.27 6.82
N THR A 230 -37.01 -38.37 6.56
CA THR A 230 -36.41 -39.62 6.14
C THR A 230 -36.95 -40.00 4.77
N ILE A 231 -36.07 -40.55 3.92
CA ILE A 231 -36.46 -41.09 2.62
C ILE A 231 -36.29 -42.61 2.72
N LEU A 232 -37.42 -43.31 2.75
CA LEU A 232 -37.44 -44.76 2.98
C LEU A 232 -37.67 -45.50 1.67
N LEU A 233 -36.95 -46.61 1.51
CA LEU A 233 -37.10 -47.51 0.36
C LEU A 233 -37.19 -48.93 0.88
N VAL A 234 -38.18 -49.69 0.40
CA VAL A 234 -38.43 -51.03 0.88
C VAL A 234 -38.40 -52.01 -0.28
N ASP A 235 -37.83 -53.18 -0.04
CA ASP A 235 -37.70 -54.23 -1.05
C ASP A 235 -38.98 -55.07 -1.05
N GLU A 236 -39.84 -54.83 -2.05
CA GLU A 236 -41.08 -55.58 -2.25
C GLU A 236 -41.85 -55.72 -0.95
N ASP A 237 -42.21 -54.57 -0.37
CA ASP A 237 -42.90 -54.50 0.92
C ASP A 237 -44.16 -55.35 0.92
N VAL A 238 -44.15 -56.44 1.68
CA VAL A 238 -45.34 -57.24 1.89
C VAL A 238 -46.14 -56.76 3.10
N GLY A 239 -45.55 -55.93 3.95
CA GLY A 239 -46.22 -55.43 5.13
C GLY A 239 -45.31 -55.40 6.36
N GLY A 240 -45.74 -54.69 7.40
CA GLY A 240 -44.97 -54.63 8.61
C GLY A 240 -44.88 -53.23 9.19
N LEU A 241 -44.77 -52.23 8.32
CA LEU A 241 -44.65 -50.85 8.77
C LEU A 241 -46.00 -50.35 9.28
N GLN A 242 -46.03 -49.85 10.51
CA GLN A 242 -47.23 -49.30 11.11
C GLN A 242 -46.93 -47.90 11.63
N ILE A 243 -47.85 -46.97 11.37
CA ILE A 243 -47.70 -45.58 11.75
C ILE A 243 -48.85 -45.21 12.68
N GLN A 244 -48.55 -44.37 13.68
CA GLN A 244 -49.50 -44.01 14.71
C GLN A 244 -50.07 -42.61 14.48
N ARG A 245 -51.38 -42.48 14.70
CA ARG A 245 -52.05 -41.19 14.67
C ARG A 245 -53.13 -41.18 15.75
N ASP A 246 -53.03 -40.24 16.69
CA ASP A 246 -53.99 -40.10 17.78
C ASP A 246 -54.09 -41.39 18.59
N GLY A 247 -52.95 -42.05 18.81
CA GLY A 247 -52.91 -43.29 19.55
C GLY A 247 -53.32 -44.53 18.79
N LYS A 248 -53.84 -44.38 17.58
CA LYS A 248 -54.30 -45.50 16.77
C LYS A 248 -53.24 -45.85 15.73
N TRP A 249 -52.97 -47.15 15.57
CA TRP A 249 -51.95 -47.62 14.64
C TRP A 249 -52.58 -48.02 13.32
N TYR A 250 -51.89 -47.70 12.23
CA TYR A 250 -52.38 -47.95 10.88
C TYR A 250 -51.29 -48.60 10.03
N ASN A 251 -51.70 -49.57 9.22
CA ASN A 251 -50.78 -50.24 8.31
C ASN A 251 -50.52 -49.38 7.08
N VAL A 252 -49.25 -49.28 6.69
CA VAL A 252 -48.84 -48.56 5.49
C VAL A 252 -47.85 -49.44 4.74
N GLN A 253 -47.95 -49.45 3.40
CA GLN A 253 -47.19 -50.36 2.57
C GLN A 253 -46.50 -49.56 1.47
N VAL A 254 -45.17 -49.50 1.55
CA VAL A 254 -44.38 -48.80 0.53
C VAL A 254 -44.34 -49.65 -0.73
N THR A 255 -45.18 -49.31 -1.70
CA THR A 255 -45.26 -50.06 -2.94
C THR A 255 -43.91 -50.02 -3.66
N PRO A 256 -43.58 -51.06 -4.43
CA PRO A 256 -42.29 -51.09 -5.12
C PRO A 256 -42.11 -49.91 -6.06
N ASN A 257 -40.86 -49.50 -6.23
CA ASN A 257 -40.42 -48.38 -7.07
C ASN A 257 -40.86 -47.03 -6.53
N THR A 258 -41.40 -46.97 -5.32
CA THR A 258 -41.82 -45.72 -4.71
C THR A 258 -41.05 -45.50 -3.41
N LEU A 259 -40.80 -44.23 -3.11
CA LEU A 259 -40.09 -43.84 -1.89
C LEU A 259 -41.08 -43.25 -0.90
N LEU A 260 -41.10 -43.79 0.31
CA LEU A 260 -41.85 -43.18 1.40
C LEU A 260 -40.97 -42.11 2.06
N ILE A 261 -41.55 -40.94 2.28
CA ILE A 261 -40.85 -39.84 2.95
C ILE A 261 -41.66 -39.47 4.18
N ASN A 262 -41.06 -39.63 5.36
CA ASN A 262 -41.69 -39.27 6.61
C ASN A 262 -40.84 -38.21 7.31
N LEU A 263 -41.52 -37.30 8.02
CA LEU A 263 -40.83 -36.24 8.75
C LEU A 263 -40.29 -36.76 10.06
N GLY A 264 -39.21 -36.14 10.52
CA GLY A 264 -38.60 -36.46 11.80
C GLY A 264 -38.88 -35.39 12.84
N ASP A 265 -38.39 -35.66 14.05
CA ASP A 265 -38.68 -34.79 15.19
C ASP A 265 -38.05 -33.41 15.03
N THR A 266 -36.93 -33.32 14.31
CA THR A 266 -36.29 -32.01 14.12
C THR A 266 -37.19 -31.08 13.31
N MET A 267 -37.88 -31.61 12.30
CA MET A 267 -38.75 -30.77 11.49
C MET A 267 -39.96 -30.29 12.27
N GLU A 268 -40.53 -31.13 13.13
CA GLU A 268 -41.73 -30.74 13.87
C GLU A 268 -41.43 -29.53 14.76
N VAL A 269 -40.24 -29.49 15.34
CA VAL A 269 -39.87 -28.35 16.19
C VAL A 269 -39.62 -27.12 15.34
N LEU A 270 -38.91 -27.27 14.22
CA LEU A 270 -38.54 -26.12 13.40
C LEU A 270 -39.76 -25.48 12.75
N CYS A 271 -40.77 -26.28 12.38
CA CYS A 271 -41.98 -25.74 11.80
C CYS A 271 -43.08 -25.50 12.83
N ASN A 272 -42.71 -25.50 14.11
CA ASN A 272 -43.62 -25.12 15.21
C ASN A 272 -44.88 -25.97 15.23
N GLY A 273 -44.75 -27.25 14.87
CA GLY A 273 -45.88 -28.13 14.93
C GLY A 273 -46.96 -27.92 13.88
N ILE A 274 -46.69 -27.10 12.85
CA ILE A 274 -47.59 -27.04 11.70
C ILE A 274 -47.67 -28.41 11.04
N PHE A 275 -46.51 -28.98 10.72
CA PHE A 275 -46.40 -30.36 10.27
C PHE A 275 -46.04 -31.26 11.44
N ARG A 276 -46.40 -32.53 11.33
CA ARG A 276 -46.21 -33.48 12.42
C ARG A 276 -45.14 -34.50 12.08
N SER A 277 -44.58 -35.11 13.13
CA SER A 277 -43.59 -36.17 12.99
C SER A 277 -44.23 -37.48 13.44
N PRO A 278 -44.45 -38.44 12.54
CA PRO A 278 -45.23 -39.63 12.91
C PRO A 278 -44.39 -40.63 13.70
N VAL A 279 -44.95 -41.13 14.80
CA VAL A 279 -44.39 -42.29 15.49
C VAL A 279 -44.74 -43.53 14.70
N HIS A 280 -43.73 -44.37 14.43
CA HIS A 280 -43.93 -45.55 13.61
C HIS A 280 -43.15 -46.73 14.17
N ARG A 281 -43.46 -47.91 13.64
CA ARG A 281 -42.85 -49.16 14.07
C ARG A 281 -42.98 -50.17 12.94
N VAL A 282 -42.29 -51.30 13.10
CA VAL A 282 -42.36 -52.42 12.17
C VAL A 282 -42.66 -53.68 12.96
N VAL A 283 -43.66 -54.43 12.52
CA VAL A 283 -44.03 -55.71 13.13
C VAL A 283 -43.56 -56.84 12.22
N THR A 284 -43.15 -57.94 12.83
CA THR A 284 -42.63 -59.08 12.07
C THR A 284 -43.78 -59.96 11.58
N ASN A 285 -43.42 -61.01 10.85
CA ASN A 285 -44.35 -62.05 10.46
C ASN A 285 -43.61 -63.39 10.45
N ALA A 286 -44.35 -64.47 10.19
CA ALA A 286 -43.79 -65.80 10.38
C ALA A 286 -42.96 -66.28 9.20
N GLU A 287 -43.33 -65.92 7.97
CA GLU A 287 -42.72 -66.53 6.78
C GLU A 287 -41.52 -65.74 6.26
N ARG A 288 -41.77 -64.56 5.71
CA ARG A 288 -40.77 -63.88 4.89
C ARG A 288 -40.03 -62.80 5.67
N GLU A 289 -38.76 -62.62 5.33
CA GLU A 289 -37.98 -61.51 5.85
C GLU A 289 -38.35 -60.21 5.10
N ARG A 290 -37.92 -59.10 5.66
CA ARG A 290 -38.24 -57.78 5.11
C ARG A 290 -36.98 -56.92 5.17
N ILE A 291 -36.66 -56.28 4.06
CA ILE A 291 -35.47 -55.43 3.95
C ILE A 291 -35.91 -54.03 3.53
N SER A 292 -35.38 -53.01 4.20
CA SER A 292 -35.64 -51.63 3.83
C SER A 292 -34.35 -50.83 4.00
N LEU A 293 -34.28 -49.72 3.26
CA LEU A 293 -33.20 -48.75 3.40
C LEU A 293 -33.81 -47.39 3.66
N ALA A 294 -33.39 -46.75 4.76
CA ALA A 294 -33.87 -45.43 5.14
C ALA A 294 -32.72 -44.44 5.07
N MET A 295 -32.93 -43.35 4.35
CA MET A 295 -31.96 -42.27 4.28
C MET A 295 -32.39 -41.17 5.25
N LEU A 296 -31.58 -40.97 6.29
CA LEU A 296 -31.90 -40.05 7.38
C LEU A 296 -31.08 -38.77 7.21
N TYR A 297 -31.76 -37.62 7.17
CA TYR A 297 -31.12 -36.34 6.92
C TYR A 297 -31.30 -35.44 8.14
N SER A 298 -30.21 -35.17 8.84
CA SER A 298 -30.22 -34.30 10.02
C SER A 298 -29.85 -32.87 9.62
N VAL A 299 -29.88 -31.97 10.60
CA VAL A 299 -29.40 -30.62 10.43
C VAL A 299 -28.02 -30.53 11.07
N ASN A 300 -27.27 -29.49 10.68
CA ASN A 300 -25.93 -29.30 11.22
C ASN A 300 -26.03 -28.72 12.64
N ASP A 301 -24.90 -28.26 13.17
CA ASP A 301 -24.79 -27.84 14.56
C ASP A 301 -24.64 -26.33 14.72
N GLU A 302 -25.10 -25.55 13.74
CA GLU A 302 -24.86 -24.11 13.74
C GLU A 302 -25.93 -23.34 14.51
N LYS A 303 -27.20 -23.64 14.28
CA LYS A 303 -28.30 -22.93 14.91
C LYS A 303 -28.99 -23.82 15.93
N ASP A 304 -29.56 -23.20 16.96
CA ASP A 304 -30.30 -23.95 17.96
C ASP A 304 -31.56 -24.56 17.35
N ILE A 305 -32.03 -25.64 17.97
CA ILE A 305 -33.22 -26.34 17.52
C ILE A 305 -34.43 -25.63 18.13
N GLY A 306 -35.15 -24.87 17.30
CA GLY A 306 -36.30 -24.13 17.76
C GLY A 306 -37.15 -23.66 16.61
N PRO A 307 -38.40 -23.28 16.90
CA PRO A 307 -39.31 -22.84 15.84
C PRO A 307 -38.75 -21.69 15.02
N ALA A 308 -38.97 -21.77 13.71
CA ALA A 308 -38.49 -20.73 12.79
C ALA A 308 -39.13 -19.38 13.14
N ALA A 309 -38.28 -18.37 13.33
CA ALA A 309 -38.77 -17.05 13.73
C ALA A 309 -39.79 -16.51 12.74
N GLY A 310 -39.64 -16.81 11.46
CA GLY A 310 -40.61 -16.36 10.47
C GLY A 310 -41.99 -16.95 10.64
N LEU A 311 -42.13 -18.02 11.43
CA LEU A 311 -43.41 -18.65 11.67
C LEU A 311 -44.09 -18.16 12.95
N LEU A 312 -43.40 -17.37 13.77
CA LEU A 312 -43.93 -16.97 15.08
C LEU A 312 -44.48 -15.55 15.02
N ASP A 313 -45.59 -15.41 14.29
CA ASP A 313 -46.29 -14.12 14.25
C ASP A 313 -47.13 -13.99 15.52
N GLU A 314 -47.98 -12.96 15.57
CA GLU A 314 -48.76 -12.69 16.78
C GLU A 314 -49.86 -13.72 16.99
N ASN A 315 -50.45 -14.24 15.91
CA ASN A 315 -51.54 -15.20 16.06
C ASN A 315 -51.07 -16.58 16.47
N ARG A 316 -49.79 -16.89 16.27
CA ARG A 316 -49.26 -18.23 16.55
C ARG A 316 -47.87 -18.10 17.15
N PRO A 317 -47.77 -18.11 18.48
CA PRO A 317 -46.45 -17.97 19.12
C PRO A 317 -45.73 -19.31 19.23
N ALA A 318 -44.55 -19.30 19.85
CA ALA A 318 -43.76 -20.52 19.98
C ALA A 318 -44.55 -21.59 20.73
N ARG A 319 -44.70 -22.76 20.11
CA ARG A 319 -45.34 -23.89 20.74
C ARG A 319 -44.34 -24.92 21.27
N TYR A 320 -43.07 -24.77 20.95
CA TYR A 320 -42.01 -25.59 21.50
C TYR A 320 -40.93 -24.68 22.07
N ARG A 321 -40.13 -25.23 22.99
CA ARG A 321 -38.97 -24.52 23.49
C ARG A 321 -37.84 -24.55 22.47
N LYS A 322 -36.99 -23.52 22.52
CA LYS A 322 -35.78 -23.49 21.71
C LYS A 322 -34.64 -24.08 22.53
N VAL A 323 -34.00 -25.11 21.99
CA VAL A 323 -32.99 -25.87 22.71
C VAL A 323 -31.70 -25.91 21.89
N SER A 324 -30.57 -25.96 22.58
CA SER A 324 -29.29 -26.10 21.92
C SER A 324 -29.21 -27.45 21.19
N VAL A 325 -28.32 -27.52 20.20
CA VAL A 325 -28.23 -28.72 19.38
C VAL A 325 -27.71 -29.90 20.18
N GLY A 326 -26.72 -29.66 21.05
CA GLY A 326 -26.20 -30.74 21.87
C GLY A 326 -27.25 -31.33 22.80
N GLU A 327 -28.05 -30.45 23.43
CA GLU A 327 -29.10 -30.92 24.32
C GLU A 327 -30.20 -31.65 23.57
N PHE A 328 -30.39 -31.32 22.28
CA PHE A 328 -31.42 -31.96 21.48
C PHE A 328 -31.00 -33.38 21.08
N ARG A 329 -29.80 -33.53 20.54
CA ARG A 329 -29.36 -34.84 20.06
C ARG A 329 -29.22 -35.83 21.21
N ALA A 330 -28.87 -35.36 22.41
CA ALA A 330 -28.81 -36.25 23.57
C ALA A 330 -30.19 -36.79 23.93
N GLY A 331 -31.22 -35.93 23.87
CA GLY A 331 -32.56 -36.38 24.17
C GLY A 331 -33.09 -37.39 23.16
N ILE A 332 -32.87 -37.12 21.87
CA ILE A 332 -33.33 -38.04 20.83
C ILE A 332 -32.61 -39.38 20.95
N PHE A 333 -31.29 -39.34 21.13
CA PHE A 333 -30.50 -40.57 21.17
C PHE A 333 -30.80 -41.39 22.41
N GLY A 334 -31.17 -40.75 23.52
CA GLY A 334 -31.39 -41.46 24.76
C GLY A 334 -32.79 -41.99 24.94
N LYS A 335 -33.77 -41.37 24.30
CA LYS A 335 -35.16 -41.76 24.44
C LYS A 335 -35.62 -42.78 23.40
N PHE A 336 -34.74 -43.16 22.46
CA PHE A 336 -35.11 -44.16 21.47
C PHE A 336 -35.34 -45.52 22.12
N SER A 337 -34.51 -45.88 23.09
CA SER A 337 -34.68 -47.14 23.81
C SER A 337 -35.72 -47.06 24.90
N ARG A 338 -36.22 -45.87 25.22
CA ARG A 338 -37.18 -45.68 26.29
C ARG A 338 -38.59 -45.55 25.72
N ARG A 339 -39.57 -45.60 26.62
CA ARG A 339 -40.96 -45.55 26.19
C ARG A 339 -41.39 -44.14 25.82
N GLU A 340 -41.10 -43.16 26.69
CA GLU A 340 -41.53 -41.79 26.46
C GLU A 340 -40.86 -41.20 25.22
N ARG A 341 -41.44 -40.12 24.73
CA ARG A 341 -40.98 -39.42 23.53
C ARG A 341 -40.39 -38.08 23.94
N TYR A 342 -39.18 -37.80 23.45
CA TYR A 342 -38.43 -36.65 23.93
C TYR A 342 -39.08 -35.33 23.53
N ILE A 343 -39.57 -35.25 22.29
CA ILE A 343 -40.07 -33.98 21.75
C ILE A 343 -41.27 -33.47 22.54
N ASP A 344 -41.98 -34.35 23.25
CA ASP A 344 -43.11 -33.90 24.06
C ASP A 344 -42.65 -32.98 25.19
N SER A 345 -41.45 -33.21 25.72
CA SER A 345 -40.93 -32.37 26.79
C SER A 345 -40.61 -30.95 26.32
N LEU A 346 -40.59 -30.70 25.01
CA LEU A 346 -40.34 -29.37 24.49
C LEU A 346 -41.61 -28.54 24.36
N LYS A 347 -42.78 -29.18 24.40
CA LYS A 347 -44.03 -28.48 24.13
C LYS A 347 -44.37 -27.51 25.25
N ILE A 348 -44.60 -26.26 24.88
CA ILE A 348 -44.97 -25.23 25.85
C ILE A 348 -46.42 -24.80 25.62
N ASP B 1 32.40 -27.69 -1.05
CA ASP B 1 31.71 -26.45 -0.72
C ASP B 1 30.39 -26.76 -0.02
N GLU B 2 29.37 -27.07 -0.81
CA GLU B 2 28.06 -27.51 -0.36
C GLU B 2 27.30 -26.45 0.43
N SER B 3 27.78 -25.21 0.44
CA SER B 3 27.09 -24.14 1.15
C SER B 3 25.87 -23.63 0.40
N TRP B 4 25.60 -24.14 -0.81
CA TRP B 4 24.46 -23.71 -1.59
C TRP B 4 23.18 -24.48 -1.26
N ARG B 5 23.30 -25.63 -0.59
CA ARG B 5 22.11 -26.36 -0.16
C ARG B 5 21.46 -25.77 1.09
N THR B 6 22.14 -24.86 1.78
CA THR B 6 21.62 -24.20 2.98
C THR B 6 21.62 -22.70 2.73
N PRO B 7 20.61 -22.19 2.03
CA PRO B 7 20.55 -20.74 1.76
C PRO B 7 20.20 -19.95 3.01
N ALA B 8 20.49 -18.66 2.95
CA ALA B 8 20.30 -17.78 4.10
C ALA B 8 18.85 -17.35 4.23
N ILE B 9 18.49 -16.93 5.44
CA ILE B 9 17.19 -16.30 5.69
C ILE B 9 17.26 -14.88 5.15
N VAL B 10 16.39 -14.57 4.19
CA VAL B 10 16.49 -13.29 3.50
C VAL B 10 16.05 -12.14 4.40
N GLN B 11 15.06 -12.37 5.28
CA GLN B 11 14.64 -11.31 6.19
C GLN B 11 15.78 -10.81 7.05
N GLU B 12 16.69 -11.72 7.44
CA GLU B 12 17.84 -11.33 8.23
C GLU B 12 18.94 -10.68 7.40
N LEU B 13 18.96 -10.94 6.09
CA LEU B 13 19.88 -10.23 5.21
C LEU B 13 19.52 -8.75 5.10
N ALA B 14 18.23 -8.45 4.96
CA ALA B 14 17.80 -7.06 4.85
C ALA B 14 18.01 -6.32 6.17
N ALA B 15 17.74 -6.98 7.30
CA ALA B 15 17.94 -6.33 8.60
C ALA B 15 19.41 -6.02 8.83
N ALA B 16 20.31 -6.87 8.34
CA ALA B 16 21.74 -6.60 8.45
C ALA B 16 22.16 -5.35 7.71
N GLY B 17 21.36 -4.92 6.74
CA GLY B 17 21.73 -3.80 5.91
C GLY B 17 22.67 -4.16 4.78
N VAL B 18 22.50 -5.35 4.19
CA VAL B 18 23.39 -5.81 3.14
C VAL B 18 23.41 -4.81 2.00
N GLU B 19 24.60 -4.49 1.51
CA GLU B 19 24.75 -3.38 0.57
C GLU B 19 24.03 -3.66 -0.74
N GLU B 20 24.18 -4.86 -1.28
CA GLU B 20 23.52 -5.30 -2.49
C GLU B 20 23.10 -6.75 -2.31
N PRO B 21 22.15 -7.23 -3.11
CA PRO B 21 21.83 -8.65 -3.09
C PRO B 21 23.05 -9.48 -3.43
N PRO B 22 23.33 -10.53 -2.66
CA PRO B 22 24.40 -11.46 -3.04
C PRO B 22 24.09 -12.15 -4.37
N SER B 23 25.15 -12.58 -5.04
CA SER B 23 25.04 -13.11 -6.40
C SER B 23 24.03 -14.25 -6.51
N ARG B 24 23.73 -14.94 -5.41
CA ARG B 24 22.78 -16.05 -5.46
C ARG B 24 21.37 -15.59 -5.80
N TYR B 25 21.04 -14.32 -5.58
CA TYR B 25 19.70 -13.80 -5.80
C TYR B 25 19.59 -12.93 -7.04
N VAL B 26 20.70 -12.65 -7.72
CA VAL B 26 20.71 -11.71 -8.83
C VAL B 26 20.34 -12.44 -10.12
N LEU B 27 19.36 -11.90 -10.84
CA LEU B 27 18.82 -12.54 -12.03
C LEU B 27 19.70 -12.28 -13.25
N GLY B 28 19.55 -13.14 -14.24
CA GLY B 28 20.21 -12.92 -15.51
C GLY B 28 19.58 -11.76 -16.27
N GLU B 29 20.37 -11.19 -17.18
CA GLU B 29 19.92 -10.03 -17.95
C GLU B 29 18.68 -10.33 -18.77
N LYS B 30 18.44 -11.61 -19.11
CA LYS B 30 17.24 -11.96 -19.85
C LYS B 30 15.97 -11.67 -19.05
N ASP B 31 16.03 -11.86 -17.74
CA ASP B 31 14.84 -11.77 -16.90
C ASP B 31 14.65 -10.42 -16.24
N ARG B 32 15.70 -9.58 -16.17
CA ARG B 32 15.60 -8.33 -15.44
C ARG B 32 14.95 -7.21 -16.27
N SER B 33 15.09 -7.26 -17.59
CA SER B 33 14.41 -6.28 -18.44
C SER B 33 12.92 -6.56 -18.56
N ASP B 34 12.43 -7.63 -17.93
CA ASP B 34 11.03 -8.04 -18.04
C ASP B 34 10.22 -7.72 -16.79
N GLU B 35 10.88 -7.48 -15.65
CA GLU B 35 10.20 -7.38 -14.37
C GLU B 35 10.17 -5.99 -13.76
N LEU B 36 11.14 -5.13 -14.10
CA LEU B 36 11.27 -3.84 -13.44
C LEU B 36 10.03 -2.95 -13.61
N VAL B 37 9.13 -3.29 -14.53
CA VAL B 37 7.89 -2.54 -14.70
C VAL B 37 6.86 -3.46 -15.33
N ALA B 38 5.63 -3.37 -14.83
CA ALA B 38 4.48 -4.01 -15.44
C ALA B 38 3.42 -2.96 -15.71
N ALA B 39 2.50 -3.30 -16.62
CA ALA B 39 1.45 -2.37 -16.99
C ALA B 39 0.27 -2.48 -16.03
N GLU B 40 -0.64 -1.51 -16.11
CA GLU B 40 -1.84 -1.59 -15.30
C GLU B 40 -2.88 -2.50 -15.96
N LEU B 41 -3.76 -3.03 -15.14
CA LEU B 41 -4.78 -3.94 -15.62
C LEU B 41 -5.78 -3.19 -16.50
N PRO B 42 -6.05 -3.67 -17.72
CA PRO B 42 -7.17 -3.10 -18.49
C PRO B 42 -8.44 -3.09 -17.66
N GLU B 43 -9.03 -1.91 -17.49
CA GLU B 43 -10.06 -1.70 -16.49
C GLU B 43 -11.24 -2.64 -16.71
N PRO B 44 -11.81 -3.23 -15.65
CA PRO B 44 -11.30 -3.18 -14.28
C PRO B 44 -10.67 -4.49 -13.82
N ILE B 45 -10.43 -4.64 -12.53
CA ILE B 45 -9.87 -5.87 -11.98
C ILE B 45 -11.02 -6.86 -11.78
N PRO B 46 -10.79 -8.16 -11.92
CA PRO B 46 -11.87 -9.13 -11.70
C PRO B 46 -12.26 -9.20 -10.23
N VAL B 47 -13.56 -9.04 -9.97
CA VAL B 47 -14.10 -9.05 -8.61
C VAL B 47 -15.42 -9.82 -8.64
N VAL B 48 -15.61 -10.69 -7.65
CA VAL B 48 -16.84 -11.45 -7.49
C VAL B 48 -17.39 -11.20 -6.09
N ASP B 49 -18.65 -10.79 -6.02
CA ASP B 49 -19.34 -10.60 -4.74
C ASP B 49 -19.95 -11.94 -4.34
N LEU B 50 -19.40 -12.54 -3.27
CA LEU B 50 -19.80 -13.89 -2.89
C LEU B 50 -21.25 -13.94 -2.41
N SER B 51 -21.71 -12.90 -1.73
CA SER B 51 -23.05 -12.93 -1.15
C SER B 51 -24.15 -12.99 -2.20
N ARG B 52 -23.83 -12.66 -3.46
CA ARG B 52 -24.80 -12.76 -4.55
C ARG B 52 -24.33 -13.71 -5.64
N LEU B 53 -23.46 -14.66 -5.30
CA LEU B 53 -22.91 -15.57 -6.30
C LEU B 53 -23.99 -16.46 -6.90
N ALA B 54 -25.12 -16.65 -6.21
CA ALA B 54 -26.23 -17.40 -6.79
C ALA B 54 -26.86 -16.66 -7.96
N GLY B 55 -26.63 -15.36 -8.09
CA GLY B 55 -27.20 -14.61 -9.19
C GLY B 55 -26.53 -14.92 -10.51
N ALA B 56 -27.28 -14.72 -11.59
CA ALA B 56 -26.76 -15.03 -12.92
C ALA B 56 -25.72 -14.01 -13.37
N ASP B 57 -25.95 -12.73 -13.09
CA ASP B 57 -24.99 -11.71 -13.49
C ASP B 57 -23.68 -11.82 -12.70
N GLU B 58 -23.76 -12.23 -11.43
CA GLU B 58 -22.55 -12.43 -10.65
C GLU B 58 -21.81 -13.68 -11.09
N ALA B 59 -22.53 -14.76 -11.39
CA ALA B 59 -21.91 -15.93 -11.98
C ALA B 59 -21.31 -15.60 -13.33
N ALA B 60 -21.95 -14.71 -14.09
CA ALA B 60 -21.38 -14.26 -15.36
C ALA B 60 -20.09 -13.48 -15.14
N LYS B 61 -20.02 -12.69 -14.08
CA LYS B 61 -18.77 -12.02 -13.73
C LYS B 61 -17.68 -13.04 -13.40
N LEU B 62 -18.05 -14.09 -12.65
CA LEU B 62 -17.11 -15.14 -12.33
C LEU B 62 -16.57 -15.81 -13.60
N ARG B 63 -17.46 -16.14 -14.53
CA ARG B 63 -17.06 -16.82 -15.76
C ARG B 63 -16.04 -16.00 -16.54
N ALA B 64 -16.28 -14.69 -16.66
CA ALA B 64 -15.37 -13.83 -17.41
C ALA B 64 -14.01 -13.75 -16.73
N ALA B 65 -13.98 -13.70 -15.40
CA ALA B 65 -12.71 -13.63 -14.68
C ALA B 65 -11.88 -14.89 -14.89
N LEU B 66 -12.51 -16.06 -14.78
CA LEU B 66 -11.77 -17.31 -14.86
C LEU B 66 -11.32 -17.61 -16.29
N GLN B 67 -12.17 -17.35 -17.28
CA GLN B 67 -11.81 -17.65 -18.66
C GLN B 67 -10.77 -16.68 -19.21
N ASN B 68 -10.82 -15.42 -18.79
CA ASN B 68 -9.95 -14.40 -19.36
C ASN B 68 -8.71 -14.11 -18.52
N TRP B 69 -8.79 -14.27 -17.21
CA TRP B 69 -7.67 -13.94 -16.33
C TRP B 69 -7.17 -15.10 -15.50
N GLY B 70 -8.05 -15.99 -15.06
CA GLY B 70 -7.67 -17.06 -14.16
C GLY B 70 -7.68 -16.68 -12.69
N PHE B 71 -8.10 -15.46 -12.35
CA PHE B 71 -8.15 -15.02 -10.98
C PHE B 71 -9.25 -13.97 -10.83
N PHE B 72 -9.55 -13.64 -9.58
CA PHE B 72 -10.51 -12.60 -9.24
C PHE B 72 -10.37 -12.27 -7.77
N LEU B 73 -10.72 -11.03 -7.42
CA LEU B 73 -10.81 -10.65 -6.02
C LEU B 73 -12.18 -11.03 -5.47
N LEU B 74 -12.21 -11.38 -4.20
CA LEU B 74 -13.42 -11.87 -3.55
C LEU B 74 -13.82 -10.86 -2.47
N THR B 75 -14.96 -10.19 -2.68
CA THR B 75 -15.53 -9.29 -1.69
C THR B 75 -16.76 -9.93 -1.05
N ASN B 76 -17.06 -9.47 0.16
CA ASN B 76 -18.23 -9.95 0.92
C ASN B 76 -18.13 -11.44 1.20
N HIS B 77 -16.93 -11.90 1.56
CA HIS B 77 -16.66 -13.32 1.76
C HIS B 77 -17.12 -13.84 3.11
N GLY B 78 -17.54 -12.96 4.03
CA GLY B 78 -18.07 -13.39 5.31
C GLY B 78 -17.03 -13.58 6.40
N VAL B 79 -15.75 -13.63 6.05
CA VAL B 79 -14.70 -13.77 7.06
C VAL B 79 -14.52 -12.44 7.77
N GLU B 80 -14.53 -12.48 9.10
CA GLU B 80 -14.47 -11.26 9.89
C GLU B 80 -13.11 -10.60 9.76
N THR B 81 -13.12 -9.26 9.76
CA THR B 81 -11.88 -8.50 9.62
C THR B 81 -10.90 -8.83 10.73
N SER B 82 -11.39 -8.98 11.96
CA SER B 82 -10.50 -9.28 13.08
C SER B 82 -9.81 -10.63 12.90
N LEU B 83 -10.46 -11.58 12.24
CA LEU B 83 -9.84 -12.88 12.02
C LEU B 83 -8.75 -12.79 10.95
N MET B 84 -9.01 -12.05 9.87
CA MET B 84 -7.99 -11.87 8.83
C MET B 84 -6.81 -11.07 9.37
N ASP B 85 -7.08 -10.07 10.21
CA ASP B 85 -5.99 -9.30 10.82
C ASP B 85 -5.15 -10.17 11.75
N ASP B 86 -5.81 -11.00 12.57
CA ASP B 86 -5.08 -11.76 13.59
C ASP B 86 -4.11 -12.75 12.96
N VAL B 87 -4.56 -13.48 11.94
CA VAL B 87 -3.68 -14.48 11.32
C VAL B 87 -2.51 -13.81 10.62
N LEU B 88 -2.68 -12.58 10.14
CA LEU B 88 -1.58 -11.85 9.53
C LEU B 88 -0.64 -11.28 10.58
N ASN B 89 -1.19 -10.77 11.68
CA ASN B 89 -0.36 -10.22 12.74
C ASN B 89 0.44 -11.33 13.43
N LEU B 90 -0.23 -12.44 13.76
CA LEU B 90 0.47 -13.55 14.40
C LEU B 90 1.56 -14.11 13.50
N ALA B 91 1.32 -14.15 12.19
CA ALA B 91 2.38 -14.50 11.25
C ALA B 91 3.53 -13.52 11.34
N ARG B 92 3.22 -12.22 11.40
CA ARG B 92 4.27 -11.21 11.51
C ARG B 92 5.02 -11.34 12.83
N GLU B 93 4.33 -11.72 13.91
CA GLU B 93 4.99 -11.88 15.20
C GLU B 93 5.95 -13.06 15.20
N PHE B 94 5.69 -14.08 14.37
CA PHE B 94 6.64 -15.18 14.27
C PHE B 94 7.88 -14.77 13.49
N PHE B 95 7.70 -14.05 12.38
CA PHE B 95 8.84 -13.63 11.57
C PHE B 95 9.74 -12.66 12.33
N ASN B 96 9.18 -11.91 13.27
CA ASN B 96 9.94 -10.94 14.05
C ASN B 96 10.60 -11.56 15.27
N GLN B 97 10.45 -12.87 15.49
CA GLN B 97 11.17 -13.54 16.55
C GLN B 97 12.67 -13.55 16.25
N PRO B 98 13.50 -13.69 17.29
CA PRO B 98 14.93 -13.89 17.05
C PRO B 98 15.18 -15.09 16.14
N ILE B 99 16.24 -14.99 15.34
CA ILE B 99 16.47 -15.98 14.29
C ILE B 99 16.71 -17.38 14.85
N GLU B 100 17.36 -17.47 16.02
CA GLU B 100 17.63 -18.79 16.58
C GLU B 100 16.37 -19.48 17.08
N ARG B 101 15.33 -18.71 17.43
CA ARG B 101 14.05 -19.31 17.75
C ARG B 101 13.30 -19.75 16.51
N LYS B 102 13.45 -19.04 15.39
CA LYS B 102 12.76 -19.41 14.17
C LYS B 102 13.38 -20.64 13.52
N ARG B 103 14.69 -20.87 13.73
CA ARG B 103 15.35 -22.03 13.15
C ARG B 103 14.90 -23.34 13.78
N LYS B 104 14.21 -23.30 14.91
CA LYS B 104 13.62 -24.51 15.48
C LYS B 104 12.53 -25.08 14.57
N PHE B 105 12.00 -24.27 13.64
CA PHE B 105 10.99 -24.70 12.69
C PHE B 105 11.51 -24.72 11.27
N SER B 106 12.83 -24.68 11.09
CA SER B 106 13.42 -24.66 9.77
C SER B 106 13.05 -25.90 8.98
N ASN B 107 12.92 -25.74 7.66
CA ASN B 107 12.65 -26.87 6.78
C ASN B 107 13.92 -27.64 6.40
N LEU B 108 15.07 -27.25 6.94
CA LEU B 108 16.32 -27.99 6.77
C LEU B 108 16.53 -28.77 8.06
N ILE B 109 16.07 -30.02 8.05
CA ILE B 109 16.11 -30.85 9.26
C ILE B 109 17.55 -31.05 9.69
N ASP B 110 17.85 -30.69 10.94
CA ASP B 110 19.19 -30.65 11.51
C ASP B 110 20.11 -29.68 10.78
N GLY B 111 19.55 -28.84 9.89
CA GLY B 111 20.32 -27.85 9.17
C GLY B 111 20.94 -28.30 7.87
N LYS B 112 20.54 -29.45 7.33
CA LYS B 112 21.20 -29.96 6.14
C LYS B 112 20.37 -30.99 5.39
N ASN B 113 19.13 -31.22 5.83
CA ASN B 113 18.25 -32.21 5.18
C ASN B 113 16.94 -31.51 4.82
N PHE B 114 16.81 -31.14 3.55
CA PHE B 114 15.68 -30.33 3.12
C PHE B 114 14.38 -31.13 3.15
N GLN B 115 13.30 -30.43 3.49
CA GLN B 115 11.94 -30.89 3.25
C GLN B 115 11.09 -29.65 2.98
N VAL B 116 9.88 -29.87 2.47
CA VAL B 116 9.03 -28.74 2.08
C VAL B 116 8.48 -28.05 3.33
N GLU B 117 8.00 -28.81 4.30
CA GLU B 117 7.35 -28.24 5.46
C GLU B 117 8.36 -27.61 6.40
N GLY B 118 8.06 -26.40 6.87
CA GLY B 118 8.91 -25.67 7.79
C GLY B 118 9.19 -24.27 7.29
N TYR B 119 10.08 -23.58 7.99
CA TYR B 119 10.44 -22.19 7.70
C TYR B 119 11.76 -22.15 6.93
N GLY B 120 11.74 -21.46 5.80
CA GLY B 120 12.94 -21.32 4.99
C GLY B 120 12.63 -20.86 3.59
N THR B 121 13.14 -21.57 2.59
CA THR B 121 12.80 -21.29 1.20
C THR B 121 12.61 -22.62 0.49
N ASP B 122 12.39 -22.54 -0.82
CA ASP B 122 12.09 -23.73 -1.61
C ASP B 122 13.38 -24.47 -1.96
N ARG B 123 13.22 -25.69 -2.48
CA ARG B 123 14.36 -26.57 -2.69
C ARG B 123 15.36 -25.98 -3.66
N VAL B 124 16.65 -26.02 -3.28
CA VAL B 124 17.74 -25.55 -4.12
C VAL B 124 18.30 -26.77 -4.83
N VAL B 125 17.93 -26.96 -6.09
CA VAL B 125 18.29 -28.19 -6.80
C VAL B 125 19.73 -28.13 -7.28
N THR B 126 20.17 -27.01 -7.83
CA THR B 126 21.50 -26.90 -8.40
C THR B 126 22.24 -25.71 -7.79
N GLN B 127 23.57 -25.76 -7.86
CA GLN B 127 24.40 -24.73 -7.25
C GLN B 127 24.15 -23.37 -7.90
N ASP B 128 23.97 -23.33 -9.20
CA ASP B 128 23.76 -22.08 -9.92
C ASP B 128 22.29 -21.68 -10.01
N GLN B 129 21.42 -22.35 -9.24
CA GLN B 129 20.01 -21.97 -9.19
C GLN B 129 19.85 -20.63 -8.50
N ILE B 130 19.04 -19.75 -9.10
CA ILE B 130 18.85 -18.40 -8.57
C ILE B 130 17.76 -18.42 -7.50
N LEU B 131 18.06 -17.85 -6.33
CA LEU B 131 17.16 -17.91 -5.19
C LEU B 131 16.25 -16.68 -5.16
N ASP B 132 15.07 -16.86 -4.58
CA ASP B 132 14.12 -15.77 -4.42
C ASP B 132 14.49 -14.87 -3.25
N TRP B 133 14.06 -13.62 -3.34
CA TRP B 133 14.27 -12.66 -2.26
C TRP B 133 13.06 -12.70 -1.31
N SER B 134 12.96 -13.80 -0.58
CA SER B 134 11.87 -14.02 0.36
C SER B 134 12.07 -15.32 1.14
N ASP B 135 11.58 -15.35 2.38
CA ASP B 135 11.43 -16.59 3.13
C ASP B 135 9.96 -16.97 3.18
N ARG B 136 9.69 -18.23 3.51
CA ARG B 136 8.30 -18.65 3.65
C ARG B 136 8.20 -19.74 4.70
N LEU B 137 7.05 -19.75 5.37
CA LEU B 137 6.69 -20.77 6.35
C LEU B 137 5.59 -21.63 5.72
N PHE B 138 5.92 -22.89 5.46
CA PHE B 138 5.08 -23.79 4.67
C PHE B 138 4.55 -24.88 5.59
N LEU B 139 3.24 -24.87 5.85
CA LEU B 139 2.62 -25.82 6.77
C LEU B 139 1.46 -26.52 6.08
N ARG B 140 1.32 -27.81 6.38
CA ARG B 140 0.17 -28.58 5.92
C ARG B 140 -1.00 -28.39 6.87
N VAL B 141 -2.16 -28.07 6.32
CA VAL B 141 -3.35 -27.85 7.12
C VAL B 141 -4.42 -28.91 6.91
N GLU B 142 -4.43 -29.61 5.78
CA GLU B 142 -5.38 -30.69 5.53
C GLU B 142 -4.64 -31.87 4.91
N PRO B 143 -5.02 -33.10 5.28
CA PRO B 143 -6.06 -33.38 6.27
C PRO B 143 -5.59 -33.17 7.71
N LYS B 144 -6.54 -32.99 8.63
CA LYS B 144 -6.22 -32.68 10.02
C LYS B 144 -5.27 -33.71 10.62
N GLU B 145 -5.47 -34.99 10.29
CA GLU B 145 -4.72 -36.07 10.93
C GLU B 145 -3.25 -36.05 10.56
N GLU B 146 -2.88 -35.41 9.45
CA GLU B 146 -1.52 -35.44 8.94
C GLU B 146 -0.74 -34.16 9.22
N ARG B 147 -1.25 -33.29 10.10
CA ARG B 147 -0.52 -32.08 10.47
C ARG B 147 0.55 -32.42 11.50
N ASN B 148 1.72 -31.83 11.33
CA ASN B 148 2.83 -32.00 12.27
C ASN B 148 3.00 -30.67 13.01
N LEU B 149 2.40 -30.59 14.20
CA LEU B 149 2.43 -29.38 15.00
C LEU B 149 3.83 -29.02 15.48
N ALA B 150 4.81 -29.92 15.31
CA ALA B 150 6.19 -29.59 15.64
C ALA B 150 6.74 -28.46 14.79
N PHE B 151 6.19 -28.27 13.59
CA PHE B 151 6.58 -27.16 12.72
C PHE B 151 5.64 -25.98 12.81
N TRP B 152 4.53 -26.11 13.54
CA TRP B 152 3.68 -24.96 13.81
C TRP B 152 4.30 -24.14 14.94
N PRO B 153 4.57 -22.86 14.74
CA PRO B 153 5.16 -22.05 15.82
C PRO B 153 4.29 -22.05 17.06
N ASP B 154 4.92 -22.24 18.22
CA ASP B 154 4.22 -22.16 19.49
C ASP B 154 4.32 -20.78 20.14
N HIS B 155 5.10 -19.87 19.55
CA HIS B 155 5.11 -18.47 19.96
C HIS B 155 4.98 -17.61 18.71
N PRO B 156 3.95 -16.76 18.59
CA PRO B 156 2.88 -16.52 19.58
C PRO B 156 1.98 -17.74 19.81
N GLU B 157 1.44 -17.87 21.02
CA GLU B 157 0.75 -19.09 21.40
C GLU B 157 -0.57 -19.26 20.66
N SER B 158 -1.20 -18.16 20.25
CA SER B 158 -2.48 -18.25 19.55
C SER B 158 -2.34 -18.46 18.05
N PHE B 159 -1.12 -18.67 17.56
CA PHE B 159 -0.93 -18.90 16.13
C PHE B 159 -1.63 -20.17 15.67
N ARG B 160 -1.55 -21.24 16.47
CA ARG B 160 -2.13 -22.51 16.06
C ARG B 160 -3.65 -22.44 16.01
N ASP B 161 -4.28 -21.84 17.02
CA ASP B 161 -5.74 -21.77 17.05
C ASP B 161 -6.28 -20.81 16.00
N VAL B 162 -5.58 -19.71 15.75
CA VAL B 162 -6.06 -18.74 14.77
C VAL B 162 -5.89 -19.29 13.35
N LEU B 163 -4.75 -19.91 13.07
CA LEU B 163 -4.57 -20.55 11.76
C LEU B 163 -5.60 -21.66 11.55
N ASN B 164 -5.85 -22.45 12.58
CA ASN B 164 -6.88 -23.48 12.49
C ASN B 164 -8.26 -22.88 12.22
N GLU B 165 -8.53 -21.70 12.79
CA GLU B 165 -9.82 -21.06 12.58
C GLU B 165 -9.92 -20.47 11.18
N TYR B 166 -8.85 -19.83 10.69
CA TYR B 166 -8.86 -19.26 9.35
C TYR B 166 -8.93 -20.33 8.28
N ALA B 167 -8.32 -21.50 8.52
CA ALA B 167 -8.37 -22.58 7.56
C ALA B 167 -9.79 -23.09 7.37
N SER B 168 -10.56 -23.16 8.45
CA SER B 168 -11.92 -23.66 8.33
C SER B 168 -12.83 -22.67 7.61
N ARG B 169 -12.60 -21.37 7.78
CA ARG B 169 -13.41 -20.38 7.09
C ARG B 169 -13.12 -20.37 5.59
N THR B 170 -11.84 -20.48 5.21
CA THR B 170 -11.50 -20.47 3.80
C THR B 170 -11.87 -21.78 3.11
N LYS B 171 -11.85 -22.89 3.85
CA LYS B 171 -12.31 -24.15 3.27
C LYS B 171 -13.79 -24.09 2.93
N ARG B 172 -14.57 -23.37 3.76
CA ARG B 172 -15.96 -23.12 3.40
C ARG B 172 -16.05 -22.30 2.13
N ILE B 173 -15.24 -21.25 2.03
CA ILE B 173 -15.21 -20.43 0.82
C ILE B 173 -14.80 -21.27 -0.38
N ARG B 174 -13.83 -22.16 -0.19
CA ARG B 174 -13.43 -23.08 -1.25
C ARG B 174 -14.63 -23.84 -1.80
N ASP B 175 -15.48 -24.35 -0.91
CA ASP B 175 -16.63 -25.12 -1.35
C ASP B 175 -17.67 -24.25 -2.05
N ASP B 176 -17.84 -23.01 -1.59
CA ASP B 176 -18.78 -22.11 -2.28
C ASP B 176 -18.30 -21.78 -3.68
N ILE B 177 -16.99 -21.54 -3.85
CA ILE B 177 -16.46 -21.24 -5.17
C ILE B 177 -16.51 -22.48 -6.07
N VAL B 178 -16.24 -23.66 -5.50
CA VAL B 178 -16.30 -24.89 -6.28
C VAL B 178 -17.71 -25.12 -6.79
N GLN B 179 -18.71 -24.89 -5.93
CA GLN B 179 -20.11 -25.08 -6.34
C GLN B 179 -20.45 -24.20 -7.53
N ALA B 180 -20.01 -22.95 -7.52
CA ALA B 180 -20.34 -22.04 -8.61
C ALA B 180 -19.63 -22.44 -9.90
N MET B 181 -18.37 -22.86 -9.81
CA MET B 181 -17.62 -23.24 -11.00
C MET B 181 -18.21 -24.47 -11.67
N SER B 182 -18.69 -25.43 -10.87
CA SER B 182 -19.38 -26.58 -11.44
C SER B 182 -20.60 -26.15 -12.24
N LYS B 183 -21.33 -25.14 -11.76
CA LYS B 183 -22.48 -24.64 -12.50
C LYS B 183 -22.07 -23.99 -13.81
N LEU B 184 -20.93 -23.27 -13.80
CA LEU B 184 -20.46 -22.63 -15.02
C LEU B 184 -19.99 -23.66 -16.03
N LEU B 185 -19.38 -24.75 -15.55
CA LEU B 185 -18.90 -25.80 -16.44
C LEU B 185 -20.00 -26.80 -16.79
N GLY B 186 -21.08 -26.84 -16.03
CA GLY B 186 -22.11 -27.83 -16.23
C GLY B 186 -21.78 -29.20 -15.68
N LEU B 187 -20.69 -29.34 -14.94
CA LEU B 187 -20.29 -30.61 -14.36
C LEU B 187 -21.03 -30.88 -13.06
N ASP B 188 -21.02 -32.14 -12.66
CA ASP B 188 -21.60 -32.52 -11.38
C ASP B 188 -20.86 -31.84 -10.23
N GLU B 189 -21.62 -31.49 -9.19
CA GLU B 189 -21.03 -30.87 -8.01
C GLU B 189 -19.96 -31.76 -7.40
N ASP B 190 -20.18 -33.08 -7.41
CA ASP B 190 -19.29 -34.02 -6.72
C ASP B 190 -18.09 -34.43 -7.55
N TYR B 191 -18.02 -34.06 -8.84
CA TYR B 191 -16.82 -34.33 -9.61
C TYR B 191 -15.60 -33.69 -8.95
N PHE B 192 -15.73 -32.43 -8.53
CA PHE B 192 -14.63 -31.75 -7.86
C PHE B 192 -14.51 -32.19 -6.40
N PHE B 193 -15.63 -32.44 -5.73
CA PHE B 193 -15.58 -32.74 -4.31
C PHE B 193 -15.04 -34.15 -4.05
N ASP B 194 -15.32 -35.11 -4.94
CA ASP B 194 -14.70 -36.43 -4.80
C ASP B 194 -13.19 -36.34 -4.88
N ARG B 195 -12.67 -35.40 -5.66
CA ARG B 195 -11.22 -35.21 -5.79
C ARG B 195 -10.65 -34.35 -4.67
N LEU B 196 -11.47 -33.49 -4.05
CA LEU B 196 -11.05 -32.72 -2.90
C LEU B 196 -11.22 -33.47 -1.59
N ASN B 197 -11.89 -34.62 -1.62
CA ASN B 197 -12.11 -35.41 -0.41
C ASN B 197 -10.77 -35.91 0.14
N LYS B 198 -10.47 -35.55 1.38
CA LYS B 198 -9.23 -35.92 2.05
C LYS B 198 -7.99 -35.42 1.31
N ALA B 199 -8.15 -34.41 0.46
CA ALA B 199 -7.06 -33.90 -0.36
C ALA B 199 -6.11 -33.04 0.47
N PRO B 200 -4.86 -32.90 0.03
CA PRO B 200 -3.93 -32.06 0.77
C PRO B 200 -4.26 -30.58 0.63
N ALA B 201 -3.97 -29.82 1.68
CA ALA B 201 -4.10 -28.37 1.66
C ALA B 201 -3.03 -27.78 2.56
N PHE B 202 -2.50 -26.63 2.15
CA PHE B 202 -1.34 -26.04 2.81
C PHE B 202 -1.54 -24.55 3.02
N ALA B 203 -0.87 -24.03 4.04
CA ALA B 203 -0.81 -22.60 4.31
C ALA B 203 0.63 -22.14 4.10
N ARG B 204 0.83 -21.27 3.10
CA ARG B 204 2.14 -20.69 2.81
C ARG B 204 2.13 -19.25 3.29
N PHE B 205 2.94 -18.96 4.31
CA PHE B 205 3.16 -17.60 4.77
C PHE B 205 4.41 -17.07 4.08
N ASN B 206 4.24 -16.06 3.23
CA ASN B 206 5.36 -15.44 2.53
C ASN B 206 5.76 -14.15 3.22
N TYR B 207 7.06 -13.97 3.42
CA TYR B 207 7.63 -12.72 3.92
C TYR B 207 8.60 -12.20 2.87
N TYR B 208 8.21 -11.14 2.17
CA TYR B 208 9.07 -10.49 1.20
C TYR B 208 9.77 -9.32 1.87
N PRO B 209 11.05 -9.42 2.20
CA PRO B 209 11.74 -8.30 2.84
C PRO B 209 12.02 -7.21 1.82
N PRO B 210 12.34 -6.00 2.28
CA PRO B 210 12.82 -4.98 1.33
C PRO B 210 14.15 -5.41 0.73
N CYS B 211 14.39 -4.96 -0.50
CA CYS B 211 15.60 -5.29 -1.23
C CYS B 211 16.27 -4.00 -1.70
N PRO B 212 17.57 -3.82 -1.47
CA PRO B 212 18.24 -2.60 -1.95
C PRO B 212 18.33 -2.50 -3.47
N ARG B 213 18.10 -3.58 -4.19
CA ARG B 213 18.10 -3.58 -5.65
C ARG B 213 16.84 -4.31 -6.14
N PRO B 214 15.70 -3.62 -6.17
CA PRO B 214 14.45 -4.28 -6.57
C PRO B 214 14.44 -4.74 -8.01
N ASP B 215 15.37 -4.26 -8.84
CA ASP B 215 15.42 -4.60 -10.26
C ASP B 215 16.26 -5.84 -10.55
N LEU B 216 16.92 -6.41 -9.54
CA LEU B 216 17.84 -7.52 -9.76
C LEU B 216 17.33 -8.86 -9.24
N VAL B 217 16.29 -8.87 -8.40
CA VAL B 217 15.86 -10.08 -7.71
C VAL B 217 14.36 -10.27 -7.93
N PHE B 218 13.87 -11.42 -7.47
CA PHE B 218 12.45 -11.74 -7.45
C PHE B 218 12.02 -12.05 -6.02
N GLY B 219 10.89 -11.50 -5.61
CA GLY B 219 10.29 -11.89 -4.35
C GLY B 219 9.93 -13.37 -4.39
N VAL B 220 9.09 -13.73 -5.35
CA VAL B 220 8.92 -15.12 -5.75
C VAL B 220 8.98 -15.17 -7.28
N ARG B 221 9.65 -16.19 -7.80
CA ARG B 221 9.91 -16.29 -9.22
C ARG B 221 8.60 -16.48 -10.00
N PRO B 222 8.59 -16.17 -11.29
CA PRO B 222 7.41 -16.47 -12.12
C PRO B 222 7.03 -17.93 -12.00
N HIS B 223 5.74 -18.17 -11.78
CA HIS B 223 5.25 -19.52 -11.56
C HIS B 223 3.74 -19.53 -11.69
N SER B 224 3.20 -20.71 -11.97
CA SER B 224 1.79 -21.00 -11.80
C SER B 224 1.65 -22.00 -10.67
N ASP B 225 0.57 -21.87 -9.90
CA ASP B 225 0.34 -22.82 -8.81
C ASP B 225 -0.11 -24.15 -9.38
N GLY B 226 0.26 -25.23 -8.69
CA GLY B 226 -0.13 -26.57 -9.09
C GLY B 226 -1.38 -27.11 -8.44
N SER B 227 -1.96 -26.35 -7.51
CA SER B 227 -3.14 -26.79 -6.78
C SER B 227 -4.38 -26.71 -7.67
N LEU B 228 -5.54 -27.02 -7.08
CA LEU B 228 -6.81 -26.76 -7.74
C LEU B 228 -7.02 -25.25 -7.88
N PHE B 229 -7.03 -24.53 -6.76
CA PHE B 229 -6.90 -23.08 -6.79
C PHE B 229 -6.37 -22.60 -5.45
N THR B 230 -6.13 -21.29 -5.36
CA THR B 230 -5.44 -20.69 -4.23
C THR B 230 -6.23 -19.53 -3.67
N ILE B 231 -6.31 -19.45 -2.35
CA ILE B 231 -6.94 -18.36 -1.64
C ILE B 231 -5.83 -17.53 -1.01
N LEU B 232 -5.69 -16.28 -1.46
CA LEU B 232 -4.56 -15.42 -1.09
C LEU B 232 -5.04 -14.25 -0.24
N LEU B 233 -4.32 -13.98 0.84
CA LEU B 233 -4.60 -12.86 1.74
C LEU B 233 -3.32 -12.09 1.96
N VAL B 234 -3.38 -10.77 1.78
CA VAL B 234 -2.20 -9.92 1.86
C VAL B 234 -2.42 -8.86 2.92
N ASP B 235 -1.39 -8.63 3.74
CA ASP B 235 -1.46 -7.63 4.80
C ASP B 235 -1.16 -6.25 4.22
N GLU B 236 -2.20 -5.42 4.14
CA GLU B 236 -2.12 -4.04 3.63
C GLU B 236 -1.25 -3.96 2.39
N ASP B 237 -1.74 -4.50 1.27
CA ASP B 237 -0.93 -4.62 0.07
C ASP B 237 -0.64 -3.25 -0.51
N VAL B 238 0.65 -2.98 -0.74
CA VAL B 238 1.07 -1.76 -1.42
C VAL B 238 1.52 -2.01 -2.85
N GLY B 239 1.78 -3.26 -3.23
CA GLY B 239 2.24 -3.60 -4.56
C GLY B 239 3.27 -4.72 -4.49
N GLY B 240 3.49 -5.36 -5.63
CA GLY B 240 4.45 -6.44 -5.71
C GLY B 240 3.97 -7.61 -6.54
N LEU B 241 2.71 -8.00 -6.33
CA LEU B 241 2.14 -9.11 -7.10
C LEU B 241 1.92 -8.68 -8.54
N GLN B 242 2.36 -9.52 -9.49
CA GLN B 242 2.17 -9.28 -10.91
C GLN B 242 1.69 -10.56 -11.56
N ILE B 243 0.65 -10.46 -12.37
CA ILE B 243 0.06 -11.60 -13.05
C ILE B 243 0.22 -11.43 -14.55
N GLN B 244 0.39 -12.54 -15.25
CA GLN B 244 0.69 -12.56 -16.67
C GLN B 244 -0.51 -13.04 -17.47
N ARG B 245 -0.83 -12.32 -18.54
CA ARG B 245 -1.84 -12.73 -19.50
C ARG B 245 -1.26 -12.57 -20.91
N ASP B 246 -1.19 -13.68 -21.64
CA ASP B 246 -0.71 -13.68 -23.03
C ASP B 246 0.68 -13.04 -23.13
N GLY B 247 1.50 -13.21 -22.10
CA GLY B 247 2.86 -12.74 -22.08
C GLY B 247 3.07 -11.42 -21.37
N LYS B 248 2.05 -10.56 -21.35
CA LYS B 248 2.20 -9.25 -20.74
C LYS B 248 1.96 -9.32 -19.23
N TRP B 249 2.65 -8.46 -18.50
CA TRP B 249 2.61 -8.46 -17.05
C TRP B 249 1.76 -7.29 -16.55
N TYR B 250 0.85 -7.59 -15.61
CA TYR B 250 -0.05 -6.60 -15.05
C TYR B 250 0.08 -6.57 -13.54
N ASN B 251 0.18 -5.37 -12.98
CA ASN B 251 0.17 -5.20 -11.54
C ASN B 251 -1.22 -5.52 -10.98
N VAL B 252 -1.24 -6.14 -9.79
CA VAL B 252 -2.49 -6.48 -9.12
C VAL B 252 -2.29 -6.27 -7.62
N GLN B 253 -3.02 -5.32 -7.05
CA GLN B 253 -2.96 -5.01 -5.63
C GLN B 253 -4.16 -5.65 -4.95
N VAL B 254 -3.89 -6.47 -3.92
CA VAL B 254 -4.96 -7.15 -3.20
C VAL B 254 -5.53 -6.19 -2.16
N THR B 255 -6.78 -5.78 -2.36
CA THR B 255 -7.40 -4.79 -1.49
C THR B 255 -7.43 -5.29 -0.05
N PRO B 256 -7.17 -4.44 0.95
CA PRO B 256 -7.35 -4.85 2.34
C PRO B 256 -8.76 -5.35 2.59
N ASN B 257 -8.86 -6.36 3.46
CA ASN B 257 -10.11 -7.05 3.82
C ASN B 257 -10.69 -7.87 2.68
N THR B 258 -9.96 -8.04 1.58
CA THR B 258 -10.44 -8.83 0.46
C THR B 258 -9.50 -10.01 0.22
N LEU B 259 -10.04 -11.06 -0.39
CA LEU B 259 -9.29 -12.26 -0.71
C LEU B 259 -9.06 -12.34 -2.21
N LEU B 260 -7.92 -12.90 -2.59
CA LEU B 260 -7.58 -13.14 -3.99
C LEU B 260 -7.68 -14.64 -4.25
N ILE B 261 -8.42 -15.01 -5.30
CA ILE B 261 -8.59 -16.39 -5.70
C ILE B 261 -8.04 -16.53 -7.11
N ASN B 262 -6.94 -17.26 -7.26
CA ASN B 262 -6.41 -17.61 -8.57
C ASN B 262 -6.44 -19.13 -8.73
N LEU B 263 -6.63 -19.56 -9.98
CA LEU B 263 -6.69 -20.98 -10.27
C LEU B 263 -5.28 -21.57 -10.37
N GLY B 264 -5.20 -22.89 -10.22
CA GLY B 264 -3.95 -23.61 -10.29
C GLY B 264 -3.88 -24.50 -11.52
N ASP B 265 -2.69 -25.07 -11.72
CA ASP B 265 -2.44 -25.89 -12.91
C ASP B 265 -3.32 -27.13 -12.94
N THR B 266 -3.66 -27.69 -11.79
CA THR B 266 -4.53 -28.86 -11.76
C THR B 266 -5.91 -28.52 -12.32
N MET B 267 -6.46 -27.37 -11.92
CA MET B 267 -7.79 -26.98 -12.39
C MET B 267 -7.82 -26.78 -13.90
N GLU B 268 -6.76 -26.18 -14.46
CA GLU B 268 -6.74 -25.93 -15.90
C GLU B 268 -6.81 -27.22 -16.69
N VAL B 269 -6.13 -28.27 -16.22
CA VAL B 269 -6.17 -29.55 -16.90
C VAL B 269 -7.55 -30.18 -16.74
N LEU B 270 -8.11 -30.14 -15.54
CA LEU B 270 -9.39 -30.79 -15.30
C LEU B 270 -10.50 -30.14 -16.12
N CYS B 271 -10.47 -28.82 -16.28
CA CYS B 271 -11.49 -28.11 -17.02
C CYS B 271 -11.14 -27.97 -18.50
N ASN B 272 -10.16 -28.72 -18.98
CA ASN B 272 -9.80 -28.77 -20.41
C ASN B 272 -9.46 -27.39 -20.97
N GLY B 273 -8.85 -26.54 -20.16
CA GLY B 273 -8.44 -25.23 -20.63
C GLY B 273 -9.56 -24.25 -20.86
N ILE B 274 -10.79 -24.56 -20.43
CA ILE B 274 -11.85 -23.55 -20.43
C ILE B 274 -11.44 -22.37 -19.55
N PHE B 275 -10.91 -22.67 -18.36
CA PHE B 275 -10.35 -21.67 -17.47
C PHE B 275 -8.84 -21.78 -17.49
N ARG B 276 -8.17 -20.65 -17.28
CA ARG B 276 -6.72 -20.57 -17.33
C ARG B 276 -6.12 -20.52 -15.94
N SER B 277 -4.88 -21.00 -15.83
CA SER B 277 -4.11 -20.94 -14.59
C SER B 277 -3.05 -19.85 -14.75
N PRO B 278 -3.17 -18.73 -14.04
CA PRO B 278 -2.31 -17.58 -14.32
C PRO B 278 -0.90 -17.76 -13.77
N VAL B 279 0.09 -17.52 -14.62
CA VAL B 279 1.47 -17.36 -14.15
C VAL B 279 1.60 -16.02 -13.48
N HIS B 280 2.24 -16.00 -12.32
CA HIS B 280 2.39 -14.77 -11.54
C HIS B 280 3.75 -14.74 -10.87
N ARG B 281 4.06 -13.58 -10.28
CA ARG B 281 5.33 -13.37 -9.61
C ARG B 281 5.16 -12.22 -8.62
N VAL B 282 6.17 -12.02 -7.78
CA VAL B 282 6.21 -10.91 -6.84
C VAL B 282 7.54 -10.20 -7.00
N VAL B 283 7.49 -8.89 -7.26
CA VAL B 283 8.67 -8.05 -7.29
C VAL B 283 8.78 -7.32 -5.95
N THR B 284 10.01 -7.13 -5.49
CA THR B 284 10.26 -6.48 -4.21
C THR B 284 10.32 -4.97 -4.38
N ASN B 285 10.46 -4.26 -3.26
CA ASN B 285 10.78 -2.85 -3.25
C ASN B 285 11.79 -2.58 -2.15
N ALA B 286 12.35 -1.37 -2.15
CA ALA B 286 13.47 -1.05 -1.27
C ALA B 286 13.03 -0.45 0.06
N GLU B 287 11.74 -0.22 0.28
CA GLU B 287 11.28 0.56 1.42
C GLU B 287 10.68 -0.30 2.53
N ARG B 288 9.76 -1.20 2.21
CA ARG B 288 9.06 -1.94 3.25
C ARG B 288 8.85 -3.39 2.83
N GLU B 289 8.63 -4.23 3.84
CA GLU B 289 8.38 -5.65 3.65
C GLU B 289 6.93 -5.89 3.26
N ARG B 290 6.65 -7.12 2.85
CA ARG B 290 5.33 -7.53 2.42
C ARG B 290 5.05 -8.93 2.96
N ILE B 291 3.85 -9.13 3.47
CA ILE B 291 3.44 -10.40 4.06
C ILE B 291 2.14 -10.85 3.42
N SER B 292 2.13 -12.09 2.92
CA SER B 292 0.94 -12.69 2.32
C SER B 292 0.74 -14.09 2.88
N LEU B 293 -0.50 -14.56 2.80
CA LEU B 293 -0.85 -15.92 3.19
C LEU B 293 -1.62 -16.56 2.04
N ALA B 294 -1.12 -17.68 1.54
CA ALA B 294 -1.75 -18.42 0.46
C ALA B 294 -2.24 -19.76 0.97
N MET B 295 -3.52 -20.03 0.80
CA MET B 295 -4.10 -21.34 1.12
C MET B 295 -4.21 -22.12 -0.17
N LEU B 296 -3.33 -23.11 -0.34
CA LEU B 296 -3.26 -23.91 -1.54
C LEU B 296 -4.03 -25.21 -1.35
N TYR B 297 -4.95 -25.51 -2.27
CA TYR B 297 -5.84 -26.66 -2.15
C TYR B 297 -5.58 -27.61 -3.32
N SER B 298 -4.99 -28.76 -3.03
CA SER B 298 -4.70 -29.77 -4.03
C SER B 298 -5.87 -30.73 -4.18
N VAL B 299 -5.75 -31.67 -5.12
CA VAL B 299 -6.63 -32.82 -5.22
C VAL B 299 -5.92 -34.02 -4.62
N ASN B 300 -6.69 -35.05 -4.28
CA ASN B 300 -6.11 -36.25 -3.69
C ASN B 300 -5.53 -37.14 -4.79
N ASP B 301 -5.12 -38.34 -4.43
CA ASP B 301 -4.40 -39.23 -5.34
C ASP B 301 -5.25 -40.42 -5.78
N GLU B 302 -6.56 -40.22 -5.94
CA GLU B 302 -7.48 -41.30 -6.28
C GLU B 302 -7.70 -41.43 -7.79
N LYS B 303 -7.81 -40.32 -8.50
CA LYS B 303 -8.11 -40.33 -9.92
C LYS B 303 -6.98 -39.66 -10.70
N ASP B 304 -6.83 -40.07 -11.96
CA ASP B 304 -5.82 -39.48 -12.83
C ASP B 304 -6.14 -38.01 -13.12
N ILE B 305 -5.11 -37.25 -13.43
CA ILE B 305 -5.24 -35.83 -13.72
C ILE B 305 -5.49 -35.69 -15.22
N GLY B 306 -6.76 -35.54 -15.59
CA GLY B 306 -7.13 -35.40 -16.98
C GLY B 306 -8.36 -34.54 -17.13
N PRO B 307 -8.62 -34.07 -18.36
CA PRO B 307 -9.84 -33.30 -18.60
C PRO B 307 -11.09 -34.11 -18.25
N ALA B 308 -12.01 -33.47 -17.53
CA ALA B 308 -13.24 -34.12 -17.10
C ALA B 308 -14.01 -34.69 -18.29
N ALA B 309 -14.37 -35.98 -18.18
CA ALA B 309 -15.06 -36.65 -19.27
C ALA B 309 -16.37 -35.98 -19.63
N GLY B 310 -17.00 -35.30 -18.67
CA GLY B 310 -18.22 -34.55 -18.96
C GLY B 310 -18.02 -33.33 -19.84
N LEU B 311 -16.77 -32.93 -20.07
CA LEU B 311 -16.47 -31.80 -20.93
C LEU B 311 -16.03 -32.20 -22.34
N LEU B 312 -15.68 -33.48 -22.54
CA LEU B 312 -15.19 -33.94 -23.83
C LEU B 312 -16.36 -34.45 -24.67
N ASP B 313 -17.20 -33.52 -25.09
CA ASP B 313 -18.22 -33.81 -26.08
C ASP B 313 -17.57 -33.79 -27.47
N GLU B 314 -18.35 -34.16 -28.49
CA GLU B 314 -17.79 -34.28 -29.83
C GLU B 314 -17.33 -32.94 -30.40
N ASN B 315 -17.87 -31.83 -29.92
CA ASN B 315 -17.47 -30.52 -30.41
C ASN B 315 -16.16 -30.05 -29.81
N ARG B 316 -15.77 -30.54 -28.64
CA ARG B 316 -14.58 -30.07 -27.94
C ARG B 316 -13.85 -31.27 -27.33
N PRO B 317 -12.93 -31.87 -28.07
CA PRO B 317 -12.16 -33.00 -27.55
C PRO B 317 -11.09 -32.51 -26.58
N ALA B 318 -10.37 -33.46 -26.00
CA ALA B 318 -9.34 -33.14 -25.01
C ALA B 318 -8.24 -32.29 -25.62
N ARG B 319 -7.77 -31.31 -24.86
CA ARG B 319 -6.61 -30.51 -25.23
C ARG B 319 -5.38 -30.81 -24.38
N TYR B 320 -5.53 -31.56 -23.30
CA TYR B 320 -4.42 -31.96 -22.45
C TYR B 320 -4.38 -33.48 -22.33
N ARG B 321 -3.18 -34.00 -22.10
CA ARG B 321 -3.03 -35.42 -21.83
C ARG B 321 -3.54 -35.76 -20.44
N LYS B 322 -3.97 -37.01 -20.26
CA LYS B 322 -4.33 -37.55 -18.95
C LYS B 322 -3.12 -38.28 -18.40
N VAL B 323 -2.66 -37.86 -17.22
CA VAL B 323 -1.48 -38.44 -16.58
C VAL B 323 -1.82 -38.88 -15.16
N SER B 324 -1.03 -39.81 -14.65
CA SER B 324 -1.16 -40.21 -13.27
C SER B 324 -0.78 -39.06 -12.34
N VAL B 325 -1.28 -39.13 -11.10
CA VAL B 325 -1.05 -38.05 -10.16
C VAL B 325 0.42 -37.94 -9.80
N GLY B 326 1.09 -39.08 -9.62
CA GLY B 326 2.52 -39.06 -9.31
C GLY B 326 3.33 -38.37 -10.39
N GLU B 327 3.08 -38.73 -11.65
CA GLU B 327 3.74 -38.07 -12.76
C GLU B 327 3.41 -36.58 -12.78
N PHE B 328 2.17 -36.22 -12.44
CA PHE B 328 1.78 -34.82 -12.44
C PHE B 328 2.46 -34.06 -11.31
N ARG B 329 2.51 -34.64 -10.11
CA ARG B 329 3.08 -33.94 -8.96
C ARG B 329 4.58 -33.74 -9.11
N ALA B 330 5.27 -34.69 -9.74
CA ALA B 330 6.71 -34.54 -9.93
C ALA B 330 7.03 -33.42 -10.91
N GLY B 331 6.19 -33.23 -11.93
CA GLY B 331 6.43 -32.18 -12.91
C GLY B 331 6.21 -30.80 -12.34
N ILE B 332 5.16 -30.64 -11.55
CA ILE B 332 4.91 -29.35 -10.88
C ILE B 332 6.05 -29.01 -9.94
N PHE B 333 6.55 -30.00 -9.21
CA PHE B 333 7.59 -29.76 -8.22
C PHE B 333 8.94 -29.49 -8.87
N GLY B 334 9.23 -30.16 -9.98
CA GLY B 334 10.53 -30.00 -10.63
C GLY B 334 10.66 -28.77 -11.51
N LYS B 335 9.54 -28.25 -12.02
CA LYS B 335 9.56 -27.12 -12.93
C LYS B 335 9.30 -25.78 -12.25
N PHE B 336 9.09 -25.77 -10.93
CA PHE B 336 8.84 -24.52 -10.23
C PHE B 336 10.07 -23.63 -10.21
N SER B 337 11.23 -24.20 -9.94
CA SER B 337 12.48 -23.46 -9.90
C SER B 337 13.17 -23.39 -11.26
N ARG B 338 12.46 -23.69 -12.34
CA ARG B 338 13.02 -23.69 -13.68
C ARG B 338 12.15 -22.84 -14.60
N ARG B 339 12.71 -22.51 -15.77
CA ARG B 339 12.08 -21.54 -16.65
C ARG B 339 10.79 -22.08 -17.28
N GLU B 340 10.82 -23.34 -17.72
CA GLU B 340 9.70 -23.88 -18.47
C GLU B 340 8.50 -24.14 -17.55
N ARG B 341 7.32 -24.17 -18.17
CA ARG B 341 6.08 -24.54 -17.50
C ARG B 341 5.81 -26.02 -17.73
N TYR B 342 5.47 -26.74 -16.66
CA TYR B 342 5.21 -28.17 -16.81
C TYR B 342 3.91 -28.43 -17.57
N ILE B 343 2.88 -27.63 -17.31
CA ILE B 343 1.56 -27.90 -17.88
C ILE B 343 1.57 -27.80 -19.40
N ASP B 344 2.50 -27.01 -19.96
CA ASP B 344 2.59 -26.89 -21.41
C ASP B 344 2.97 -28.21 -22.05
N SER B 345 3.69 -29.07 -21.34
CA SER B 345 4.07 -30.38 -21.87
C SER B 345 2.90 -31.35 -21.94
N LEU B 346 1.76 -31.01 -21.34
CA LEU B 346 0.57 -31.84 -21.44
C LEU B 346 -0.34 -31.43 -22.60
N LYS B 347 -0.15 -30.24 -23.15
CA LYS B 347 -1.03 -29.74 -24.21
C LYS B 347 -0.82 -30.55 -25.48
N ILE B 348 -1.93 -30.98 -26.09
CA ILE B 348 -1.87 -31.73 -27.33
C ILE B 348 -2.60 -30.97 -28.42
N SER C 3 -20.68 28.78 -28.97
CA SER C 3 -20.99 27.43 -28.52
C SER C 3 -19.82 26.86 -27.71
N TRP C 4 -18.60 27.15 -28.16
CA TRP C 4 -17.39 26.72 -27.47
C TRP C 4 -17.08 27.56 -26.23
N ARG C 5 -17.73 28.72 -26.07
CA ARG C 5 -17.48 29.56 -24.92
C ARG C 5 -18.18 29.06 -23.66
N THR C 6 -19.14 28.14 -23.79
CA THR C 6 -19.89 27.60 -22.66
C THR C 6 -19.71 26.09 -22.63
N PRO C 7 -18.54 25.61 -22.22
CA PRO C 7 -18.28 24.16 -22.27
C PRO C 7 -19.15 23.40 -21.27
N ALA C 8 -19.49 22.18 -21.67
CA ALA C 8 -20.32 21.32 -20.84
C ALA C 8 -19.61 20.97 -19.54
N ILE C 9 -20.40 20.64 -18.52
CA ILE C 9 -19.86 20.15 -17.27
C ILE C 9 -19.64 18.64 -17.41
N VAL C 10 -18.44 18.18 -17.06
CA VAL C 10 -18.02 16.85 -17.47
C VAL C 10 -18.69 15.77 -16.61
N GLN C 11 -19.04 16.09 -15.36
CA GLN C 11 -19.65 15.09 -14.51
C GLN C 11 -20.94 14.54 -15.11
N GLU C 12 -21.76 15.42 -15.69
CA GLU C 12 -23.02 14.97 -16.30
C GLU C 12 -22.81 14.30 -17.64
N LEU C 13 -21.69 14.56 -18.32
CA LEU C 13 -21.37 13.81 -19.53
C LEU C 13 -21.07 12.34 -19.21
N ALA C 14 -20.22 12.12 -18.20
CA ALA C 14 -19.93 10.76 -17.78
C ALA C 14 -21.20 10.06 -17.27
N ALA C 15 -22.05 10.81 -16.55
CA ALA C 15 -23.26 10.22 -16.00
C ALA C 15 -24.27 9.82 -17.06
N ALA C 16 -24.18 10.41 -18.26
CA ALA C 16 -25.09 10.05 -19.34
C ALA C 16 -24.73 8.71 -19.98
N GLY C 17 -23.44 8.37 -20.02
CA GLY C 17 -22.99 7.17 -20.68
C GLY C 17 -22.42 7.47 -22.05
N VAL C 18 -21.72 8.61 -22.16
CA VAL C 18 -21.07 9.02 -23.40
C VAL C 18 -20.21 7.88 -23.92
N GLU C 19 -20.45 7.47 -25.16
CA GLU C 19 -19.74 6.33 -25.72
C GLU C 19 -18.24 6.60 -25.85
N GLU C 20 -17.87 7.87 -26.01
CA GLU C 20 -16.48 8.26 -26.21
C GLU C 20 -16.37 9.76 -25.92
N PRO C 21 -15.22 10.23 -25.48
CA PRO C 21 -15.06 11.66 -25.19
C PRO C 21 -15.28 12.49 -26.44
N PRO C 22 -16.09 13.55 -26.37
CA PRO C 22 -16.22 14.46 -27.50
C PRO C 22 -14.85 15.03 -27.87
N SER C 23 -14.73 15.40 -29.15
CA SER C 23 -13.43 15.79 -29.70
C SER C 23 -12.84 17.01 -29.00
N ARG C 24 -13.64 17.78 -28.26
CA ARG C 24 -13.10 18.93 -27.54
C ARG C 24 -12.16 18.52 -26.42
N TYR C 25 -12.19 17.25 -26.00
CA TYR C 25 -11.34 16.77 -24.93
C TYR C 25 -10.21 15.88 -25.42
N VAL C 26 -10.15 15.56 -26.71
CA VAL C 26 -9.22 14.59 -27.24
C VAL C 26 -7.91 15.27 -27.59
N LEU C 27 -6.81 14.76 -27.03
CA LEU C 27 -5.49 15.37 -27.19
C LEU C 27 -4.90 15.00 -28.56
N GLY C 28 -3.84 15.75 -28.92
CA GLY C 28 -3.08 15.41 -30.09
C GLY C 28 -2.21 14.18 -29.88
N GLU C 29 -1.71 13.63 -30.98
CA GLU C 29 -0.93 12.40 -30.90
C GLU C 29 0.36 12.59 -30.14
N LYS C 30 0.90 13.81 -30.12
CA LYS C 30 2.12 14.06 -29.35
C LYS C 30 1.88 13.93 -27.86
N ASP C 31 0.74 14.42 -27.37
CA ASP C 31 0.42 14.27 -25.95
C ASP C 31 -0.03 12.85 -25.62
N ARG C 32 -0.62 12.14 -26.59
CA ARG C 32 -1.08 10.78 -26.33
C ARG C 32 0.07 9.84 -26.06
N SER C 33 1.21 10.03 -26.72
CA SER C 33 2.35 9.13 -26.53
C SER C 33 2.98 9.25 -25.15
N ASP C 34 2.78 10.39 -24.47
CA ASP C 34 3.39 10.63 -23.18
C ASP C 34 2.43 10.38 -22.01
N GLU C 35 1.12 10.46 -22.24
CA GLU C 35 0.14 10.44 -21.16
C GLU C 35 -0.32 9.04 -20.79
N LEU C 36 -0.06 8.03 -21.61
CA LEU C 36 -0.64 6.71 -21.38
C LEU C 36 -0.14 6.10 -20.07
N VAL C 37 1.17 6.10 -19.86
CA VAL C 37 1.78 5.48 -18.67
C VAL C 37 2.82 6.43 -18.10
N ALA C 38 2.89 6.47 -16.78
CA ALA C 38 3.95 7.18 -16.06
C ALA C 38 4.82 6.19 -15.32
N ALA C 39 6.11 6.51 -15.22
CA ALA C 39 7.02 5.67 -14.47
C ALA C 39 6.72 5.74 -12.98
N GLU C 40 7.22 4.75 -12.25
CA GLU C 40 7.04 4.76 -10.80
C GLU C 40 8.14 5.58 -10.14
N LEU C 41 7.75 6.37 -9.14
CA LEU C 41 8.69 7.20 -8.42
C LEU C 41 9.81 6.33 -7.85
N PRO C 42 11.10 6.90 -7.80
CA PRO C 42 12.11 6.10 -7.08
C PRO C 42 11.68 5.71 -5.67
N GLU C 43 12.51 4.87 -5.02
CA GLU C 43 12.10 4.18 -3.81
C GLU C 43 11.61 5.15 -2.75
N PRO C 44 12.30 6.36 -2.66
CA PRO C 44 11.74 7.28 -1.65
C PRO C 44 10.85 8.37 -2.23
N ILE C 45 9.62 8.47 -1.72
CA ILE C 45 8.69 9.54 -2.06
C ILE C 45 8.60 10.40 -0.82
N PRO C 46 8.75 11.71 -0.96
CA PRO C 46 9.12 12.53 0.21
C PRO C 46 8.00 12.73 1.17
N VAL C 47 8.23 12.52 2.43
CA VAL C 47 7.30 12.89 3.45
C VAL C 47 7.97 13.69 4.50
N VAL C 48 7.23 14.57 5.05
CA VAL C 48 7.76 15.42 6.11
C VAL C 48 6.77 15.38 7.29
N ASP C 49 7.29 15.05 8.47
CA ASP C 49 6.48 15.07 9.68
C ASP C 49 6.47 16.49 10.24
N LEU C 50 5.28 17.05 10.42
CA LEU C 50 5.17 18.44 10.86
C LEU C 50 5.41 18.60 12.36
N SER C 51 5.01 17.62 13.17
CA SER C 51 5.13 17.75 14.62
C SER C 51 6.57 17.79 15.10
N ARG C 52 7.52 17.37 14.25
CA ARG C 52 8.94 17.44 14.59
C ARG C 52 9.76 18.11 13.50
N LEU C 53 9.12 18.97 12.69
CA LEU C 53 9.83 19.67 11.63
C LEU C 53 10.92 20.58 12.17
N ALA C 54 10.84 20.97 13.44
CA ALA C 54 11.91 21.77 14.05
C ALA C 54 13.22 21.00 14.10
N GLY C 55 13.18 19.67 14.07
CA GLY C 55 14.41 18.89 14.12
C GLY C 55 15.27 19.12 12.89
N ALA C 56 16.58 18.95 13.08
CA ALA C 56 17.51 19.14 11.97
C ALA C 56 17.39 18.03 10.94
N ASP C 57 17.20 16.78 11.41
CA ASP C 57 17.05 15.66 10.49
C ASP C 57 15.78 15.81 9.65
N GLU C 58 14.72 16.37 10.25
CA GLU C 58 13.48 16.56 9.51
C GLU C 58 13.62 17.68 8.49
N ALA C 59 14.19 18.81 8.90
CA ALA C 59 14.43 19.91 7.97
C ALA C 59 15.34 19.48 6.82
N ALA C 60 16.28 18.58 7.09
CA ALA C 60 17.11 18.03 6.02
C ALA C 60 16.25 17.29 5.00
N LYS C 61 15.25 16.55 5.46
CA LYS C 61 14.33 15.89 4.52
C LYS C 61 13.52 16.91 3.73
N LEU C 62 13.08 17.99 4.39
CA LEU C 62 12.32 19.02 3.70
C LEU C 62 13.15 19.68 2.62
N ARG C 63 14.43 19.95 2.90
CA ARG C 63 15.30 20.55 1.89
C ARG C 63 15.47 19.62 0.69
N ALA C 64 15.67 18.33 0.94
CA ALA C 64 15.80 17.38 -0.16
C ALA C 64 14.54 17.33 -1.01
N ALA C 65 13.37 17.36 -0.36
CA ALA C 65 12.12 17.30 -1.10
C ALA C 65 11.93 18.52 -1.98
N LEU C 66 12.21 19.72 -1.45
CA LEU C 66 11.97 20.94 -2.22
C LEU C 66 12.99 21.12 -3.34
N GLN C 67 14.25 20.77 -3.08
CA GLN C 67 15.28 20.98 -4.09
C GLN C 67 15.26 19.92 -5.19
N ASN C 68 14.81 18.71 -4.87
CA ASN C 68 14.85 17.60 -5.84
C ASN C 68 13.52 17.34 -6.51
N TRP C 69 12.41 17.49 -5.81
CA TRP C 69 11.10 17.19 -6.37
C TRP C 69 10.14 18.37 -6.40
N GLY C 70 10.26 19.31 -5.48
CA GLY C 70 9.33 20.42 -5.42
C GLY C 70 8.02 20.11 -4.71
N PHE C 71 7.91 18.96 -4.05
CA PHE C 71 6.70 18.57 -3.34
C PHE C 71 7.07 17.59 -2.25
N PHE C 72 6.12 17.35 -1.35
CA PHE C 72 6.28 16.36 -0.30
C PHE C 72 4.93 16.11 0.34
N LEU C 73 4.80 14.96 0.99
CA LEU C 73 3.63 14.65 1.80
C LEU C 73 3.85 15.18 3.22
N LEU C 74 2.77 15.64 3.83
CA LEU C 74 2.81 16.16 5.19
C LEU C 74 1.98 15.26 6.10
N THR C 75 2.62 14.68 7.10
CA THR C 75 1.98 13.84 8.09
C THR C 75 2.05 14.49 9.46
N ASN C 76 1.17 14.05 10.36
CA ASN C 76 1.07 14.58 11.72
C ASN C 76 0.93 16.11 11.68
N HIS C 77 0.00 16.57 10.85
CA HIS C 77 -0.20 17.99 10.59
C HIS C 77 -1.21 18.64 11.52
N GLY C 78 -1.83 17.88 12.42
CA GLY C 78 -2.76 18.43 13.40
C GLY C 78 -4.19 18.55 12.91
N VAL C 79 -4.41 18.62 11.60
CA VAL C 79 -5.78 18.72 11.08
C VAL C 79 -6.50 17.41 11.38
N GLU C 80 -7.58 17.49 12.16
CA GLU C 80 -8.27 16.28 12.59
C GLU C 80 -8.89 15.54 11.41
N THR C 81 -8.89 14.21 11.51
CA THR C 81 -9.44 13.37 10.45
C THR C 81 -10.91 13.66 10.20
N SER C 82 -11.67 13.90 11.27
CA SER C 82 -13.10 14.20 11.12
C SER C 82 -13.34 15.52 10.42
N LEU C 83 -12.35 16.40 10.36
CA LEU C 83 -12.44 17.64 9.62
C LEU C 83 -12.08 17.45 8.14
N MET C 84 -11.06 16.65 7.86
CA MET C 84 -10.70 16.37 6.47
C MET C 84 -11.78 15.55 5.77
N ASP C 85 -12.38 14.59 6.48
CA ASP C 85 -13.46 13.82 5.87
C ASP C 85 -14.68 14.68 5.61
N ASP C 86 -14.99 15.60 6.53
CA ASP C 86 -16.20 16.41 6.40
C ASP C 86 -16.15 17.27 5.15
N VAL C 87 -15.04 18.00 4.95
CA VAL C 87 -14.95 18.91 3.81
C VAL C 87 -14.95 18.12 2.50
N LEU C 88 -14.31 16.94 2.48
CA LEU C 88 -14.34 16.10 1.29
C LEU C 88 -15.75 15.61 1.00
N ASN C 89 -16.44 15.11 2.03
CA ASN C 89 -17.77 14.55 1.82
C ASN C 89 -18.79 15.63 1.46
N LEU C 90 -18.67 16.81 2.07
CA LEU C 90 -19.60 17.89 1.73
C LEU C 90 -19.38 18.36 0.30
N ALA C 91 -18.13 18.35 -0.17
CA ALA C 91 -17.86 18.62 -1.57
C ALA C 91 -18.53 17.57 -2.45
N ARG C 92 -18.44 16.29 -2.05
CA ARG C 92 -19.10 15.23 -2.81
C ARG C 92 -20.60 15.44 -2.83
N GLU C 93 -21.19 15.88 -1.71
CA GLU C 93 -22.63 16.10 -1.66
C GLU C 93 -23.05 17.27 -2.54
N PHE C 94 -22.16 18.25 -2.76
CA PHE C 94 -22.49 19.33 -3.68
C PHE C 94 -22.45 18.85 -5.13
N PHE C 95 -21.44 18.06 -5.48
CA PHE C 95 -21.31 17.58 -6.86
C PHE C 95 -22.43 16.61 -7.23
N ASN C 96 -22.89 15.82 -6.28
CA ASN C 96 -23.96 14.84 -6.53
C ASN C 96 -25.36 15.45 -6.45
N GLN C 97 -25.47 16.78 -6.44
CA GLN C 97 -26.77 17.43 -6.47
C GLN C 97 -27.28 17.53 -7.90
N PRO C 98 -28.60 17.64 -8.08
CA PRO C 98 -29.15 17.84 -9.43
C PRO C 98 -28.50 19.01 -10.13
N ILE C 99 -28.27 18.86 -11.44
CA ILE C 99 -27.48 19.83 -12.19
C ILE C 99 -28.11 21.23 -12.10
N GLU C 100 -29.45 21.29 -12.08
CA GLU C 100 -30.12 22.59 -12.05
C GLU C 100 -29.77 23.38 -10.79
N ARG C 101 -29.55 22.69 -9.67
CA ARG C 101 -29.12 23.38 -8.45
C ARG C 101 -27.67 23.84 -8.57
N LYS C 102 -26.82 23.02 -9.18
CA LYS C 102 -25.40 23.35 -9.28
C LYS C 102 -25.15 24.49 -10.26
N ARG C 103 -25.97 24.61 -11.29
CA ARG C 103 -25.77 25.67 -12.28
C ARG C 103 -26.09 27.05 -11.73
N LYS C 104 -26.72 27.14 -10.56
CA LYS C 104 -26.89 28.44 -9.92
C LYS C 104 -25.59 28.98 -9.36
N PHE C 105 -24.60 28.11 -9.17
CA PHE C 105 -23.26 28.52 -8.76
C PHE C 105 -22.27 28.49 -9.91
N SER C 106 -22.77 28.52 -11.14
CA SER C 106 -21.90 28.45 -12.31
C SER C 106 -20.97 29.65 -12.37
N ASN C 107 -19.78 29.43 -12.92
CA ASN C 107 -18.83 30.51 -13.18
C ASN C 107 -19.09 31.20 -14.51
N LEU C 108 -20.06 30.73 -15.28
CA LEU C 108 -20.54 31.41 -16.49
C LEU C 108 -21.68 32.32 -16.07
N ILE C 109 -21.38 33.61 -15.90
CA ILE C 109 -22.38 34.55 -15.39
C ILE C 109 -23.50 34.69 -16.41
N ASP C 110 -24.73 34.44 -15.98
CA ASP C 110 -25.91 34.36 -16.85
C ASP C 110 -25.73 33.28 -17.93
N GLY C 111 -24.83 32.33 -17.68
CA GLY C 111 -24.53 31.30 -18.66
C GLY C 111 -23.76 31.77 -19.87
N LYS C 112 -23.26 33.00 -19.87
CA LYS C 112 -22.64 33.56 -21.07
C LYS C 112 -21.24 34.12 -20.84
N ASN C 113 -21.04 34.86 -19.75
CA ASN C 113 -19.78 35.57 -19.51
C ASN C 113 -18.98 34.85 -18.42
N PHE C 114 -17.69 34.64 -18.68
CA PHE C 114 -16.85 33.82 -17.83
C PHE C 114 -16.21 34.63 -16.71
N GLN C 115 -16.05 33.98 -15.55
CA GLN C 115 -15.18 34.45 -14.48
C GLN C 115 -14.63 33.22 -13.76
N VAL C 116 -13.52 33.43 -13.06
CA VAL C 116 -12.80 32.29 -12.47
C VAL C 116 -13.63 31.68 -11.33
N GLU C 117 -14.11 32.51 -10.42
CA GLU C 117 -14.84 32.00 -9.26
C GLU C 117 -16.19 31.43 -9.69
N GLY C 118 -16.48 30.22 -9.22
CA GLY C 118 -17.72 29.54 -9.54
C GLY C 118 -17.49 28.12 -10.02
N TYR C 119 -18.59 27.41 -10.19
CA TYR C 119 -18.58 26.01 -10.56
C TYR C 119 -18.56 25.87 -12.08
N GLY C 120 -17.55 25.20 -12.60
CA GLY C 120 -17.42 24.99 -14.03
C GLY C 120 -16.05 24.49 -14.41
N THR C 121 -15.41 25.15 -15.37
CA THR C 121 -14.07 24.80 -15.80
C THR C 121 -13.31 26.09 -16.12
N ASP C 122 -12.03 25.93 -16.46
CA ASP C 122 -11.17 27.10 -16.67
C ASP C 122 -11.55 27.81 -17.97
N ARG C 123 -10.87 28.93 -18.22
CA ARG C 123 -11.24 29.83 -19.30
C ARG C 123 -10.93 29.21 -20.66
N VAL C 124 -11.90 29.27 -21.58
CA VAL C 124 -11.74 28.78 -22.94
C VAL C 124 -11.38 29.97 -23.82
N VAL C 125 -10.16 29.96 -24.35
CA VAL C 125 -9.64 31.11 -25.09
C VAL C 125 -9.98 31.01 -26.57
N THR C 126 -9.76 29.84 -27.18
CA THR C 126 -9.98 29.67 -28.61
C THR C 126 -10.89 28.48 -28.87
N GLN C 127 -11.46 28.45 -30.08
CA GLN C 127 -12.35 27.37 -30.47
C GLN C 127 -11.67 26.01 -30.43
N ASP C 128 -10.38 25.97 -30.75
CA ASP C 128 -9.65 24.71 -30.84
C ASP C 128 -8.97 24.30 -29.54
N GLN C 129 -9.10 25.09 -28.48
CA GLN C 129 -8.49 24.74 -27.20
C GLN C 129 -9.09 23.45 -26.64
N ILE C 130 -8.23 22.50 -26.32
CA ILE C 130 -8.67 21.19 -25.85
C ILE C 130 -9.04 21.26 -24.38
N LEU C 131 -10.23 20.76 -24.05
CA LEU C 131 -10.76 20.88 -22.69
C LEU C 131 -10.25 19.74 -21.80
N ASP C 132 -10.22 20.02 -20.50
CA ASP C 132 -9.89 19.00 -19.50
C ASP C 132 -11.12 18.16 -19.15
N TRP C 133 -10.86 16.90 -18.81
CA TRP C 133 -11.92 15.99 -18.38
C TRP C 133 -12.13 16.09 -16.88
N SER C 134 -12.64 17.25 -16.46
CA SER C 134 -12.92 17.51 -15.05
C SER C 134 -13.68 18.81 -14.93
N ASP C 135 -14.45 18.92 -13.85
CA ASP C 135 -15.07 20.17 -13.43
C ASP C 135 -14.44 20.58 -12.10
N ARG C 136 -14.46 21.89 -11.82
CA ARG C 136 -13.95 22.37 -10.55
C ARG C 136 -14.85 23.46 -10.00
N LEU C 137 -14.90 23.53 -8.67
CA LEU C 137 -15.55 24.61 -7.94
C LEU C 137 -14.45 25.48 -7.37
N PHE C 138 -14.29 26.68 -7.93
CA PHE C 138 -13.21 27.60 -7.57
C PHE C 138 -13.79 28.70 -6.68
N LEU C 139 -13.28 28.80 -5.46
CA LEU C 139 -13.79 29.74 -4.48
C LEU C 139 -12.64 30.49 -3.82
N ARG C 140 -12.83 31.79 -3.61
CA ARG C 140 -11.88 32.62 -2.90
C ARG C 140 -12.15 32.55 -1.40
N VAL C 141 -11.09 32.38 -0.60
CA VAL C 141 -11.26 32.20 0.83
C VAL C 141 -10.56 33.32 1.60
N GLU C 142 -9.46 33.84 1.05
CA GLU C 142 -8.75 34.93 1.70
C GLU C 142 -8.51 36.05 0.69
N PRO C 143 -8.68 37.32 1.10
CA PRO C 143 -9.14 37.71 2.44
C PRO C 143 -10.63 37.47 2.62
N LYS C 144 -11.07 37.23 3.86
CA LYS C 144 -12.48 36.94 4.09
C LYS C 144 -13.38 38.08 3.64
N GLU C 145 -12.85 39.31 3.62
CA GLU C 145 -13.65 40.46 3.20
C GLU C 145 -14.11 40.35 1.76
N GLU C 146 -13.30 39.73 0.89
CA GLU C 146 -13.61 39.63 -0.52
C GLU C 146 -14.32 38.32 -0.88
N ARG C 147 -14.75 37.55 0.11
CA ARG C 147 -15.51 36.34 -0.16
C ARG C 147 -16.85 36.69 -0.79
N ASN C 148 -17.21 35.94 -1.83
CA ASN C 148 -18.52 36.08 -2.49
C ASN C 148 -19.33 34.84 -2.12
N LEU C 149 -20.12 34.96 -1.05
CA LEU C 149 -20.94 33.85 -0.58
C LEU C 149 -22.03 33.44 -1.57
N ALA C 150 -22.30 34.26 -2.60
CA ALA C 150 -23.27 33.87 -3.62
C ALA C 150 -22.84 32.62 -4.37
N PHE C 151 -21.53 32.34 -4.41
CA PHE C 151 -21.00 31.17 -5.07
C PHE C 151 -20.66 30.04 -4.11
N TRP C 152 -20.75 30.27 -2.81
CA TRP C 152 -20.56 29.20 -1.85
C TRP C 152 -21.83 28.36 -1.77
N PRO C 153 -21.75 27.04 -1.94
CA PRO C 153 -22.96 26.21 -1.95
C PRO C 153 -23.70 26.28 -0.63
N ASP C 154 -25.00 26.53 -0.71
CA ASP C 154 -25.85 26.59 0.47
C ASP C 154 -26.45 25.25 0.84
N HIS C 155 -26.38 24.26 -0.04
CA HIS C 155 -26.77 22.88 0.27
C HIS C 155 -25.63 21.99 -0.16
N PRO C 156 -25.00 21.22 0.75
CA PRO C 156 -25.30 21.05 2.18
C PRO C 156 -25.12 22.33 3.01
N GLU C 157 -25.96 22.50 4.03
CA GLU C 157 -26.05 23.77 4.72
C GLU C 157 -24.78 24.12 5.48
N SER C 158 -24.02 23.12 5.92
CA SER C 158 -22.81 23.36 6.69
C SER C 158 -21.55 23.40 5.83
N PHE C 159 -21.70 23.54 4.51
CA PHE C 159 -20.53 23.62 3.64
C PHE C 159 -19.70 24.86 3.96
N ARG C 160 -20.35 26.00 4.15
CA ARG C 160 -19.63 27.26 4.33
C ARG C 160 -18.84 27.27 5.64
N ASP C 161 -19.40 26.66 6.69
CA ASP C 161 -18.73 26.67 7.98
C ASP C 161 -17.57 25.66 8.02
N VAL C 162 -17.74 24.51 7.38
CA VAL C 162 -16.68 23.51 7.38
C VAL C 162 -15.51 23.96 6.52
N LEU C 163 -15.81 24.58 5.37
CA LEU C 163 -14.73 25.15 4.55
C LEU C 163 -14.03 26.27 5.29
N ASN C 164 -14.79 27.15 5.96
CA ASN C 164 -14.18 28.20 6.76
C ASN C 164 -13.29 27.63 7.86
N GLU C 165 -13.70 26.50 8.45
CA GLU C 165 -12.90 25.89 9.50
C GLU C 165 -11.68 25.17 8.92
N TYR C 166 -11.84 24.52 7.77
CA TYR C 166 -10.70 23.87 7.12
C TYR C 166 -9.70 24.91 6.60
N ALA C 167 -10.20 26.04 6.09
CA ALA C 167 -9.32 27.05 5.54
C ALA C 167 -8.42 27.65 6.61
N SER C 168 -8.96 27.90 7.81
CA SER C 168 -8.13 28.45 8.88
C SER C 168 -7.09 27.45 9.35
N ARG C 169 -7.41 26.15 9.33
CA ARG C 169 -6.45 25.15 9.78
C ARG C 169 -5.29 25.01 8.80
N THR C 170 -5.57 25.02 7.50
CA THR C 170 -4.49 24.91 6.52
C THR C 170 -3.67 26.19 6.44
N LYS C 171 -4.30 27.34 6.68
CA LYS C 171 -3.53 28.58 6.77
C LYS C 171 -2.53 28.52 7.92
N ARG C 172 -2.91 27.86 9.01
CA ARG C 172 -1.96 27.57 10.09
C ARG C 172 -0.83 26.68 9.60
N ILE C 173 -1.15 25.70 8.75
CA ILE C 173 -0.10 24.86 8.16
C ILE C 173 0.79 25.69 7.25
N ARG C 174 0.19 26.61 6.50
CA ARG C 174 0.97 27.47 5.61
C ARG C 174 2.05 28.22 6.37
N ASP C 175 1.69 28.81 7.51
CA ASP C 175 2.65 29.60 8.26
C ASP C 175 3.74 28.74 8.89
N ASP C 176 3.42 27.50 9.25
CA ASP C 176 4.44 26.61 9.79
C ASP C 176 5.44 26.20 8.71
N ILE C 177 4.96 25.93 7.50
CA ILE C 177 5.86 25.57 6.40
C ILE C 177 6.73 26.76 6.00
N VAL C 178 6.16 27.97 6.02
CA VAL C 178 6.93 29.17 5.70
C VAL C 178 8.12 29.30 6.63
N GLN C 179 7.89 29.08 7.94
CA GLN C 179 8.96 29.24 8.92
C GLN C 179 10.12 28.27 8.65
N ALA C 180 9.79 27.02 8.31
CA ALA C 180 10.84 26.04 8.06
C ALA C 180 11.60 26.37 6.77
N MET C 181 10.88 26.83 5.74
CA MET C 181 11.55 27.19 4.49
C MET C 181 12.42 28.43 4.65
N SER C 182 12.03 29.35 5.53
CA SER C 182 12.86 30.53 5.78
C SER C 182 14.18 30.15 6.42
N LYS C 183 14.18 29.12 7.26
CA LYS C 183 15.43 28.67 7.87
C LYS C 183 16.30 27.92 6.86
N LEU C 184 15.68 27.13 5.98
CA LEU C 184 16.44 26.43 4.96
C LEU C 184 17.09 27.40 3.99
N LEU C 185 16.38 28.46 3.62
CA LEU C 185 16.94 29.48 2.75
C LEU C 185 17.81 30.49 3.49
N GLY C 186 17.75 30.51 4.82
CA GLY C 186 18.51 31.48 5.58
C GLY C 186 17.99 32.90 5.49
N LEU C 187 16.74 33.08 5.10
CA LEU C 187 16.14 34.40 4.95
C LEU C 187 15.50 34.84 6.27
N ASP C 188 14.84 35.99 6.23
CA ASP C 188 14.09 36.49 7.37
C ASP C 188 12.65 36.01 7.29
N GLU C 189 12.10 35.66 8.45
CA GLU C 189 10.74 35.13 8.53
C GLU C 189 9.73 36.04 7.84
N ASP C 190 9.84 37.34 8.09
CA ASP C 190 8.86 38.31 7.60
C ASP C 190 9.01 38.63 6.12
N TYR C 191 10.07 38.15 5.46
CA TYR C 191 10.15 38.32 4.01
C TYR C 191 8.92 37.70 3.34
N PHE C 192 8.52 36.51 3.78
CA PHE C 192 7.33 35.88 3.23
C PHE C 192 6.06 36.42 3.86
N PHE C 193 6.05 36.59 5.17
CA PHE C 193 4.82 36.99 5.86
C PHE C 193 4.35 38.38 5.45
N ASP C 194 5.29 39.29 5.15
CA ASP C 194 4.91 40.57 4.57
C ASP C 194 4.21 40.37 3.23
N ARG C 195 4.69 39.43 2.42
CA ARG C 195 4.09 39.15 1.12
C ARG C 195 2.84 38.26 1.23
N LEU C 196 2.59 37.67 2.38
CA LEU C 196 1.38 36.89 2.62
C LEU C 196 0.32 37.68 3.36
N ASN C 197 0.59 38.92 3.72
CA ASN C 197 -0.36 39.73 4.46
C ASN C 197 -1.50 40.16 3.55
N LYS C 198 -2.73 39.86 3.96
CA LYS C 198 -3.94 40.17 3.18
C LYS C 198 -3.83 39.64 1.75
N ALA C 199 -3.15 38.49 1.59
CA ALA C 199 -2.85 37.89 0.30
C ALA C 199 -3.99 37.00 -0.17
N PRO C 200 -4.17 36.87 -1.48
CA PRO C 200 -5.23 36.00 -2.00
C PRO C 200 -4.97 34.54 -1.65
N ALA C 201 -6.06 33.81 -1.47
CA ALA C 201 -6.02 32.37 -1.25
C ALA C 201 -7.32 31.76 -1.75
N PHE C 202 -7.24 30.54 -2.26
CA PHE C 202 -8.35 29.94 -2.96
C PHE C 202 -8.48 28.47 -2.63
N ALA C 203 -9.71 27.98 -2.64
CA ALA C 203 -10.02 26.57 -2.49
C ALA C 203 -10.52 26.05 -3.83
N ARG C 204 -9.82 25.06 -4.39
CA ARG C 204 -10.19 24.47 -5.66
C ARG C 204 -10.66 23.04 -5.42
N PHE C 205 -11.96 22.82 -5.57
CA PHE C 205 -12.55 21.49 -5.49
C PHE C 205 -12.55 20.89 -6.90
N ASN C 206 -11.73 19.88 -7.12
CA ASN C 206 -11.64 19.24 -8.43
C ASN C 206 -12.45 17.94 -8.42
N TYR C 207 -13.31 17.78 -9.43
CA TYR C 207 -14.05 16.54 -9.65
C TYR C 207 -13.57 15.95 -10.98
N TYR C 208 -12.94 14.78 -10.91
CA TYR C 208 -12.48 14.06 -12.10
C TYR C 208 -13.40 12.88 -12.34
N PRO C 209 -14.37 12.98 -13.24
CA PRO C 209 -15.28 11.85 -13.48
C PRO C 209 -14.55 10.72 -14.18
N PRO C 210 -15.09 9.50 -14.12
CA PRO C 210 -14.52 8.44 -14.96
C PRO C 210 -14.68 8.79 -16.44
N CYS C 211 -13.72 8.31 -17.24
CA CYS C 211 -13.74 8.59 -18.66
C CYS C 211 -13.76 7.30 -19.46
N PRO C 212 -14.57 7.22 -20.52
CA PRO C 212 -14.59 5.99 -21.33
C PRO C 212 -13.31 5.74 -22.10
N ARG C 213 -12.49 6.75 -22.33
CA ARG C 213 -11.22 6.62 -23.03
C ARG C 213 -10.15 7.36 -22.23
N PRO C 214 -9.60 6.73 -21.19
CA PRO C 214 -8.60 7.42 -20.36
C PRO C 214 -7.30 7.71 -21.08
N ASP C 215 -7.13 7.23 -22.31
CA ASP C 215 -5.91 7.42 -23.08
C ASP C 215 -5.97 8.60 -24.03
N LEU C 216 -7.07 9.37 -24.03
CA LEU C 216 -7.26 10.46 -24.98
C LEU C 216 -7.44 11.82 -24.31
N VAL C 217 -7.57 11.89 -22.99
CA VAL C 217 -7.92 13.12 -22.30
C VAL C 217 -6.99 13.31 -21.10
N PHE C 218 -7.10 14.48 -20.49
CA PHE C 218 -6.47 14.78 -19.21
C PHE C 218 -7.55 15.15 -18.21
N GLY C 219 -7.33 14.77 -16.95
CA GLY C 219 -8.18 15.26 -15.87
C GLY C 219 -7.89 16.73 -15.67
N VAL C 220 -6.63 17.06 -15.41
CA VAL C 220 -6.12 18.41 -15.50
C VAL C 220 -4.85 18.37 -16.34
N ARG C 221 -4.68 19.37 -17.20
CA ARG C 221 -3.58 19.38 -18.14
C ARG C 221 -2.25 19.54 -17.40
N PRO C 222 -1.14 19.21 -18.05
CA PRO C 222 0.18 19.49 -17.45
C PRO C 222 0.32 20.98 -17.15
N HIS C 223 0.72 21.28 -15.93
CA HIS C 223 0.81 22.66 -15.47
C HIS C 223 1.62 22.72 -14.18
N SER C 224 2.16 23.89 -13.91
CA SER C 224 2.68 24.23 -12.61
C SER C 224 1.76 25.26 -11.97
N ASP C 225 1.63 25.19 -10.66
CA ASP C 225 0.79 26.17 -9.96
C ASP C 225 1.49 27.52 -9.95
N GLY C 226 0.68 28.58 -9.99
CA GLY C 226 1.18 29.95 -9.89
C GLY C 226 1.24 30.50 -8.49
N SER C 227 0.72 29.75 -7.52
CA SER C 227 0.67 30.20 -6.14
C SER C 227 2.07 30.21 -5.54
N LEU C 228 2.13 30.46 -4.23
CA LEU C 228 3.36 30.24 -3.46
C LEU C 228 3.45 28.78 -3.01
N PHE C 229 2.45 28.32 -2.26
CA PHE C 229 2.28 26.93 -1.90
C PHE C 229 0.93 26.44 -2.39
N THR C 230 0.80 25.11 -2.44
CA THR C 230 -0.49 24.47 -2.68
C THR C 230 -0.62 23.30 -1.72
N ILE C 231 -1.59 23.38 -0.82
CA ILE C 231 -1.90 22.31 0.11
C ILE C 231 -3.02 21.49 -0.52
N LEU C 232 -2.72 20.24 -0.87
CA LEU C 232 -3.65 19.39 -1.60
C LEU C 232 -4.18 18.29 -0.68
N LEU C 233 -5.50 18.07 -0.75
CA LEU C 233 -6.17 17.01 -0.01
C LEU C 233 -6.98 16.18 -1.01
N VAL C 234 -6.86 14.86 -0.93
CA VAL C 234 -7.46 13.95 -1.90
C VAL C 234 -8.33 12.94 -1.16
N ASP C 235 -9.49 12.62 -1.76
CA ASP C 235 -10.44 11.68 -1.18
C ASP C 235 -10.15 10.28 -1.72
N GLU C 236 -9.57 9.43 -0.88
CA GLU C 236 -9.33 8.02 -1.18
C GLU C 236 -8.64 7.86 -2.53
N ASP C 237 -7.40 8.37 -2.60
CA ASP C 237 -6.67 8.46 -3.85
C ASP C 237 -6.33 7.07 -4.36
N VAL C 238 -6.97 6.66 -5.46
CA VAL C 238 -6.60 5.42 -6.14
C VAL C 238 -5.52 5.65 -7.19
N GLY C 239 -5.30 6.90 -7.60
CA GLY C 239 -4.33 7.21 -8.63
C GLY C 239 -4.80 8.35 -9.53
N GLY C 240 -3.89 8.87 -10.33
CA GLY C 240 -4.23 9.94 -11.25
C GLY C 240 -3.22 11.06 -11.30
N LEU C 241 -2.76 11.51 -10.14
CA LEU C 241 -1.82 12.62 -10.06
C LEU C 241 -0.44 12.17 -10.50
N GLN C 242 0.13 12.86 -11.48
CA GLN C 242 1.45 12.56 -12.00
C GLN C 242 2.31 13.80 -11.97
N ILE C 243 3.57 13.64 -11.59
CA ILE C 243 4.54 14.74 -11.50
C ILE C 243 5.62 14.52 -12.55
N GLN C 244 6.14 15.62 -13.09
CA GLN C 244 7.20 15.57 -14.09
C GLN C 244 8.52 16.03 -13.47
N ARG C 245 9.60 15.35 -13.84
CA ARG C 245 10.93 15.70 -13.35
C ARG C 245 11.93 15.34 -14.44
N ASP C 246 12.53 16.38 -15.05
CA ASP C 246 13.48 16.22 -16.14
C ASP C 246 12.89 15.39 -17.28
N GLY C 247 11.68 15.78 -17.71
CA GLY C 247 11.04 15.12 -18.84
C GLY C 247 10.21 13.91 -18.46
N LYS C 248 10.70 13.10 -17.53
CA LYS C 248 10.00 11.89 -17.13
C LYS C 248 8.78 12.23 -16.28
N TRP C 249 7.74 11.41 -16.41
CA TRP C 249 6.54 11.53 -15.60
C TRP C 249 6.52 10.43 -14.55
N TYR C 250 6.15 10.78 -13.33
CA TYR C 250 6.14 9.85 -12.20
C TYR C 250 4.78 9.87 -11.52
N ASN C 251 4.26 8.68 -11.23
CA ASN C 251 3.00 8.58 -10.50
C ASN C 251 3.22 8.90 -9.03
N VAL C 252 2.25 9.60 -8.44
CA VAL C 252 2.24 9.89 -7.01
C VAL C 252 0.84 9.67 -6.48
N GLN C 253 0.73 9.13 -5.27
CA GLN C 253 -0.57 8.82 -4.67
C GLN C 253 -0.63 9.46 -3.29
N VAL C 254 -1.57 10.37 -3.11
CA VAL C 254 -1.70 11.11 -1.85
C VAL C 254 -2.39 10.19 -0.85
N THR C 255 -1.63 9.72 0.13
CA THR C 255 -2.15 8.79 1.13
C THR C 255 -3.37 9.40 1.85
N PRO C 256 -4.40 8.61 2.13
CA PRO C 256 -5.50 9.13 2.95
C PRO C 256 -5.02 9.58 4.31
N ASN C 257 -5.68 10.62 4.83
CA ASN C 257 -5.34 11.31 6.08
C ASN C 257 -4.05 12.12 5.98
N THR C 258 -3.52 12.31 4.78
CA THR C 258 -2.31 13.09 4.60
C THR C 258 -2.57 14.24 3.63
N LEU C 259 -1.73 15.27 3.73
CA LEU C 259 -1.75 16.41 2.83
C LEU C 259 -0.52 16.39 1.94
N LEU C 260 -0.69 16.82 0.70
CA LEU C 260 0.43 17.03 -0.20
C LEU C 260 0.70 18.52 -0.28
N ILE C 261 1.98 18.89 -0.20
CA ILE C 261 2.41 20.28 -0.31
C ILE C 261 3.37 20.36 -1.49
N ASN C 262 2.94 21.03 -2.55
CA ASN C 262 3.81 21.29 -3.69
C ASN C 262 4.01 22.79 -3.86
N LEU C 263 5.19 23.16 -4.33
CA LEU C 263 5.53 24.56 -4.50
C LEU C 263 4.95 25.10 -5.80
N GLY C 264 4.71 26.41 -5.82
CA GLY C 264 4.19 27.09 -6.99
C GLY C 264 5.25 27.95 -7.67
N ASP C 265 4.86 28.48 -8.83
CA ASP C 265 5.81 29.23 -9.66
C ASP C 265 6.28 30.50 -8.99
N THR C 266 5.50 31.07 -8.07
CA THR C 266 5.93 32.28 -7.39
C THR C 266 7.08 31.99 -6.43
N MET C 267 7.03 30.83 -5.75
CA MET C 267 8.11 30.48 -4.83
C MET C 267 9.40 30.21 -5.58
N GLU C 268 9.33 29.55 -6.74
CA GLU C 268 10.54 29.26 -7.51
C GLU C 268 11.27 30.54 -7.86
N VAL C 269 10.55 31.57 -8.30
CA VAL C 269 11.18 32.84 -8.65
C VAL C 269 11.77 33.50 -7.40
N LEU C 270 10.98 33.55 -6.33
CA LEU C 270 11.43 34.23 -5.12
C LEU C 270 12.66 33.54 -4.51
N CYS C 271 12.65 32.20 -4.48
CA CYS C 271 13.78 31.46 -3.92
C CYS C 271 14.91 31.27 -4.92
N ASN C 272 14.85 31.93 -6.08
CA ASN C 272 15.94 31.97 -7.06
C ASN C 272 16.31 30.58 -7.55
N GLY C 273 15.30 29.73 -7.75
CA GLY C 273 15.55 28.41 -8.29
C GLY C 273 16.31 27.46 -7.38
N ILE C 274 16.53 27.83 -6.12
CA ILE C 274 17.06 26.87 -5.15
C ILE C 274 16.08 25.71 -4.99
N PHE C 275 14.80 26.05 -4.82
CA PHE C 275 13.72 25.08 -4.82
C PHE C 275 13.00 25.13 -6.15
N ARG C 276 12.36 24.02 -6.51
CA ARG C 276 11.73 23.89 -7.82
C ARG C 276 10.21 23.82 -7.69
N SER C 277 9.54 24.22 -8.77
CA SER C 277 8.08 24.17 -8.85
C SER C 277 7.68 23.08 -9.84
N PRO C 278 7.12 21.96 -9.38
CA PRO C 278 6.96 20.79 -10.26
C PRO C 278 5.75 20.92 -11.17
N VAL C 279 5.95 20.68 -12.46
CA VAL C 279 4.85 20.54 -13.39
C VAL C 279 4.15 19.21 -13.13
N HIS C 280 2.82 19.24 -13.06
CA HIS C 280 2.06 18.06 -12.72
C HIS C 280 0.78 18.00 -13.55
N ARG C 281 0.16 16.82 -13.54
CA ARG C 281 -1.07 16.58 -14.27
C ARG C 281 -1.88 15.54 -13.53
N VAL C 282 -3.10 15.31 -14.02
CA VAL C 282 -3.99 14.28 -13.50
C VAL C 282 -4.54 13.50 -14.68
N VAL C 283 -4.24 12.22 -14.74
CA VAL C 283 -4.85 11.35 -15.74
C VAL C 283 -6.09 10.72 -15.14
N THR C 284 -7.04 10.37 -16.00
CA THR C 284 -8.30 9.79 -15.56
C THR C 284 -8.22 8.27 -15.63
N ASN C 285 -9.29 7.62 -15.20
CA ASN C 285 -9.47 6.19 -15.39
C ASN C 285 -10.93 5.95 -15.76
N ALA C 286 -11.22 4.73 -16.19
CA ALA C 286 -12.56 4.41 -16.70
C ALA C 286 -13.50 3.88 -15.64
N GLU C 287 -13.08 3.78 -14.39
CA GLU C 287 -13.87 3.12 -13.36
C GLU C 287 -14.47 4.09 -12.36
N ARG C 288 -13.65 4.86 -11.65
CA ARG C 288 -14.10 5.60 -10.49
C ARG C 288 -13.77 7.08 -10.62
N GLU C 289 -14.62 7.92 -10.04
CA GLU C 289 -14.36 9.35 -10.01
C GLU C 289 -13.23 9.66 -9.04
N ARG C 290 -12.82 10.92 -9.03
CA ARG C 290 -11.73 11.38 -8.17
C ARG C 290 -12.06 12.78 -7.70
N ILE C 291 -11.90 13.03 -6.41
CA ILE C 291 -12.20 14.34 -5.81
C ILE C 291 -11.02 14.78 -4.97
N SER C 292 -10.57 16.02 -5.19
CA SER C 292 -9.50 16.60 -4.40
C SER C 292 -9.85 18.05 -4.07
N LEU C 293 -9.20 18.55 -3.02
CA LEU C 293 -9.32 19.95 -2.64
C LEU C 293 -7.91 20.52 -2.52
N ALA C 294 -7.63 21.58 -3.29
CA ALA C 294 -6.34 22.25 -3.26
C ALA C 294 -6.51 23.65 -2.68
N MET C 295 -5.67 23.98 -1.70
CA MET C 295 -5.63 25.32 -1.13
C MET C 295 -4.43 26.05 -1.73
N LEU C 296 -4.71 27.10 -2.49
CA LEU C 296 -3.70 27.80 -3.28
C LEU C 296 -3.42 29.15 -2.65
N TYR C 297 -2.21 29.33 -2.14
CA TYR C 297 -1.81 30.55 -1.45
C TYR C 297 -0.82 31.31 -2.32
N SER C 298 -1.20 32.50 -2.75
CA SER C 298 -0.34 33.39 -3.53
C SER C 298 0.08 34.57 -2.67
N VAL C 299 0.99 35.39 -3.22
CA VAL C 299 1.45 36.58 -2.54
C VAL C 299 0.53 37.75 -2.88
N ASN C 300 0.66 38.85 -2.16
CA ASN C 300 -0.13 40.04 -2.45
C ASN C 300 0.55 40.86 -3.54
N ASP C 301 0.02 42.05 -3.81
CA ASP C 301 0.49 42.90 -4.90
C ASP C 301 1.40 44.03 -4.41
N GLU C 302 2.08 43.83 -3.28
CA GLU C 302 2.95 44.88 -2.74
C GLU C 302 4.29 44.92 -3.45
N LYS C 303 5.05 43.84 -3.37
CA LYS C 303 6.38 43.76 -3.96
C LYS C 303 6.33 43.10 -5.33
N ASP C 304 7.33 43.39 -6.15
CA ASP C 304 7.44 42.73 -7.44
C ASP C 304 7.93 41.29 -7.27
N ILE C 305 7.70 40.49 -8.30
CA ILE C 305 8.04 39.07 -8.26
C ILE C 305 9.47 38.92 -8.79
N GLY C 306 10.40 38.68 -7.86
CA GLY C 306 11.79 38.51 -8.21
C GLY C 306 12.58 37.85 -7.10
N PRO C 307 13.78 37.39 -7.41
CA PRO C 307 14.60 36.70 -6.39
C PRO C 307 14.86 37.57 -5.17
N ALA C 308 14.75 36.95 -4.00
CA ALA C 308 15.02 37.64 -2.74
C ALA C 308 16.44 38.16 -2.72
N ALA C 309 16.60 39.44 -2.33
CA ALA C 309 17.92 40.06 -2.36
C ALA C 309 18.90 39.39 -1.41
N GLY C 310 18.41 38.82 -0.31
CA GLY C 310 19.27 38.10 0.61
C GLY C 310 19.87 36.83 0.04
N LEU C 311 19.26 36.27 -1.01
CA LEU C 311 19.78 35.09 -1.68
C LEU C 311 20.76 35.43 -2.78
N LEU C 312 20.94 36.70 -3.12
CA LEU C 312 21.73 37.09 -4.29
C LEU C 312 23.12 37.57 -3.87
N ASP C 313 23.89 36.66 -3.29
CA ASP C 313 25.28 36.95 -2.97
C ASP C 313 26.12 36.89 -4.26
N GLU C 314 27.43 37.04 -4.11
CA GLU C 314 28.31 37.03 -5.28
C GLU C 314 28.49 35.65 -5.87
N ASN C 315 28.30 34.59 -5.08
CA ASN C 315 28.47 33.24 -5.60
C ASN C 315 27.28 32.81 -6.45
N ARG C 316 26.08 33.20 -6.07
CA ARG C 316 24.85 32.81 -6.76
C ARG C 316 24.06 34.07 -7.06
N PRO C 317 24.24 34.65 -8.25
CA PRO C 317 23.50 35.86 -8.62
C PRO C 317 22.12 35.50 -9.18
N ALA C 318 21.38 36.55 -9.55
CA ALA C 318 20.00 36.37 -9.99
C ALA C 318 19.92 35.43 -11.18
N ARG C 319 19.07 34.41 -11.05
CA ARG C 319 18.81 33.48 -12.15
C ARG C 319 17.50 33.76 -12.85
N TYR C 320 16.61 34.55 -12.25
CA TYR C 320 15.34 34.92 -12.85
C TYR C 320 15.24 36.44 -12.91
N ARG C 321 14.53 36.93 -13.92
CA ARG C 321 14.26 38.35 -14.02
C ARG C 321 13.24 38.79 -12.99
N LYS C 322 13.30 40.05 -12.59
CA LYS C 322 12.32 40.62 -11.67
C LYS C 322 11.26 41.37 -12.48
N VAL C 323 10.01 40.91 -12.36
CA VAL C 323 8.90 41.47 -13.11
C VAL C 323 7.86 42.02 -12.14
N SER C 324 7.02 42.92 -12.67
CA SER C 324 5.88 43.41 -11.91
C SER C 324 4.90 42.27 -11.62
N VAL C 325 4.04 42.49 -10.62
CA VAL C 325 3.05 41.47 -10.27
C VAL C 325 2.04 41.31 -11.39
N GLY C 326 1.56 42.42 -11.95
CA GLY C 326 0.58 42.34 -13.03
C GLY C 326 1.10 41.58 -14.23
N GLU C 327 2.36 41.84 -14.62
CA GLU C 327 2.96 41.08 -15.70
C GLU C 327 3.13 39.62 -15.32
N PHE C 328 3.37 39.34 -14.04
CA PHE C 328 3.48 37.95 -13.59
C PHE C 328 2.11 37.27 -13.60
N ARG C 329 1.08 37.95 -13.09
CA ARG C 329 -0.25 37.35 -13.01
C ARG C 329 -0.85 37.13 -14.40
N ALA C 330 -0.51 37.98 -15.36
CA ALA C 330 -1.06 37.83 -16.70
C ALA C 330 -0.46 36.64 -17.43
N GLY C 331 0.84 36.39 -17.23
CA GLY C 331 1.49 35.30 -17.93
C GLY C 331 1.06 33.93 -17.44
N ILE C 332 0.90 33.78 -16.12
CA ILE C 332 0.50 32.50 -15.56
C ILE C 332 -0.95 32.20 -15.89
N PHE C 333 -1.80 33.22 -15.89
CA PHE C 333 -3.21 33.01 -16.18
C PHE C 333 -3.44 32.67 -17.65
N GLY C 334 -2.53 33.11 -18.54
CA GLY C 334 -2.71 32.90 -19.95
C GLY C 334 -2.02 31.66 -20.50
N LYS C 335 -0.95 31.24 -19.84
CA LYS C 335 -0.18 30.07 -20.28
C LYS C 335 -0.69 28.76 -19.69
N PHE C 336 -1.70 28.82 -18.81
CA PHE C 336 -2.24 27.59 -18.23
C PHE C 336 -2.92 26.73 -19.30
N SER C 337 -3.66 27.36 -20.22
CA SER C 337 -4.29 26.63 -21.31
C SER C 337 -3.34 26.41 -22.48
N ARG C 338 -2.16 27.03 -22.47
CA ARG C 338 -1.18 26.87 -23.52
C ARG C 338 -0.16 25.80 -23.15
N ARG C 339 0.69 25.45 -24.11
CA ARG C 339 1.66 24.39 -23.91
C ARG C 339 2.89 24.88 -23.15
N GLU C 340 3.48 25.97 -23.62
CA GLU C 340 4.71 26.50 -23.02
C GLU C 340 4.46 26.98 -21.59
N ARG C 341 5.54 27.03 -20.82
CA ARG C 341 5.52 27.37 -19.41
C ARG C 341 6.05 28.79 -19.24
N TYR C 342 5.23 29.67 -18.65
CA TYR C 342 5.57 31.09 -18.60
C TYR C 342 6.84 31.37 -17.80
N ILE C 343 7.08 30.58 -16.75
CA ILE C 343 8.21 30.86 -15.86
C ILE C 343 9.54 30.67 -16.57
N ASP C 344 9.59 29.77 -17.56
CA ASP C 344 10.82 29.56 -18.31
C ASP C 344 11.30 30.85 -18.99
N SER C 345 10.37 31.75 -19.33
CA SER C 345 10.74 33.00 -19.98
C SER C 345 11.40 33.99 -19.02
N LEU C 346 11.44 33.69 -17.72
CA LEU C 346 12.11 34.55 -16.76
C LEU C 346 13.56 34.16 -16.53
N LYS C 347 13.92 32.91 -16.82
CA LYS C 347 15.27 32.42 -16.53
C LYS C 347 16.30 33.21 -17.32
N ILE C 348 17.32 33.71 -16.63
CA ILE C 348 18.39 34.46 -17.27
C ILE C 348 19.72 33.72 -17.08
N ASP D 1 10.41 57.28 0.55
CA ASP D 1 11.69 57.96 0.42
C ASP D 1 12.64 57.15 -0.48
N GLU D 2 13.12 56.03 0.06
CA GLU D 2 14.03 55.10 -0.62
C GLU D 2 15.35 55.75 -1.03
N SER D 3 15.66 56.95 -0.51
CA SER D 3 16.93 57.58 -0.83
C SER D 3 18.10 56.86 -0.17
N TRP D 4 17.83 56.03 0.85
CA TRP D 4 18.88 55.27 1.52
C TRP D 4 19.35 54.07 0.70
N ARG D 5 18.50 53.56 -0.20
CA ARG D 5 18.89 52.40 -0.98
C ARG D 5 19.97 52.72 -2.01
N THR D 6 20.16 54.00 -2.35
CA THR D 6 21.16 54.43 -3.32
C THR D 6 22.22 55.26 -2.60
N PRO D 7 23.27 54.64 -2.05
CA PRO D 7 24.27 55.40 -1.31
C PRO D 7 25.23 56.13 -2.24
N ALA D 8 25.90 57.13 -1.67
CA ALA D 8 26.77 58.00 -2.44
C ALA D 8 28.14 57.36 -2.65
N ILE D 9 28.90 57.94 -3.58
CA ILE D 9 30.28 57.54 -3.83
C ILE D 9 31.17 58.32 -2.87
N VAL D 10 31.79 57.63 -1.93
CA VAL D 10 32.51 58.31 -0.85
C VAL D 10 33.74 59.04 -1.38
N GLN D 11 34.38 58.52 -2.42
CA GLN D 11 35.53 59.20 -3.00
C GLN D 11 35.18 60.60 -3.47
N GLU D 12 33.96 60.78 -3.99
CA GLU D 12 33.52 62.09 -4.46
C GLU D 12 33.07 62.99 -3.32
N LEU D 13 32.51 62.41 -2.25
CA LEU D 13 32.24 63.19 -1.05
C LEU D 13 33.52 63.80 -0.48
N ALA D 14 34.58 62.99 -0.39
CA ALA D 14 35.84 63.48 0.16
C ALA D 14 36.44 64.56 -0.74
N ALA D 15 36.42 64.35 -2.06
CA ALA D 15 36.96 65.34 -2.98
C ALA D 15 36.18 66.65 -2.95
N ALA D 16 34.90 66.60 -2.56
CA ALA D 16 34.12 67.81 -2.38
C ALA D 16 34.56 68.64 -1.19
N GLY D 17 35.38 68.07 -0.30
CA GLY D 17 35.74 68.76 0.93
C GLY D 17 34.63 68.76 1.95
N VAL D 18 33.85 67.68 2.03
CA VAL D 18 32.74 67.62 2.98
C VAL D 18 33.26 67.88 4.38
N GLU D 19 32.60 68.78 5.11
CA GLU D 19 33.13 69.25 6.37
C GLU D 19 33.17 68.15 7.42
N GLU D 20 32.24 67.22 7.37
CA GLU D 20 32.18 66.12 8.33
C GLU D 20 31.42 64.98 7.67
N PRO D 21 31.65 63.73 8.08
CA PRO D 21 30.91 62.62 7.50
C PRO D 21 29.42 62.77 7.77
N PRO D 22 28.58 62.58 6.75
CA PRO D 22 27.14 62.57 6.99
C PRO D 22 26.75 61.52 8.01
N SER D 23 25.56 61.69 8.59
CA SER D 23 25.09 60.80 9.64
C SER D 23 25.04 59.34 9.20
N ARG D 24 24.93 59.08 7.90
CA ARG D 24 24.86 57.71 7.41
C ARG D 24 26.13 56.93 7.66
N TYR D 25 27.27 57.61 7.86
CA TYR D 25 28.55 56.95 8.06
C TYR D 25 29.04 57.01 9.50
N VAL D 26 28.31 57.67 10.40
CA VAL D 26 28.76 57.90 11.75
C VAL D 26 28.37 56.73 12.64
N LEU D 27 29.34 56.16 13.34
CA LEU D 27 29.15 54.97 14.15
C LEU D 27 28.47 55.31 15.47
N GLY D 28 27.86 54.28 16.07
CA GLY D 28 27.32 54.44 17.39
C GLY D 28 28.41 54.63 18.43
N GLU D 29 27.99 55.13 19.60
CA GLU D 29 28.94 55.38 20.67
C GLU D 29 29.58 54.08 21.16
N LYS D 30 28.84 52.97 21.14
CA LYS D 30 29.39 51.70 21.61
C LYS D 30 30.47 51.19 20.67
N ASP D 31 30.28 51.38 19.36
CA ASP D 31 31.23 50.88 18.37
C ASP D 31 32.36 51.86 18.09
N ARG D 32 32.28 53.09 18.58
CA ARG D 32 33.27 54.12 18.28
C ARG D 32 34.50 54.03 19.17
N SER D 33 34.31 53.70 20.45
CA SER D 33 35.44 53.58 21.37
C SER D 33 36.36 52.40 21.06
N ASP D 34 35.95 51.51 20.14
CA ASP D 34 36.77 50.37 19.77
C ASP D 34 37.70 50.65 18.61
N GLU D 35 37.40 51.66 17.80
CA GLU D 35 38.11 51.88 16.54
C GLU D 35 39.29 52.84 16.67
N LEU D 36 39.17 53.86 17.52
CA LEU D 36 40.11 54.97 17.52
C LEU D 36 41.56 54.52 17.69
N VAL D 37 41.80 53.42 18.42
CA VAL D 37 43.15 52.97 18.72
C VAL D 37 43.18 51.45 18.71
N ALA D 38 44.21 50.89 18.08
CA ALA D 38 44.54 49.47 18.18
C ALA D 38 46.00 49.34 18.61
N ALA D 39 46.37 48.14 19.03
CA ALA D 39 47.69 47.88 19.58
C ALA D 39 48.64 47.36 18.49
N GLU D 40 49.93 47.35 18.83
CA GLU D 40 50.91 46.77 17.92
C GLU D 40 51.00 45.26 18.13
N LEU D 41 51.47 44.58 17.09
CA LEU D 41 51.54 43.13 17.14
C LEU D 41 52.58 42.67 18.15
N PRO D 42 52.24 41.79 19.09
CA PRO D 42 53.27 41.18 19.95
C PRO D 42 54.24 40.37 19.11
N GLU D 43 55.45 40.89 18.93
CA GLU D 43 56.49 40.38 18.04
C GLU D 43 56.60 38.87 18.06
N PRO D 44 56.81 38.23 16.90
CA PRO D 44 56.93 38.86 15.59
C PRO D 44 55.66 38.74 14.73
N ILE D 45 55.64 39.47 13.62
CA ILE D 45 54.49 39.46 12.71
C ILE D 45 54.63 38.29 11.75
N PRO D 46 53.57 37.51 11.51
CA PRO D 46 53.72 36.28 10.72
C PRO D 46 54.14 36.54 9.29
N VAL D 47 55.20 35.86 8.86
CA VAL D 47 55.70 35.92 7.49
C VAL D 47 56.05 34.49 7.06
N VAL D 48 55.67 34.13 5.85
CA VAL D 48 55.99 32.83 5.27
C VAL D 48 56.70 33.05 3.94
N ASP D 49 57.94 32.59 3.86
CA ASP D 49 58.72 32.66 2.62
C ASP D 49 58.28 31.53 1.70
N LEU D 50 57.71 31.88 0.54
CA LEU D 50 57.09 30.87 -0.32
C LEU D 50 58.13 29.99 -0.99
N SER D 51 59.26 30.57 -1.41
CA SER D 51 60.29 29.82 -2.13
C SER D 51 60.87 28.67 -1.32
N ARG D 52 60.61 28.62 -0.01
CA ARG D 52 61.11 27.55 0.84
C ARG D 52 60.00 26.91 1.66
N LEU D 53 58.75 26.99 1.18
CA LEU D 53 57.63 26.41 1.90
C LEU D 53 57.71 24.89 1.97
N ALA D 54 58.55 24.27 1.14
CA ALA D 54 58.75 22.83 1.21
C ALA D 54 59.57 22.42 2.43
N GLY D 55 60.32 23.34 3.01
CA GLY D 55 61.10 23.03 4.20
C GLY D 55 60.24 23.01 5.45
N ALA D 56 60.56 22.08 6.35
CA ALA D 56 59.74 21.88 7.55
C ALA D 56 59.75 23.11 8.45
N ASP D 57 60.81 23.92 8.40
CA ASP D 57 60.87 25.10 9.25
C ASP D 57 59.87 26.16 8.79
N GLU D 58 59.72 26.33 7.48
CA GLU D 58 58.69 27.24 6.97
C GLU D 58 57.30 26.69 7.23
N ALA D 59 57.13 25.37 7.12
CA ALA D 59 55.83 24.78 7.40
C ALA D 59 55.39 25.03 8.84
N ALA D 60 56.32 24.89 9.79
CA ALA D 60 56.00 25.18 11.18
C ALA D 60 55.66 26.65 11.38
N LYS D 61 56.37 27.55 10.68
CA LYS D 61 56.01 28.96 10.70
C LYS D 61 54.59 29.17 10.17
N LEU D 62 54.29 28.57 9.02
CA LEU D 62 52.95 28.64 8.47
C LEU D 62 51.91 28.09 9.45
N ARG D 63 52.22 26.98 10.11
CA ARG D 63 51.30 26.42 11.10
C ARG D 63 51.04 27.40 12.22
N ALA D 64 52.11 28.02 12.75
CA ALA D 64 51.95 28.99 13.84
C ALA D 64 51.12 30.19 13.38
N ALA D 65 51.38 30.68 12.17
CA ALA D 65 50.66 31.84 11.67
C ALA D 65 49.17 31.56 11.53
N LEU D 66 48.81 30.38 11.01
CA LEU D 66 47.41 30.07 10.78
C LEU D 66 46.69 29.69 12.07
N GLN D 67 47.37 28.99 12.98
CA GLN D 67 46.71 28.56 14.21
C GLN D 67 46.55 29.72 15.19
N ASN D 68 47.56 30.59 15.29
CA ASN D 68 47.53 31.66 16.28
C ASN D 68 46.91 32.95 15.75
N TRP D 69 47.00 33.21 14.45
CA TRP D 69 46.53 34.48 13.90
C TRP D 69 45.53 34.31 12.78
N GLY D 70 45.68 33.29 11.94
CA GLY D 70 44.81 33.14 10.81
C GLY D 70 45.22 33.93 9.59
N PHE D 71 46.37 34.59 9.62
CA PHE D 71 46.87 35.35 8.49
C PHE D 71 48.38 35.37 8.54
N PHE D 72 48.99 35.71 7.40
CA PHE D 72 50.44 35.80 7.31
C PHE D 72 50.82 36.61 6.07
N LEU D 73 52.02 37.18 6.11
CA LEU D 73 52.57 37.91 4.97
C LEU D 73 53.41 36.95 4.13
N LEU D 74 53.14 36.92 2.83
CA LEU D 74 53.88 36.06 1.90
C LEU D 74 55.00 36.85 1.25
N THR D 75 56.23 36.37 1.40
CA THR D 75 57.39 36.94 0.73
C THR D 75 57.95 35.93 -0.27
N ASN D 76 58.68 36.45 -1.25
CA ASN D 76 59.27 35.63 -2.31
C ASN D 76 58.21 34.81 -3.04
N HIS D 77 57.13 35.50 -3.43
CA HIS D 77 55.97 34.87 -4.02
C HIS D 77 56.08 34.66 -5.53
N GLY D 78 57.13 35.20 -6.16
CA GLY D 78 57.34 35.04 -7.58
C GLY D 78 56.63 36.07 -8.45
N VAL D 79 55.61 36.75 -7.92
CA VAL D 79 54.89 37.74 -8.71
C VAL D 79 55.79 38.93 -8.99
N GLU D 80 55.89 39.31 -10.26
CA GLU D 80 56.76 40.42 -10.65
C GLU D 80 56.28 41.72 -10.03
N THR D 81 57.24 42.51 -9.55
CA THR D 81 56.92 43.80 -8.94
C THR D 81 56.18 44.71 -9.92
N SER D 82 56.60 44.70 -11.18
CA SER D 82 55.94 45.51 -12.20
C SER D 82 54.48 45.12 -12.37
N LEU D 83 54.16 43.84 -12.20
CA LEU D 83 52.78 43.40 -12.29
C LEU D 83 51.95 43.90 -11.12
N MET D 84 52.50 43.82 -9.90
CA MET D 84 51.77 44.28 -8.73
C MET D 84 51.54 45.78 -8.77
N ASP D 85 52.51 46.53 -9.28
CA ASP D 85 52.33 47.97 -9.42
C ASP D 85 51.28 48.30 -10.48
N ASP D 86 51.26 47.52 -11.57
CA ASP D 86 50.38 47.84 -12.69
C ASP D 86 48.92 47.69 -12.30
N VAL D 87 48.56 46.55 -11.68
CA VAL D 87 47.17 46.30 -11.32
C VAL D 87 46.69 47.32 -10.29
N LEU D 88 47.62 47.86 -9.49
CA LEU D 88 47.26 48.92 -8.54
C LEU D 88 47.15 50.28 -9.24
N ASN D 89 48.12 50.59 -10.11
CA ASN D 89 48.09 51.86 -10.82
C ASN D 89 46.88 51.94 -11.77
N LEU D 90 46.58 50.86 -12.48
CA LEU D 90 45.43 50.86 -13.37
C LEU D 90 44.13 50.96 -12.58
N ALA D 91 44.08 50.34 -11.40
CA ALA D 91 42.93 50.51 -10.52
C ALA D 91 42.80 51.96 -10.07
N ARG D 92 43.93 52.59 -9.74
CA ARG D 92 43.90 54.00 -9.34
C ARG D 92 43.44 54.90 -10.47
N GLU D 93 43.78 54.55 -11.72
CA GLU D 93 43.34 55.35 -12.85
C GLU D 93 41.84 55.25 -13.07
N PHE D 94 41.24 54.09 -12.79
CA PHE D 94 39.79 53.98 -12.92
C PHE D 94 39.06 54.81 -11.89
N PHE D 95 39.49 54.72 -10.62
CA PHE D 95 38.86 55.51 -9.57
C PHE D 95 39.03 56.99 -9.80
N ASN D 96 40.07 57.39 -10.51
CA ASN D 96 40.34 58.79 -10.82
C ASN D 96 39.64 59.28 -12.09
N GLN D 97 38.84 58.43 -12.74
CA GLN D 97 38.03 58.88 -13.85
C GLN D 97 36.92 59.80 -13.35
N PRO D 98 36.38 60.66 -14.21
CA PRO D 98 35.18 61.43 -13.84
C PRO D 98 34.05 60.50 -13.41
N ILE D 99 33.24 60.99 -12.46
CA ILE D 99 32.22 60.15 -11.85
C ILE D 99 31.19 59.69 -12.87
N GLU D 100 30.94 60.49 -13.91
CA GLU D 100 29.96 60.11 -14.92
C GLU D 100 30.40 58.86 -15.68
N ARG D 101 31.69 58.75 -15.99
CA ARG D 101 32.19 57.56 -16.65
C ARG D 101 32.27 56.38 -15.70
N LYS D 102 32.51 56.63 -14.41
CA LYS D 102 32.58 55.55 -13.44
C LYS D 102 31.21 54.94 -13.17
N ARG D 103 30.16 55.74 -13.23
CA ARG D 103 28.80 55.24 -12.96
C ARG D 103 28.28 54.33 -14.06
N LYS D 104 29.01 54.17 -15.16
CA LYS D 104 28.66 53.18 -16.17
C LYS D 104 28.99 51.76 -15.72
N PHE D 105 29.68 51.61 -14.58
CA PHE D 105 30.01 50.31 -14.01
C PHE D 105 29.43 50.16 -12.61
N SER D 106 28.43 50.98 -12.27
CA SER D 106 27.82 50.91 -10.95
C SER D 106 27.16 49.55 -10.73
N ASN D 107 27.08 49.17 -9.46
CA ASN D 107 26.38 47.94 -9.07
C ASN D 107 24.90 48.16 -8.80
N LEU D 108 24.43 49.41 -8.85
CA LEU D 108 23.01 49.73 -8.80
C LEU D 108 22.50 49.77 -10.23
N ILE D 109 21.93 48.64 -10.70
CA ILE D 109 21.51 48.55 -12.09
C ILE D 109 20.41 49.58 -12.36
N ASP D 110 20.60 50.36 -13.42
CA ASP D 110 19.75 51.48 -13.78
C ASP D 110 19.67 52.53 -12.68
N GLY D 111 20.52 52.43 -11.65
CA GLY D 111 20.53 53.36 -10.56
C GLY D 111 19.67 53.00 -9.37
N LYS D 112 19.02 51.84 -9.37
CA LYS D 112 18.06 51.54 -8.31
C LYS D 112 17.82 50.05 -8.11
N ASN D 113 18.57 49.19 -8.79
CA ASN D 113 18.44 47.75 -8.64
C ASN D 113 19.82 47.20 -8.27
N PHE D 114 20.00 46.86 -7.01
CA PHE D 114 21.32 46.50 -6.50
C PHE D 114 21.74 45.11 -6.97
N GLN D 115 23.05 44.96 -7.16
CA GLN D 115 23.70 43.65 -7.26
C GLN D 115 25.11 43.79 -6.71
N VAL D 116 25.75 42.66 -6.48
CA VAL D 116 27.08 42.66 -5.87
C VAL D 116 28.13 43.18 -6.85
N GLU D 117 28.12 42.65 -8.07
CA GLU D 117 29.15 42.98 -9.03
C GLU D 117 28.98 44.40 -9.56
N GLY D 118 30.09 45.14 -9.63
CA GLY D 118 30.10 46.49 -10.13
C GLY D 118 30.80 47.42 -9.16
N TYR D 119 30.75 48.71 -9.48
CA TYR D 119 31.42 49.76 -8.72
C TYR D 119 30.41 50.41 -7.78
N GLY D 120 30.72 50.44 -6.50
CA GLY D 120 29.84 51.05 -5.52
C GLY D 120 30.20 50.67 -4.10
N THR D 121 29.21 50.31 -3.30
CA THR D 121 29.43 49.76 -1.97
C THR D 121 28.57 48.52 -1.79
N ASP D 122 28.63 47.94 -0.59
CA ASP D 122 27.90 46.72 -0.31
C ASP D 122 26.42 47.03 -0.07
N ARG D 123 25.63 45.96 0.01
CA ARG D 123 24.17 46.09 0.06
C ARG D 123 23.72 46.84 1.31
N VAL D 124 22.82 47.80 1.11
CA VAL D 124 22.21 48.56 2.20
C VAL D 124 20.87 47.90 2.50
N VAL D 125 20.81 47.16 3.60
CA VAL D 125 19.62 46.38 3.90
C VAL D 125 18.55 47.24 4.55
N THR D 126 18.91 47.98 5.60
CA THR D 126 17.95 48.79 6.34
C THR D 126 18.33 50.27 6.23
N GLN D 127 17.32 51.13 6.41
CA GLN D 127 17.55 52.57 6.34
C GLN D 127 18.52 53.04 7.41
N ASP D 128 18.54 52.36 8.56
CA ASP D 128 19.41 52.73 9.67
C ASP D 128 20.75 52.00 9.63
N GLN D 129 21.08 51.34 8.52
CA GLN D 129 22.35 50.65 8.39
C GLN D 129 23.47 51.66 8.19
N ILE D 130 24.51 51.56 9.04
CA ILE D 130 25.64 52.47 8.96
C ILE D 130 26.54 52.05 7.80
N LEU D 131 26.97 53.02 7.00
CA LEU D 131 27.74 52.76 5.79
C LEU D 131 29.24 52.89 6.04
N ASP D 132 30.01 52.18 5.25
CA ASP D 132 31.47 52.24 5.33
C ASP D 132 32.00 53.44 4.57
N TRP D 133 33.13 53.96 5.05
CA TRP D 133 33.80 55.11 4.42
C TRP D 133 34.76 54.60 3.36
N SER D 134 34.19 54.05 2.30
CA SER D 134 34.98 53.52 1.18
C SER D 134 34.03 53.10 0.07
N ASP D 135 34.56 53.07 -1.15
CA ASP D 135 33.92 52.44 -2.29
C ASP D 135 34.72 51.20 -2.69
N ARG D 136 34.10 50.32 -3.46
CA ARG D 136 34.83 49.17 -3.99
C ARG D 136 34.29 48.80 -5.36
N LEU D 137 35.19 48.29 -6.20
CA LEU D 137 34.86 47.72 -7.50
C LEU D 137 34.99 46.20 -7.37
N PHE D 138 33.86 45.49 -7.45
CA PHE D 138 33.79 44.07 -7.18
C PHE D 138 33.52 43.34 -8.49
N LEU D 139 34.41 42.42 -8.86
CA LEU D 139 34.33 41.71 -10.13
C LEU D 139 34.57 40.22 -9.93
N ARG D 140 33.84 39.41 -10.69
CA ARG D 140 34.05 37.96 -10.68
C ARG D 140 35.16 37.59 -11.65
N VAL D 141 36.16 36.86 -11.16
CA VAL D 141 37.26 36.40 -11.99
C VAL D 141 37.22 34.90 -12.27
N GLU D 142 36.46 34.12 -11.48
CA GLU D 142 36.35 32.69 -11.69
C GLU D 142 34.91 32.25 -11.47
N PRO D 143 34.39 31.33 -12.29
CA PRO D 143 35.11 30.78 -13.46
C PRO D 143 35.12 31.75 -14.63
N LYS D 144 36.10 31.62 -15.53
CA LYS D 144 36.26 32.58 -16.61
C LYS D 144 35.06 32.63 -17.54
N GLU D 145 34.31 31.52 -17.63
CA GLU D 145 33.13 31.50 -18.48
C GLU D 145 32.00 32.37 -17.95
N GLU D 146 32.03 32.71 -16.66
CA GLU D 146 30.95 33.47 -16.03
C GLU D 146 31.32 34.92 -15.75
N ARG D 147 32.40 35.42 -16.36
CA ARG D 147 32.79 36.81 -16.16
C ARG D 147 31.92 37.72 -17.02
N ASN D 148 31.37 38.77 -16.40
CA ASN D 148 30.55 39.74 -17.11
C ASN D 148 31.42 40.97 -17.36
N LEU D 149 32.11 40.96 -18.51
CA LEU D 149 33.04 42.02 -18.85
C LEU D 149 32.37 43.38 -19.04
N ALA D 150 31.04 43.42 -19.08
CA ALA D 150 30.35 44.71 -19.13
C ALA D 150 30.64 45.56 -17.91
N PHE D 151 30.97 44.93 -16.78
CA PHE D 151 31.31 45.63 -15.55
C PHE D 151 32.82 45.78 -15.36
N TRP D 152 33.63 45.23 -16.25
CA TRP D 152 35.07 45.47 -16.20
C TRP D 152 35.38 46.79 -16.89
N PRO D 153 36.13 47.69 -16.25
CA PRO D 153 36.42 48.98 -16.87
C PRO D 153 37.21 48.83 -18.16
N ASP D 154 36.77 49.54 -19.19
CA ASP D 154 37.47 49.56 -20.46
C ASP D 154 38.47 50.70 -20.57
N HIS D 155 38.40 51.68 -19.68
CA HIS D 155 39.40 52.75 -19.59
C HIS D 155 39.88 52.80 -18.15
N PRO D 156 41.19 52.62 -17.90
CA PRO D 156 42.28 52.38 -18.86
C PRO D 156 42.15 51.05 -19.59
N GLU D 157 42.62 51.02 -20.85
CA GLU D 157 42.33 49.88 -21.73
C GLU D 157 43.04 48.61 -21.29
N SER D 158 44.20 48.74 -20.62
CA SER D 158 44.96 47.57 -20.21
C SER D 158 44.52 47.02 -18.85
N PHE D 159 43.43 47.54 -18.28
CA PHE D 159 42.97 47.02 -16.99
C PHE D 159 42.56 45.56 -17.09
N ARG D 160 41.83 45.22 -18.16
CA ARG D 160 41.29 43.86 -18.27
C ARG D 160 42.40 42.83 -18.41
N ASP D 161 43.38 43.11 -19.26
CA ASP D 161 44.47 42.15 -19.47
C ASP D 161 45.40 42.06 -18.27
N VAL D 162 45.61 43.18 -17.56
CA VAL D 162 46.49 43.16 -16.40
C VAL D 162 45.82 42.47 -15.22
N LEU D 163 44.52 42.72 -15.01
CA LEU D 163 43.79 42.00 -13.98
C LEU D 163 43.76 40.50 -14.30
N ASN D 164 43.46 40.16 -15.56
CA ASN D 164 43.46 38.75 -15.96
C ASN D 164 44.81 38.10 -15.69
N GLU D 165 45.90 38.81 -16.01
CA GLU D 165 47.23 38.23 -15.78
C GLU D 165 47.56 38.17 -14.30
N TYR D 166 47.10 39.13 -13.51
CA TYR D 166 47.33 39.09 -12.08
C TYR D 166 46.55 37.95 -11.42
N ALA D 167 45.36 37.66 -11.93
CA ALA D 167 44.53 36.62 -11.33
C ALA D 167 45.19 35.24 -11.51
N SER D 168 45.75 34.97 -12.68
CA SER D 168 46.37 33.66 -12.90
C SER D 168 47.62 33.49 -12.07
N ARG D 169 48.31 34.58 -11.73
CA ARG D 169 49.48 34.49 -10.86
C ARG D 169 49.08 34.16 -9.43
N THR D 170 47.98 34.75 -8.95
CA THR D 170 47.53 34.49 -7.59
C THR D 170 46.79 33.16 -7.47
N LYS D 171 46.11 32.73 -8.54
CA LYS D 171 45.52 31.39 -8.51
C LYS D 171 46.60 30.32 -8.42
N ARG D 172 47.78 30.58 -8.97
CA ARG D 172 48.91 29.69 -8.76
C ARG D 172 49.39 29.75 -7.32
N ILE D 173 49.47 30.95 -6.76
CA ILE D 173 49.84 31.09 -5.34
C ILE D 173 48.80 30.41 -4.46
N ARG D 174 47.52 30.52 -4.83
CA ARG D 174 46.45 29.84 -4.10
C ARG D 174 46.74 28.35 -3.97
N ASP D 175 47.00 27.69 -5.11
CA ASP D 175 47.23 26.24 -5.09
C ASP D 175 48.49 25.88 -4.31
N ASP D 176 49.50 26.74 -4.30
CA ASP D 176 50.70 26.45 -3.54
C ASP D 176 50.46 26.55 -2.04
N ILE D 177 49.60 27.47 -1.61
CA ILE D 177 49.25 27.55 -0.20
C ILE D 177 48.34 26.39 0.19
N VAL D 178 47.46 25.99 -0.71
CA VAL D 178 46.54 24.87 -0.43
C VAL D 178 47.33 23.58 -0.23
N GLN D 179 48.36 23.35 -1.05
CA GLN D 179 49.15 22.14 -0.93
C GLN D 179 49.88 22.09 0.41
N ALA D 180 50.40 23.23 0.87
CA ALA D 180 51.10 23.27 2.15
C ALA D 180 50.14 23.06 3.32
N MET D 181 48.98 23.73 3.28
CA MET D 181 48.01 23.57 4.36
C MET D 181 47.51 22.13 4.43
N SER D 182 47.36 21.47 3.28
CA SER D 182 46.96 20.06 3.27
C SER D 182 47.97 19.20 4.03
N LYS D 183 49.26 19.49 3.86
CA LYS D 183 50.28 18.74 4.59
C LYS D 183 50.19 19.00 6.09
N LEU D 184 50.01 20.27 6.48
CA LEU D 184 49.85 20.59 7.90
C LEU D 184 48.64 19.89 8.49
N LEU D 185 47.54 19.86 7.75
CA LEU D 185 46.33 19.20 8.22
C LEU D 185 46.37 17.70 8.04
N GLY D 186 47.29 17.18 7.24
CA GLY D 186 47.34 15.75 6.99
C GLY D 186 46.21 15.24 6.13
N LEU D 187 45.58 16.11 5.35
CA LEU D 187 44.48 15.73 4.48
C LEU D 187 44.96 15.50 3.06
N ASP D 188 44.17 14.74 2.32
CA ASP D 188 44.47 14.52 0.91
C ASP D 188 44.39 15.83 0.15
N GLU D 189 45.33 16.01 -0.79
CA GLU D 189 45.43 17.25 -1.54
C GLU D 189 44.12 17.60 -2.24
N ASP D 190 43.41 16.59 -2.76
CA ASP D 190 42.23 16.83 -3.57
C ASP D 190 40.99 17.20 -2.74
N TYR D 191 41.02 17.00 -1.42
CA TYR D 191 39.90 17.44 -0.60
C TYR D 191 39.62 18.92 -0.82
N PHE D 192 40.66 19.74 -0.80
CA PHE D 192 40.50 21.17 -1.07
C PHE D 192 40.35 21.45 -2.55
N PHE D 193 41.12 20.76 -3.40
CA PHE D 193 41.12 21.07 -4.82
C PHE D 193 39.81 20.69 -5.49
N ASP D 194 39.18 19.60 -5.05
CA ASP D 194 37.84 19.27 -5.57
C ASP D 194 36.84 20.36 -5.21
N ARG D 195 36.94 20.90 -3.99
CA ARG D 195 36.05 21.98 -3.58
C ARG D 195 36.41 23.30 -4.25
N LEU D 196 37.63 23.44 -4.75
CA LEU D 196 38.04 24.62 -5.49
C LEU D 196 37.84 24.48 -7.00
N ASN D 197 37.52 23.27 -7.48
CA ASN D 197 37.33 23.03 -8.90
C ASN D 197 36.21 23.88 -9.45
N LYS D 198 36.55 24.82 -10.34
CA LYS D 198 35.59 25.75 -10.94
C LYS D 198 34.82 26.53 -9.89
N ALA D 199 35.45 26.76 -8.74
CA ALA D 199 34.82 27.52 -7.67
C ALA D 199 34.82 29.01 -8.01
N PRO D 200 33.89 29.77 -7.42
CA PRO D 200 33.88 31.22 -7.67
C PRO D 200 35.07 31.91 -7.05
N ALA D 201 35.58 32.92 -7.75
CA ALA D 201 36.64 33.77 -7.23
C ALA D 201 36.39 35.20 -7.71
N PHE D 202 36.83 36.16 -6.90
CA PHE D 202 36.48 37.56 -7.13
C PHE D 202 37.67 38.45 -6.84
N ALA D 203 37.64 39.64 -7.43
CA ALA D 203 38.64 40.68 -7.20
C ALA D 203 37.93 41.88 -6.61
N ARG D 204 38.33 42.27 -5.40
CA ARG D 204 37.74 43.41 -4.70
C ARG D 204 38.78 44.52 -4.64
N PHE D 205 38.60 45.54 -5.47
CA PHE D 205 39.39 46.77 -5.40
C PHE D 205 38.72 47.70 -4.40
N ASN D 206 39.37 47.91 -3.26
CA ASN D 206 38.86 48.83 -2.25
C ASN D 206 39.56 50.19 -2.38
N TYR D 207 38.78 51.26 -2.36
CA TYR D 207 39.31 52.62 -2.30
C TYR D 207 38.81 53.26 -1.02
N TYR D 208 39.73 53.49 -0.07
CA TYR D 208 39.41 54.15 1.17
C TYR D 208 39.79 55.62 1.06
N PRO D 209 38.84 56.52 0.85
CA PRO D 209 39.19 57.94 0.75
C PRO D 209 39.59 58.49 2.10
N PRO D 210 40.26 59.64 2.14
CA PRO D 210 40.49 60.30 3.43
C PRO D 210 39.18 60.71 4.07
N CYS D 211 39.20 60.80 5.40
CA CYS D 211 38.01 61.18 6.14
C CYS D 211 38.31 62.39 7.02
N PRO D 212 37.40 63.37 7.08
CA PRO D 212 37.61 64.51 7.98
C PRO D 212 37.52 64.14 9.45
N ARG D 213 36.80 63.07 9.79
CA ARG D 213 36.66 62.60 11.17
C ARG D 213 36.96 61.11 11.20
N PRO D 214 38.24 60.73 11.18
CA PRO D 214 38.60 59.30 11.15
C PRO D 214 38.16 58.53 12.38
N ASP D 215 37.73 59.22 13.44
CA ASP D 215 37.33 58.57 14.68
C ASP D 215 35.85 58.21 14.73
N LEU D 216 35.09 58.53 13.68
CA LEU D 216 33.65 58.33 13.68
C LEU D 216 33.16 57.31 12.65
N VAL D 217 34.02 56.87 11.73
CA VAL D 217 33.61 56.05 10.60
C VAL D 217 34.50 54.81 10.52
N PHE D 218 34.13 53.89 9.64
CA PHE D 218 34.92 52.73 9.28
C PHE D 218 35.25 52.78 7.81
N GLY D 219 36.51 52.49 7.46
CA GLY D 219 36.85 52.24 6.08
C GLY D 219 36.08 51.03 5.58
N VAL D 220 36.28 49.89 6.25
CA VAL D 220 35.40 48.74 6.16
C VAL D 220 35.12 48.26 7.58
N ARG D 221 33.86 47.91 7.85
CA ARG D 221 33.47 47.52 9.20
C ARG D 221 34.18 46.24 9.60
N PRO D 222 34.21 45.93 10.89
CA PRO D 222 34.72 44.63 11.33
C PRO D 222 33.97 43.51 10.62
N HIS D 223 34.72 42.51 10.18
CA HIS D 223 34.16 41.39 9.45
C HIS D 223 35.21 40.30 9.33
N SER D 224 34.73 39.10 9.05
CA SER D 224 35.58 38.00 8.59
C SER D 224 35.17 37.66 7.16
N ASP D 225 36.13 37.25 6.35
CA ASP D 225 35.81 36.82 5.01
C ASP D 225 35.11 35.46 5.03
N GLY D 226 34.20 35.27 4.07
CA GLY D 226 33.52 34.00 3.92
C GLY D 226 34.17 33.05 2.94
N SER D 227 35.21 33.51 2.25
CA SER D 227 35.90 32.70 1.26
C SER D 227 36.68 31.57 1.95
N LEU D 228 37.40 30.79 1.15
CA LEU D 228 38.35 29.84 1.71
C LEU D 228 39.55 30.59 2.30
N PHE D 229 40.20 31.43 1.49
CA PHE D 229 41.12 32.42 2.01
C PHE D 229 41.25 33.54 0.97
N THR D 230 42.01 34.58 1.34
CA THR D 230 42.07 35.81 0.58
C THR D 230 43.54 36.19 0.38
N ILE D 231 43.83 36.71 -0.81
CA ILE D 231 45.16 37.23 -1.15
C ILE D 231 45.03 38.73 -1.31
N LEU D 232 45.68 39.49 -0.42
CA LEU D 232 45.51 40.93 -0.33
C LEU D 232 46.77 41.64 -0.82
N LEU D 233 46.58 42.66 -1.66
CA LEU D 233 47.65 43.52 -2.15
C LEU D 233 47.28 44.96 -1.87
N VAL D 234 48.22 45.74 -1.32
CA VAL D 234 47.97 47.12 -0.93
C VAL D 234 49.05 48.01 -1.53
N ASP D 235 48.63 49.16 -2.06
CA ASP D 235 49.54 50.11 -2.69
C ASP D 235 50.09 51.06 -1.63
N GLU D 236 51.34 50.83 -1.23
CA GLU D 236 52.06 51.67 -0.28
C GLU D 236 51.23 51.88 1.00
N ASP D 237 51.16 50.81 1.78
CA ASP D 237 50.30 50.78 2.95
C ASP D 237 50.86 51.70 4.03
N VAL D 238 50.22 52.85 4.21
CA VAL D 238 50.58 53.73 5.33
C VAL D 238 49.95 53.28 6.64
N GLY D 239 48.88 52.48 6.56
CA GLY D 239 48.19 52.00 7.75
C GLY D 239 46.69 52.01 7.58
N GLY D 240 45.99 51.36 8.50
CA GLY D 240 44.54 51.33 8.46
C GLY D 240 43.94 49.97 8.75
N LEU D 241 44.60 48.91 8.26
CA LEU D 241 44.09 47.56 8.45
C LEU D 241 44.37 47.09 9.87
N GLN D 242 43.32 46.66 10.56
CA GLN D 242 43.43 46.15 11.92
C GLN D 242 42.82 44.77 12.00
N ILE D 243 43.56 43.82 12.58
CA ILE D 243 43.12 42.45 12.72
C ILE D 243 42.89 42.17 14.20
N GLN D 244 41.89 41.33 14.48
CA GLN D 244 41.46 41.04 15.84
C GLN D 244 41.80 39.61 16.21
N ARG D 245 42.38 39.44 17.40
CA ARG D 245 42.53 38.13 18.01
C ARG D 245 42.17 38.25 19.48
N ASP D 246 41.51 37.22 20.01
CA ASP D 246 41.02 37.16 21.39
C ASP D 246 40.25 38.42 21.78
N GLY D 247 39.74 39.16 20.80
CA GLY D 247 39.02 40.39 21.04
C GLY D 247 39.85 41.65 20.92
N LYS D 248 41.17 41.53 21.01
CA LYS D 248 42.06 42.68 20.97
C LYS D 248 42.41 43.03 19.53
N TRP D 249 42.45 44.32 19.23
CA TRP D 249 42.73 44.81 17.89
C TRP D 249 44.21 45.14 17.74
N TYR D 250 44.78 44.73 16.60
CA TYR D 250 46.19 44.93 16.33
C TYR D 250 46.36 45.56 14.96
N ASN D 251 47.23 46.57 14.89
CA ASN D 251 47.57 47.19 13.62
C ASN D 251 48.47 46.26 12.81
N VAL D 252 48.11 46.03 11.55
CA VAL D 252 48.92 45.22 10.64
C VAL D 252 49.11 46.01 9.36
N GLN D 253 50.36 46.08 8.90
CA GLN D 253 50.72 46.86 7.72
C GLN D 253 51.42 45.93 6.74
N VAL D 254 50.72 45.59 5.65
CA VAL D 254 51.30 44.74 4.62
C VAL D 254 52.30 45.57 3.83
N THR D 255 53.57 45.19 3.92
CA THR D 255 54.65 45.99 3.35
C THR D 255 54.60 45.97 1.83
N PRO D 256 55.14 47.00 1.17
CA PRO D 256 55.12 47.03 -0.29
C PRO D 256 55.89 45.85 -0.89
N ASN D 257 55.39 45.37 -2.02
CA ASN D 257 55.89 44.22 -2.78
C ASN D 257 55.58 42.88 -2.12
N THR D 258 54.79 42.87 -1.05
CA THR D 258 54.40 41.64 -0.39
C THR D 258 52.89 41.45 -0.47
N LEU D 259 52.46 40.22 -0.29
CA LEU D 259 51.06 39.85 -0.29
C LEU D 259 50.64 39.40 1.11
N LEU D 260 49.40 39.69 1.46
CA LEU D 260 48.83 39.28 2.74
C LEU D 260 47.82 38.17 2.46
N ILE D 261 48.00 37.03 3.14
CA ILE D 261 47.09 35.90 3.05
C ILE D 261 46.38 35.77 4.39
N ASN D 262 45.07 35.94 4.39
CA ASN D 262 44.26 35.73 5.58
C ASN D 262 43.18 34.70 5.26
N LEU D 263 42.87 33.85 6.23
CA LEU D 263 41.89 32.80 6.02
C LEU D 263 40.48 33.37 6.10
N GLY D 264 39.54 32.66 5.47
CA GLY D 264 38.14 32.99 5.51
C GLY D 264 37.35 31.99 6.34
N ASP D 265 36.06 32.30 6.50
CA ASP D 265 35.21 31.51 7.39
C ASP D 265 35.00 30.09 6.88
N THR D 266 34.98 29.89 5.56
CA THR D 266 34.81 28.55 5.02
C THR D 266 35.94 27.64 5.47
N MET D 267 37.19 28.13 5.43
CA MET D 267 38.33 27.31 5.82
C MET D 267 38.26 26.89 7.28
N GLU D 268 37.88 27.83 8.17
CA GLU D 268 37.80 27.50 9.59
C GLU D 268 36.83 26.35 9.83
N VAL D 269 35.70 26.34 9.11
CA VAL D 269 34.73 25.26 9.28
C VAL D 269 35.28 23.96 8.73
N LEU D 270 35.95 24.02 7.57
CA LEU D 270 36.47 22.80 6.96
C LEU D 270 37.58 22.18 7.80
N CYS D 271 38.45 23.01 8.39
CA CYS D 271 39.56 22.53 9.19
C CYS D 271 39.20 22.37 10.66
N ASN D 272 37.91 22.38 11.00
CA ASN D 272 37.43 22.09 12.35
C ASN D 272 38.03 23.03 13.40
N GLY D 273 38.40 24.25 12.99
CA GLY D 273 38.91 25.22 13.92
C GLY D 273 40.33 25.01 14.36
N ILE D 274 41.09 24.14 13.68
CA ILE D 274 42.53 24.08 13.93
C ILE D 274 43.17 25.40 13.54
N PHE D 275 42.73 25.96 12.43
CA PHE D 275 43.07 27.31 12.00
C PHE D 275 41.87 28.21 12.23
N ARG D 276 42.11 29.52 12.28
CA ARG D 276 41.08 30.48 12.61
C ARG D 276 40.91 31.51 11.50
N SER D 277 39.69 32.01 11.36
CA SER D 277 39.37 33.04 10.39
C SER D 277 39.35 34.39 11.08
N PRO D 278 40.35 35.25 10.88
CA PRO D 278 40.46 36.46 11.69
C PRO D 278 39.46 37.54 11.26
N VAL D 279 38.81 38.13 12.25
CA VAL D 279 38.01 39.33 12.03
C VAL D 279 38.93 40.52 11.84
N HIS D 280 38.59 41.41 10.90
CA HIS D 280 39.44 42.55 10.61
C HIS D 280 38.60 43.73 10.16
N ARG D 281 39.26 44.89 10.10
CA ARG D 281 38.61 46.14 9.74
C ARG D 281 39.67 47.09 9.20
N VAL D 282 39.21 48.18 8.58
CA VAL D 282 40.08 49.24 8.10
C VAL D 282 39.61 50.56 8.69
N VAL D 283 40.53 51.26 9.33
CA VAL D 283 40.25 52.61 9.84
C VAL D 283 40.81 53.62 8.86
N THR D 284 40.12 54.75 8.72
CA THR D 284 40.52 55.79 7.80
C THR D 284 41.51 56.74 8.47
N ASN D 285 42.03 57.68 7.68
CA ASN D 285 42.81 58.79 8.19
C ASN D 285 42.49 60.02 7.36
N ALA D 286 42.88 61.18 7.88
CA ALA D 286 42.56 62.46 7.24
C ALA D 286 43.59 62.88 6.20
N GLU D 287 44.71 62.17 6.09
CA GLU D 287 45.81 62.64 5.25
C GLU D 287 45.70 62.13 3.81
N ARG D 288 45.70 60.81 3.63
CA ARG D 288 45.83 60.23 2.31
C ARG D 288 44.82 59.10 2.11
N GLU D 289 44.59 58.77 0.84
CA GLU D 289 43.73 57.66 0.46
C GLU D 289 44.52 56.36 0.47
N ARG D 290 43.78 55.24 0.46
CA ARG D 290 44.37 53.92 0.54
C ARG D 290 43.68 53.01 -0.47
N ILE D 291 44.48 52.25 -1.21
CA ILE D 291 43.96 51.35 -2.25
C ILE D 291 44.47 49.94 -1.97
N SER D 292 43.55 48.97 -1.97
CA SER D 292 43.90 47.57 -1.81
C SER D 292 43.13 46.73 -2.82
N LEU D 293 43.72 45.60 -3.20
CA LEU D 293 43.08 44.60 -4.04
C LEU D 293 43.07 43.29 -3.28
N ALA D 294 41.88 42.73 -3.06
CA ALA D 294 41.73 41.46 -2.37
C ALA D 294 41.20 40.42 -3.35
N MET D 295 41.91 39.30 -3.46
CA MET D 295 41.48 38.18 -4.29
C MET D 295 40.82 37.14 -3.38
N LEU D 296 39.51 36.98 -3.53
CA LEU D 296 38.72 36.12 -2.65
C LEU D 296 38.39 34.82 -3.35
N TYR D 297 38.65 33.70 -2.66
CA TYR D 297 38.53 32.37 -3.26
C TYR D 297 37.50 31.54 -2.48
N SER D 298 36.35 31.29 -3.11
CA SER D 298 35.30 30.51 -2.51
C SER D 298 35.47 29.03 -2.85
N VAL D 299 34.58 28.20 -2.31
CA VAL D 299 34.44 26.82 -2.71
C VAL D 299 33.18 26.71 -3.56
N ASN D 300 33.08 25.63 -4.34
CA ASN D 300 31.90 25.44 -5.16
C ASN D 300 30.77 24.86 -4.33
N ASP D 301 29.62 24.65 -4.97
CA ASP D 301 28.41 24.19 -4.30
C ASP D 301 28.17 22.70 -4.48
N GLU D 302 29.23 21.90 -4.59
CA GLU D 302 29.07 20.46 -4.79
C GLU D 302 28.99 19.67 -3.50
N LYS D 303 29.68 20.11 -2.44
CA LYS D 303 29.68 19.42 -1.16
C LYS D 303 29.34 20.39 -0.05
N ASP D 304 28.71 19.88 1.00
CA ASP D 304 28.26 20.73 2.09
C ASP D 304 29.45 21.26 2.90
N ILE D 305 29.19 22.32 3.64
CA ILE D 305 30.22 22.99 4.45
C ILE D 305 30.23 22.35 5.83
N GLY D 306 31.33 21.70 6.17
CA GLY D 306 31.47 21.05 7.44
C GLY D 306 32.89 20.58 7.67
N PRO D 307 33.22 20.23 8.92
CA PRO D 307 34.57 19.73 9.20
C PRO D 307 34.89 18.49 8.38
N ALA D 308 36.11 18.46 7.84
CA ALA D 308 36.53 17.34 7.01
C ALA D 308 36.53 16.04 7.81
N ALA D 309 36.13 14.95 7.17
CA ALA D 309 36.05 13.66 7.84
C ALA D 309 37.43 13.18 8.28
N GLY D 310 38.45 13.42 7.47
CA GLY D 310 39.81 13.00 7.80
C GLY D 310 40.35 13.66 9.06
N LEU D 311 39.72 14.74 9.52
CA LEU D 311 40.12 15.39 10.76
C LEU D 311 39.30 14.93 11.96
N LEU D 312 38.18 14.24 11.74
CA LEU D 312 37.29 13.86 12.84
C LEU D 312 37.58 12.43 13.28
N ASP D 313 38.71 12.28 13.96
CA ASP D 313 39.03 11.02 14.61
C ASP D 313 38.37 11.02 15.98
N GLU D 314 38.64 9.99 16.79
CA GLU D 314 37.95 9.86 18.07
C GLU D 314 38.43 10.93 19.06
N ASN D 315 39.66 11.41 18.93
CA ASN D 315 40.20 12.37 19.88
C ASN D 315 39.75 13.80 19.62
N ARG D 316 39.19 14.09 18.44
CA ARG D 316 38.75 15.45 18.10
C ARG D 316 37.51 15.36 17.25
N PRO D 317 36.34 15.34 17.87
CA PRO D 317 35.08 15.28 17.11
C PRO D 317 34.74 16.64 16.50
N ALA D 318 33.62 16.68 15.80
CA ALA D 318 33.21 17.89 15.09
C ALA D 318 32.95 19.02 16.09
N ARG D 319 33.56 20.18 15.82
CA ARG D 319 33.29 21.38 16.59
C ARG D 319 32.30 22.31 15.91
N TYR D 320 31.96 22.05 14.65
CA TYR D 320 31.01 22.85 13.90
C TYR D 320 29.93 21.97 13.30
N ARG D 321 28.73 22.53 13.17
CA ARG D 321 27.65 21.87 12.45
C ARG D 321 27.95 21.84 10.96
N LYS D 322 27.67 20.70 10.32
CA LYS D 322 27.73 20.64 8.86
C LYS D 322 26.47 21.28 8.30
N VAL D 323 26.64 22.23 7.39
CA VAL D 323 25.55 23.03 6.86
C VAL D 323 25.56 22.95 5.35
N SER D 324 24.38 23.12 4.76
CA SER D 324 24.27 23.23 3.31
C SER D 324 24.99 24.48 2.81
N VAL D 325 25.42 24.44 1.55
CA VAL D 325 26.14 25.57 0.99
C VAL D 325 25.21 26.76 0.81
N GLY D 326 23.99 26.52 0.33
CA GLY D 326 23.02 27.61 0.24
C GLY D 326 22.76 28.26 1.57
N GLU D 327 22.53 27.45 2.61
CA GLU D 327 22.36 27.99 3.96
C GLU D 327 23.61 28.74 4.40
N PHE D 328 24.79 28.22 4.07
CA PHE D 328 26.03 28.87 4.49
C PHE D 328 26.24 30.19 3.79
N ARG D 329 25.96 30.25 2.49
CA ARG D 329 26.21 31.48 1.74
C ARG D 329 25.26 32.59 2.15
N ALA D 330 24.01 32.24 2.47
CA ALA D 330 23.05 33.25 2.89
C ALA D 330 23.38 33.82 4.27
N GLY D 331 24.06 33.03 5.11
CA GLY D 331 24.47 33.48 6.42
C GLY D 331 25.65 34.42 6.36
N ILE D 332 26.61 34.12 5.48
CA ILE D 332 27.75 35.00 5.28
C ILE D 332 27.29 36.33 4.69
N PHE D 333 26.33 36.29 3.76
CA PHE D 333 25.91 37.51 3.07
C PHE D 333 25.07 38.40 3.95
N GLY D 334 24.24 37.81 4.81
CA GLY D 334 23.34 38.60 5.63
C GLY D 334 23.99 39.19 6.86
N LYS D 335 24.96 38.48 7.46
CA LYS D 335 25.59 38.93 8.68
C LYS D 335 26.76 39.87 8.44
N PHE D 336 27.05 40.22 7.19
CA PHE D 336 28.13 41.15 6.91
C PHE D 336 27.78 42.56 7.37
N SER D 337 26.54 42.99 7.13
CA SER D 337 26.09 44.31 7.57
C SER D 337 25.65 44.32 9.02
N ARG D 338 25.55 43.15 9.67
CA ARG D 338 25.11 43.05 11.05
C ARG D 338 26.30 42.83 11.98
N ARG D 339 26.05 43.03 13.27
CA ARG D 339 27.11 42.86 14.26
C ARG D 339 27.42 41.39 14.54
N GLU D 340 26.44 40.51 14.39
CA GLU D 340 26.65 39.10 14.68
C GLU D 340 27.60 38.49 13.66
N ARG D 341 28.39 37.53 14.12
CA ARG D 341 29.25 36.73 13.24
C ARG D 341 28.55 35.41 12.96
N TYR D 342 28.33 35.11 11.68
CA TYR D 342 27.52 33.95 11.32
C TYR D 342 28.17 32.64 11.74
N ILE D 343 29.51 32.57 11.70
CA ILE D 343 30.20 31.31 11.99
C ILE D 343 30.02 30.90 13.45
N ASP D 344 29.73 31.84 14.34
CA ASP D 344 29.53 31.49 15.75
C ASP D 344 28.31 30.60 15.93
N SER D 345 27.25 30.83 15.14
CA SER D 345 26.04 30.03 15.24
C SER D 345 26.24 28.59 14.78
N LEU D 346 27.36 28.27 14.14
CA LEU D 346 27.63 26.92 13.69
C LEU D 346 28.39 26.08 14.70
N LYS D 347 28.87 26.69 15.78
CA LYS D 347 29.71 25.99 16.74
C LYS D 347 28.86 25.09 17.62
N ILE D 348 29.27 23.83 17.73
CA ILE D 348 28.58 22.87 18.58
C ILE D 348 29.51 22.41 19.70
C01 Y8R E . -34.77 -44.61 13.84
C02 Y8R E . -33.60 -45.48 13.54
C03 Y8R E . -32.47 -45.07 14.44
C04 Y8R E . -32.01 -43.71 14.06
C05 Y8R E . -33.04 -42.70 13.57
C06 Y8R E . -34.47 -43.12 13.92
C09 Y8R E . -32.64 -41.24 13.88
C10 Y8R E . -31.72 -40.51 12.91
O07 Y8R E . -34.92 -42.68 15.20
O11 Y8R E . -31.28 -43.24 15.14
O12 Y8R E . -33.80 -40.51 13.92
CO CO F . -38.03 -44.75 11.67
C1 AKG G . -36.05 -46.50 10.45
O1 AKG G . -35.03 -47.08 9.98
O2 AKG G . -35.91 -45.51 11.21
C2 AKG G . -37.44 -47.02 10.10
O5 AKG G . -38.35 -46.84 10.85
C3 AKG G . -37.67 -47.78 8.80
C4 AKG G . -39.15 -48.14 8.68
C5 AKG G . -39.31 -49.46 7.91
O3 AKG G . -40.29 -49.61 7.14
O4 AKG G . -38.46 -50.38 8.06
C01 Y8R H . 3.51 -22.09 -6.19
C02 Y8R H . 4.38 -21.86 -4.98
C03 Y8R H . 5.28 -23.08 -4.81
C04 Y8R H . 4.33 -24.11 -4.25
C05 Y8R H . 3.23 -24.47 -5.25
C06 Y8R H . 2.91 -23.48 -6.36
C09 Y8R H . 1.90 -24.88 -4.64
C10 Y8R H . 2.02 -25.79 -3.42
O07 Y8R H . 3.46 -24.02 -7.52
O11 Y8R H . 5.02 -25.25 -3.92
O12 Y8R H . 1.29 -25.53 -5.67
CO CO I . 1.69 -18.61 -6.43
C1 AKG J . 2.38 -18.21 -3.54
O1 AKG J . 1.96 -19.24 -4.15
O2 AKG J . 2.85 -18.32 -2.38
C2 AKG J . 2.34 -16.84 -4.22
O5 AKG J . 2.23 -16.75 -5.40
C3 AKG J . 2.42 -15.58 -3.37
C4 AKG J . 1.67 -14.45 -4.08
C5 AKG J . 1.79 -13.19 -3.21
O3 AKG J . 2.55 -13.20 -2.21
O4 AKG J . 1.13 -12.16 -3.50
C01 Y8R K . -3.65 25.20 -11.12
C02 Y8R K . -5.13 25.51 -11.18
C03 Y8R K . -5.35 26.81 -11.89
C04 Y8R K . -4.94 27.72 -10.78
C05 Y8R K . -3.41 27.73 -10.62
C06 Y8R K . -2.73 26.38 -10.87
C09 Y8R K . -2.97 28.08 -9.24
C10 Y8R K . -3.68 29.24 -8.54
O07 Y8R K . -2.11 26.59 -12.11
O11 Y8R K . -5.52 28.92 -11.14
O12 Y8R K . -1.65 28.33 -9.35
CO CO L . -1.91 22.04 -9.77
C1 AKG M . -4.76 21.82 -8.86
O1 AKG M . -5.95 21.95 -8.49
O2 AKG M . -4.11 22.82 -9.25
C2 AKG M . -4.10 20.45 -8.85
O5 AKG M . -3.11 20.24 -9.49
C3 AKG M . -4.68 19.32 -8.02
C4 AKG M . -4.01 18.01 -8.43
C5 AKG M . -4.88 16.85 -7.99
O3 AKG M . -4.35 15.81 -7.54
O4 AKG M . -6.13 16.93 -8.07
C01 Y8R N . 34.07 40.63 3.50
C02 Y8R N . 33.81 41.64 2.42
C03 Y8R N . 32.43 41.39 1.84
C04 Y8R N . 32.66 40.17 0.99
C05 Y8R N . 33.08 38.94 1.82
C06 Y8R N . 33.66 39.20 3.20
C09 Y8R N . 33.97 37.95 1.14
C10 Y8R N . 33.61 37.66 -0.32
O07 Y8R N . 32.65 38.87 4.10
O11 Y8R N . 31.53 39.87 0.28
O12 Y8R N . 33.81 36.83 1.90
CO CO O . 38.14 41.28 4.43
C1 AKG P . 38.26 42.93 1.97
O1 AKG P . 37.58 41.87 2.10
O2 AKG P . 38.27 43.55 0.88
C2 AKG P . 39.10 43.48 3.14
O5 AKG P . 39.14 42.89 4.17
C3 AKG P . 39.87 44.77 2.98
C4 AKG P . 41.31 44.61 3.48
C5 AKG P . 42.07 45.91 3.21
O3 AKG P . 41.58 46.77 2.44
O4 AKG P . 43.19 46.12 3.75
#